data_2JR6
#
_entry.id   2JR6
#
_entity_poly.entity_id   1
_entity_poly.type   'polypeptide(L)'
_entity_poly.pdbx_seq_one_letter_code
;MEKKFLDILVCPVTKGRLEYHQDKQELWSRQAKLAYPIKDGIPYMLENEARPLSEEELKALEHHHHHH
;
_entity_poly.pdbx_strand_id   A
#
# COMPACT_ATOMS: atom_id res chain seq x y z
N MET A 1 2.39 13.87 17.29
CA MET A 1 1.03 13.26 17.28
C MET A 1 0.47 13.18 15.86
N GLU A 2 1.30 13.50 14.86
CA GLU A 2 0.82 13.54 13.49
C GLU A 2 0.76 12.14 12.87
N LYS A 3 -0.21 11.38 13.35
CA LYS A 3 -0.59 10.13 12.72
C LYS A 3 -2.10 10.06 12.73
N LYS A 4 -2.67 9.26 11.84
CA LYS A 4 -4.09 9.27 11.57
C LYS A 4 -4.53 10.60 10.96
N PHE A 5 -3.56 11.40 10.53
CA PHE A 5 -3.83 12.61 9.76
C PHE A 5 -3.55 12.34 8.29
N LEU A 6 -2.27 12.21 7.95
CA LEU A 6 -1.87 11.75 6.63
C LEU A 6 -1.79 10.23 6.63
N ASP A 7 -1.88 9.68 7.84
CA ASP A 7 -1.76 8.25 8.04
C ASP A 7 -3.14 7.63 8.17
N ILE A 8 -3.90 7.77 7.09
CA ILE A 8 -5.24 7.19 7.00
C ILE A 8 -5.43 6.52 5.65
N LEU A 9 -4.33 6.07 5.07
CA LEU A 9 -4.37 5.45 3.75
C LEU A 9 -4.96 4.06 3.82
N VAL A 10 -6.05 3.87 3.09
CA VAL A 10 -6.73 2.58 3.04
C VAL A 10 -7.08 2.23 1.60
N CYS A 11 -7.35 0.95 1.35
CA CYS A 11 -7.74 0.49 0.03
C CYS A 11 -9.13 1.02 -0.32
N PRO A 12 -9.40 1.29 -1.61
CA PRO A 12 -10.69 1.82 -2.06
C PRO A 12 -11.82 0.80 -1.95
N VAL A 13 -11.47 -0.49 -1.99
CA VAL A 13 -12.46 -1.55 -1.95
C VAL A 13 -12.49 -2.23 -0.58
N THR A 14 -11.40 -2.89 -0.22
CA THR A 14 -11.33 -3.62 1.03
C THR A 14 -11.21 -2.68 2.22
N LYS A 15 -10.70 -1.47 1.95
CA LYS A 15 -10.57 -0.42 2.96
C LYS A 15 -9.70 -0.87 4.13
N GLY A 16 -8.79 -1.80 3.86
CA GLY A 16 -7.84 -2.22 4.86
C GLY A 16 -6.65 -1.28 4.94
N ARG A 17 -5.80 -1.48 5.94
CA ARG A 17 -4.67 -0.59 6.16
C ARG A 17 -3.59 -0.74 5.10
N LEU A 18 -2.86 0.34 4.89
CA LEU A 18 -1.78 0.38 3.92
C LEU A 18 -0.55 1.03 4.54
N GLU A 19 0.62 0.48 4.25
CA GLU A 19 1.87 1.10 4.63
C GLU A 19 2.75 1.28 3.41
N TYR A 20 3.18 2.51 3.18
CA TYR A 20 3.93 2.87 1.99
C TYR A 20 5.43 2.71 2.23
N HIS A 21 6.15 2.42 1.17
CA HIS A 21 7.60 2.40 1.23
C HIS A 21 8.15 3.26 0.10
N GLN A 22 9.15 4.08 0.40
CA GLN A 22 9.72 5.01 -0.56
C GLN A 22 10.48 4.28 -1.67
N ASP A 23 11.25 5.06 -2.44
CA ASP A 23 12.02 4.56 -3.58
C ASP A 23 11.11 4.25 -4.77
N LYS A 24 10.12 3.40 -4.57
CA LYS A 24 9.15 3.09 -5.61
C LYS A 24 7.80 3.73 -5.31
N GLN A 25 7.66 4.23 -4.07
CA GLN A 25 6.42 4.86 -3.60
C GLN A 25 5.22 3.92 -3.80
N GLU A 26 5.41 2.67 -3.40
CA GLU A 26 4.37 1.65 -3.59
C GLU A 26 3.57 1.41 -2.30
N LEU A 27 2.27 1.21 -2.47
CA LEU A 27 1.38 0.82 -1.37
C LEU A 27 1.13 -0.68 -1.45
N TRP A 28 1.41 -1.40 -0.37
CA TRP A 28 1.25 -2.86 -0.37
C TRP A 28 0.01 -3.27 0.40
N SER A 29 -0.80 -4.14 -0.20
CA SER A 29 -2.02 -4.63 0.42
C SER A 29 -2.13 -6.14 0.26
N ARG A 30 -2.18 -6.86 1.37
CA ARG A 30 -2.36 -8.31 1.34
C ARG A 30 -3.86 -8.62 1.25
N GLN A 31 -4.66 -7.71 1.78
CA GLN A 31 -6.09 -7.83 1.79
C GLN A 31 -6.68 -7.70 0.38
N ALA A 32 -5.91 -7.16 -0.55
CA ALA A 32 -6.35 -7.02 -1.93
C ALA A 32 -5.40 -7.76 -2.87
N LYS A 33 -4.26 -8.17 -2.32
CA LYS A 33 -3.22 -8.87 -3.09
C LYS A 33 -2.69 -7.98 -4.22
N LEU A 34 -2.75 -6.67 -4.01
CA LEU A 34 -2.33 -5.71 -5.01
C LEU A 34 -1.36 -4.71 -4.42
N ALA A 35 -0.82 -3.88 -5.30
CA ALA A 35 0.07 -2.79 -4.92
C ALA A 35 -0.29 -1.56 -5.73
N TYR A 36 -0.42 -0.43 -5.05
CA TYR A 36 -0.81 0.80 -5.72
C TYR A 36 0.38 1.75 -5.83
N PRO A 37 0.49 2.47 -6.95
CA PRO A 37 1.54 3.45 -7.14
C PRO A 37 1.16 4.84 -6.64
N ILE A 38 2.11 5.53 -6.03
CA ILE A 38 1.90 6.89 -5.57
C ILE A 38 2.71 7.85 -6.42
N LYS A 39 2.04 8.84 -7.01
CA LYS A 39 2.73 9.85 -7.79
C LYS A 39 2.81 11.15 -6.99
N ASP A 40 3.83 11.24 -6.13
CA ASP A 40 4.13 12.44 -5.34
C ASP A 40 2.95 12.82 -4.43
N GLY A 41 2.13 11.85 -4.09
CA GLY A 41 0.98 12.11 -3.24
C GLY A 41 -0.33 11.81 -3.94
N ILE A 42 -0.24 11.41 -5.20
CA ILE A 42 -1.41 11.03 -5.98
C ILE A 42 -1.49 9.51 -6.15
N PRO A 43 -2.18 8.82 -5.22
CA PRO A 43 -2.35 7.37 -5.30
C PRO A 43 -3.16 6.95 -6.53
N TYR A 44 -2.64 6.03 -7.30
CA TYR A 44 -3.34 5.54 -8.48
C TYR A 44 -3.90 4.15 -8.24
N MET A 45 -5.03 4.10 -7.55
CA MET A 45 -5.74 2.85 -7.29
C MET A 45 -6.60 2.45 -8.49
N LEU A 46 -6.12 2.76 -9.68
CA LEU A 46 -6.86 2.53 -10.90
C LEU A 46 -6.53 1.16 -11.47
N GLU A 47 -7.52 0.55 -12.12
CA GLU A 47 -7.40 -0.82 -12.63
C GLU A 47 -6.14 -1.01 -13.49
N ASN A 48 -5.87 -0.04 -14.34
CA ASN A 48 -4.79 -0.14 -15.31
C ASN A 48 -3.42 0.00 -14.65
N GLU A 49 -3.37 0.79 -13.59
CA GLU A 49 -2.08 1.14 -12.98
C GLU A 49 -1.82 0.33 -11.72
N ALA A 50 -2.85 -0.28 -11.17
CA ALA A 50 -2.70 -1.13 -9.99
C ALA A 50 -2.18 -2.50 -10.39
N ARG A 51 -1.10 -2.93 -9.77
CA ARG A 51 -0.47 -4.18 -10.11
C ARG A 51 -0.61 -5.17 -8.96
N PRO A 52 -0.70 -6.46 -9.26
CA PRO A 52 -0.77 -7.51 -8.23
C PRO A 52 0.58 -7.78 -7.58
N LEU A 53 0.54 -8.36 -6.39
CA LEU A 53 1.73 -8.72 -5.68
C LEU A 53 2.03 -10.19 -5.87
N SER A 54 3.29 -10.55 -5.72
CA SER A 54 3.68 -11.93 -5.79
C SER A 54 3.52 -12.58 -4.42
N GLU A 55 3.58 -13.90 -4.40
CA GLU A 55 3.41 -14.66 -3.18
C GLU A 55 4.45 -14.27 -2.15
N GLU A 56 5.69 -14.13 -2.60
CA GLU A 56 6.78 -13.67 -1.77
C GLU A 56 6.41 -12.38 -1.06
N GLU A 57 6.00 -11.39 -1.84
CA GLU A 57 5.58 -10.10 -1.33
C GLU A 57 4.40 -10.23 -0.36
N LEU A 58 3.39 -10.96 -0.80
CA LEU A 58 2.24 -11.30 0.04
C LEU A 58 2.67 -11.90 1.38
N LYS A 59 3.59 -12.84 1.32
CA LYS A 59 4.10 -13.51 2.51
C LYS A 59 4.91 -12.57 3.38
N ALA A 60 5.47 -11.54 2.77
CA ALA A 60 6.27 -10.56 3.50
C ALA A 60 5.39 -9.48 4.12
N LEU A 61 4.11 -9.77 4.17
CA LEU A 61 3.13 -8.85 4.74
C LEU A 61 2.58 -9.44 6.03
N GLU A 62 3.34 -10.37 6.59
CA GLU A 62 3.02 -10.98 7.87
C GLU A 62 3.20 -9.97 9.00
N HIS A 63 4.02 -8.96 8.73
CA HIS A 63 4.32 -7.93 9.70
C HIS A 63 4.67 -6.63 8.98
N HIS A 64 4.84 -5.56 9.73
CA HIS A 64 5.24 -4.28 9.16
C HIS A 64 6.59 -4.40 8.48
N HIS A 65 6.69 -3.89 7.27
CA HIS A 65 7.94 -3.99 6.50
C HIS A 65 8.61 -2.63 6.39
N HIS A 66 9.81 -2.53 6.96
CA HIS A 66 10.60 -1.30 6.95
C HIS A 66 9.88 -0.20 7.73
N HIS A 67 9.07 -0.60 8.70
CA HIS A 67 8.39 0.37 9.56
C HIS A 67 9.34 0.78 10.69
N HIS A 68 10.33 -0.07 10.92
CA HIS A 68 11.38 0.22 11.87
C HIS A 68 12.74 -0.09 11.24
N MET A 1 -3.80 23.51 14.58
CA MET A 1 -3.02 22.56 13.77
C MET A 1 -3.74 21.23 13.69
N GLU A 2 -3.69 20.59 12.52
CA GLU A 2 -4.37 19.32 12.33
C GLU A 2 -3.51 18.37 11.49
N LYS A 3 -2.86 17.41 12.16
CA LYS A 3 -2.10 16.37 11.48
C LYS A 3 -2.98 15.14 11.32
N LYS A 4 -4.00 15.28 10.50
CA LYS A 4 -5.05 14.27 10.43
C LYS A 4 -5.37 13.94 8.97
N PHE A 5 -4.33 13.81 8.16
CA PHE A 5 -4.52 13.45 6.76
C PHE A 5 -3.77 12.15 6.42
N LEU A 6 -2.50 12.08 6.80
CA LEU A 6 -1.65 10.96 6.41
C LEU A 6 -2.04 9.68 7.14
N ASP A 7 -2.63 9.84 8.32
CA ASP A 7 -3.11 8.70 9.10
C ASP A 7 -4.42 8.19 8.53
N ILE A 8 -5.11 9.07 7.82
CA ILE A 8 -6.43 8.79 7.31
C ILE A 8 -6.35 8.32 5.85
N LEU A 9 -5.13 8.11 5.38
CA LEU A 9 -4.91 7.57 4.04
C LEU A 9 -5.28 6.10 4.02
N VAL A 10 -6.37 5.80 3.33
CA VAL A 10 -6.91 4.46 3.29
C VAL A 10 -7.02 3.94 1.88
N CYS A 11 -6.95 2.62 1.74
CA CYS A 11 -7.12 1.97 0.45
C CYS A 11 -8.57 2.09 -0.02
N PRO A 12 -8.80 2.23 -1.32
CA PRO A 12 -10.16 2.33 -1.87
C PRO A 12 -10.99 1.08 -1.58
N VAL A 13 -10.38 -0.08 -1.77
CA VAL A 13 -11.06 -1.36 -1.58
C VAL A 13 -10.90 -1.88 -0.15
N THR A 14 -9.70 -1.73 0.38
CA THR A 14 -9.37 -2.31 1.68
C THR A 14 -9.75 -1.39 2.84
N LYS A 15 -9.93 -0.10 2.53
CA LYS A 15 -10.19 0.95 3.54
C LYS A 15 -9.27 0.82 4.76
N GLY A 16 -8.03 0.40 4.51
CA GLY A 16 -7.03 0.32 5.55
C GLY A 16 -5.88 1.25 5.26
N ARG A 17 -4.97 1.41 6.22
CA ARG A 17 -3.88 2.32 6.12
C ARG A 17 -2.92 1.96 4.98
N LEU A 18 -2.38 2.98 4.36
CA LEU A 18 -1.44 2.83 3.25
C LEU A 18 -0.01 2.89 3.75
N GLU A 19 0.73 1.80 3.56
CA GLU A 19 2.12 1.75 3.95
C GLU A 19 3.01 2.14 2.78
N TYR A 20 4.10 2.84 3.06
CA TYR A 20 4.95 3.38 2.02
C TYR A 20 5.99 2.37 1.55
N HIS A 21 5.94 2.06 0.26
CA HIS A 21 6.99 1.31 -0.39
C HIS A 21 8.02 2.30 -0.92
N GLN A 22 7.53 3.49 -1.29
CA GLN A 22 8.39 4.57 -1.79
C GLN A 22 9.15 4.11 -3.03
N ASP A 23 10.20 4.85 -3.40
CA ASP A 23 11.12 4.46 -4.48
C ASP A 23 10.47 4.63 -5.85
N LYS A 24 9.39 3.91 -6.07
CA LYS A 24 8.64 3.99 -7.31
C LYS A 24 7.28 4.62 -7.06
N GLN A 25 7.20 5.40 -5.98
CA GLN A 25 5.95 6.05 -5.59
C GLN A 25 4.83 5.03 -5.35
N GLU A 26 5.18 3.88 -4.80
CA GLU A 26 4.20 2.83 -4.55
C GLU A 26 3.68 2.85 -3.12
N LEU A 27 2.38 2.69 -2.98
CA LEU A 27 1.76 2.43 -1.70
C LEU A 27 1.45 0.95 -1.59
N TRP A 28 1.89 0.31 -0.52
CA TRP A 28 1.79 -1.12 -0.40
C TRP A 28 0.86 -1.51 0.75
N SER A 29 -0.12 -2.35 0.44
CA SER A 29 -1.05 -2.83 1.43
C SER A 29 -0.74 -4.29 1.76
N ARG A 30 -0.20 -4.53 2.94
CA ARG A 30 0.23 -5.87 3.31
C ARG A 30 -0.96 -6.71 3.74
N GLN A 31 -2.08 -6.06 4.00
CA GLN A 31 -3.29 -6.73 4.39
C GLN A 31 -4.09 -7.21 3.18
N ALA A 32 -3.99 -6.48 2.07
CA ALA A 32 -4.72 -6.84 0.87
C ALA A 32 -3.80 -7.48 -0.16
N LYS A 33 -2.50 -7.41 0.10
CA LYS A 33 -1.47 -7.92 -0.81
C LYS A 33 -1.50 -7.14 -2.13
N LEU A 34 -1.95 -5.90 -2.06
CA LEU A 34 -2.05 -5.06 -3.23
C LEU A 34 -1.20 -3.80 -3.08
N ALA A 35 -1.10 -3.03 -4.15
CA ALA A 35 -0.36 -1.78 -4.13
C ALA A 35 -1.05 -0.74 -5.01
N TYR A 36 -0.88 0.52 -4.65
CA TYR A 36 -1.50 1.60 -5.40
C TYR A 36 -0.46 2.62 -5.83
N PRO A 37 -0.62 3.20 -7.03
CA PRO A 37 0.32 4.17 -7.59
C PRO A 37 0.12 5.59 -7.02
N ILE A 38 1.22 6.23 -6.70
CA ILE A 38 1.25 7.61 -6.26
C ILE A 38 2.06 8.46 -7.23
N LYS A 39 1.66 9.70 -7.43
CA LYS A 39 2.47 10.61 -8.21
C LYS A 39 2.57 11.95 -7.51
N ASP A 40 3.58 12.08 -6.65
CA ASP A 40 3.85 13.29 -5.90
C ASP A 40 2.63 13.73 -5.10
N GLY A 41 2.14 12.84 -4.25
CA GLY A 41 1.05 13.18 -3.36
C GLY A 41 -0.32 13.03 -4.01
N ILE A 42 -0.32 12.66 -5.27
CA ILE A 42 -1.56 12.50 -6.03
C ILE A 42 -1.85 11.02 -6.28
N PRO A 43 -2.61 10.38 -5.36
CA PRO A 43 -2.94 8.96 -5.46
C PRO A 43 -3.67 8.61 -6.76
N TYR A 44 -2.94 7.97 -7.67
CA TYR A 44 -3.50 7.59 -8.95
C TYR A 44 -3.97 6.13 -8.87
N MET A 45 -5.01 5.92 -8.07
CA MET A 45 -5.46 4.59 -7.74
C MET A 45 -6.46 4.08 -8.75
N LEU A 46 -5.95 3.49 -9.81
CA LEU A 46 -6.79 2.84 -10.80
C LEU A 46 -6.95 1.39 -10.43
N GLU A 47 -8.19 0.92 -10.42
CA GLU A 47 -8.51 -0.42 -9.97
C GLU A 47 -7.80 -1.49 -10.81
N ASN A 48 -7.67 -1.23 -12.11
CA ASN A 48 -7.04 -2.21 -12.99
C ASN A 48 -5.52 -2.01 -13.05
N GLU A 49 -5.09 -0.76 -12.95
CA GLU A 49 -3.67 -0.44 -13.07
C GLU A 49 -2.96 -0.43 -11.72
N ALA A 50 -3.70 -0.72 -10.66
CA ALA A 50 -3.10 -1.05 -9.37
C ALA A 50 -2.08 -2.17 -9.53
N ARG A 51 -1.18 -2.29 -8.57
CA ARG A 51 -0.06 -3.21 -8.68
C ARG A 51 -0.10 -4.30 -7.60
N PRO A 52 -0.81 -5.40 -7.84
CA PRO A 52 -0.81 -6.53 -6.90
C PRO A 52 0.56 -7.18 -6.83
N LEU A 53 0.94 -7.63 -5.63
CA LEU A 53 2.25 -8.20 -5.41
C LEU A 53 2.27 -9.65 -5.83
N SER A 54 3.45 -10.21 -5.93
CA SER A 54 3.58 -11.61 -6.22
C SER A 54 3.88 -12.40 -4.96
N GLU A 55 3.66 -13.70 -5.02
CA GLU A 55 3.81 -14.59 -3.89
C GLU A 55 5.19 -14.50 -3.26
N GLU A 56 6.21 -14.55 -4.10
CA GLU A 56 7.60 -14.48 -3.68
C GLU A 56 7.87 -13.17 -2.92
N GLU A 57 7.32 -12.07 -3.44
CA GLU A 57 7.40 -10.78 -2.76
C GLU A 57 6.68 -10.82 -1.43
N LEU A 58 5.44 -11.29 -1.48
CA LEU A 58 4.60 -11.44 -0.30
C LEU A 58 5.30 -12.24 0.79
N LYS A 59 5.93 -13.33 0.38
CA LYS A 59 6.70 -14.16 1.28
C LYS A 59 7.84 -13.38 1.92
N ALA A 60 8.56 -12.65 1.09
CA ALA A 60 9.76 -11.96 1.52
C ALA A 60 9.49 -10.47 1.78
N LEU A 61 8.47 -10.19 2.58
CA LEU A 61 8.16 -8.82 2.95
C LEU A 61 8.94 -8.40 4.19
N GLU A 62 10.05 -9.10 4.43
CA GLU A 62 10.96 -8.82 5.52
C GLU A 62 10.28 -8.89 6.89
N HIS A 63 11.05 -8.52 7.92
CA HIS A 63 10.59 -8.50 9.31
C HIS A 63 10.27 -9.91 9.80
N HIS A 64 9.07 -10.38 9.52
CA HIS A 64 8.61 -11.68 9.95
C HIS A 64 7.20 -11.91 9.42
N HIS A 65 6.82 -13.16 9.25
CA HIS A 65 5.45 -13.48 8.89
C HIS A 65 4.87 -14.42 9.94
N HIS A 66 3.73 -14.05 10.50
CA HIS A 66 3.17 -14.77 11.63
C HIS A 66 2.40 -16.02 11.17
N HIS A 67 2.81 -17.16 11.70
CA HIS A 67 2.11 -18.41 11.47
C HIS A 67 2.50 -19.42 12.55
N HIS A 68 1.52 -20.12 13.09
CA HIS A 68 1.77 -21.08 14.15
C HIS A 68 0.90 -22.31 13.95
N MET A 1 0.22 7.72 15.38
CA MET A 1 -0.37 8.92 16.02
C MET A 1 -1.87 8.96 15.76
N GLU A 2 -2.63 9.28 16.79
CA GLU A 2 -4.09 9.32 16.67
C GLU A 2 -4.54 10.65 16.08
N LYS A 3 -4.92 10.62 14.81
CA LYS A 3 -5.39 11.78 14.10
C LYS A 3 -6.58 11.40 13.22
N LYS A 4 -7.19 12.39 12.61
CA LYS A 4 -8.16 12.16 11.56
C LYS A 4 -7.68 12.82 10.28
N PHE A 5 -8.49 12.72 9.22
CA PHE A 5 -8.14 13.25 7.90
C PHE A 5 -7.11 12.36 7.20
N LEU A 6 -6.60 11.38 7.93
CA LEU A 6 -5.62 10.46 7.37
C LEU A 6 -6.31 9.25 6.74
N ASP A 7 -7.57 9.05 7.08
CA ASP A 7 -8.34 7.92 6.56
C ASP A 7 -9.08 8.34 5.29
N ILE A 8 -8.66 9.45 4.69
CA ILE A 8 -9.23 9.91 3.44
C ILE A 8 -8.73 9.04 2.28
N LEU A 9 -7.54 8.49 2.45
CA LEU A 9 -6.93 7.63 1.45
C LEU A 9 -7.12 6.18 1.86
N VAL A 10 -7.93 5.47 1.09
CA VAL A 10 -8.22 4.07 1.36
C VAL A 10 -8.27 3.29 0.06
N CYS A 11 -8.26 1.96 0.17
CA CYS A 11 -8.42 1.11 -1.00
C CYS A 11 -9.81 1.35 -1.60
N PRO A 12 -9.93 1.33 -2.93
CA PRO A 12 -11.22 1.52 -3.59
C PRO A 12 -12.20 0.38 -3.33
N VAL A 13 -11.78 -0.84 -3.65
CA VAL A 13 -12.66 -2.00 -3.53
C VAL A 13 -12.81 -2.44 -2.08
N THR A 14 -11.75 -3.01 -1.52
CA THR A 14 -11.77 -3.51 -0.15
C THR A 14 -12.09 -2.38 0.83
N LYS A 15 -11.66 -1.17 0.49
CA LYS A 15 -11.98 0.03 1.24
C LYS A 15 -11.52 -0.07 2.69
N GLY A 16 -10.21 -0.08 2.89
CA GLY A 16 -9.67 -0.23 4.22
C GLY A 16 -8.31 0.42 4.37
N ARG A 17 -7.53 -0.09 5.33
CA ARG A 17 -6.24 0.48 5.68
C ARG A 17 -5.21 0.28 4.57
N LEU A 18 -4.32 1.26 4.45
CA LEU A 18 -3.22 1.20 3.51
C LEU A 18 -1.93 0.85 4.25
N GLU A 19 -1.28 -0.22 3.83
CA GLU A 19 -0.05 -0.67 4.46
C GLU A 19 1.14 0.06 3.84
N TYR A 20 1.80 0.87 4.66
CA TYR A 20 2.81 1.79 4.18
C TYR A 20 4.20 1.15 4.23
N HIS A 21 4.64 0.62 3.10
CA HIS A 21 5.99 0.07 3.00
C HIS A 21 6.97 1.14 2.51
N GLN A 22 6.47 2.03 1.65
CA GLN A 22 7.26 3.13 1.10
C GLN A 22 8.55 2.64 0.46
N ASP A 23 8.47 2.15 -0.77
CA ASP A 23 9.67 1.73 -1.49
C ASP A 23 9.93 2.67 -2.65
N LYS A 24 9.11 2.57 -3.70
CA LYS A 24 9.19 3.49 -4.83
C LYS A 24 8.06 4.51 -4.71
N GLN A 25 7.86 4.99 -3.48
CA GLN A 25 6.72 5.80 -3.13
C GLN A 25 5.43 5.09 -3.52
N GLU A 26 5.10 4.06 -2.74
CA GLU A 26 3.97 3.21 -3.06
C GLU A 26 3.19 2.83 -1.80
N LEU A 27 1.91 2.54 -1.98
CA LEU A 27 1.04 2.08 -0.91
C LEU A 27 0.66 0.63 -1.17
N TRP A 28 0.65 -0.18 -0.12
CA TRP A 28 0.37 -1.60 -0.28
C TRP A 28 -0.98 -1.95 0.32
N SER A 29 -1.69 -2.86 -0.33
CA SER A 29 -2.94 -3.35 0.18
C SER A 29 -2.96 -4.86 0.10
N ARG A 30 -2.41 -5.51 1.12
CA ARG A 30 -2.27 -6.95 1.12
C ARG A 30 -3.61 -7.62 1.36
N GLN A 31 -4.57 -6.86 1.86
CA GLN A 31 -5.93 -7.33 2.03
C GLN A 31 -6.59 -7.54 0.67
N ALA A 32 -6.02 -6.91 -0.35
CA ALA A 32 -6.46 -7.11 -1.73
C ALA A 32 -5.33 -7.74 -2.54
N LYS A 33 -4.16 -7.86 -1.89
CA LYS A 33 -2.97 -8.44 -2.51
C LYS A 33 -2.48 -7.60 -3.68
N LEU A 34 -2.77 -6.30 -3.60
CA LEU A 34 -2.40 -5.35 -4.66
C LEU A 34 -1.57 -4.22 -4.08
N ALA A 35 -1.08 -3.36 -4.96
CA ALA A 35 -0.29 -2.19 -4.56
C ALA A 35 -0.63 -1.00 -5.43
N TYR A 36 -0.52 0.20 -4.87
CA TYR A 36 -0.82 1.42 -5.59
C TYR A 36 0.37 2.37 -5.54
N PRO A 37 0.62 3.13 -6.63
CA PRO A 37 1.74 4.07 -6.70
C PRO A 37 1.39 5.45 -6.16
N ILE A 38 2.42 6.18 -5.74
CA ILE A 38 2.27 7.52 -5.19
C ILE A 38 3.13 8.52 -5.94
N LYS A 39 2.57 9.68 -6.25
CA LYS A 39 3.29 10.74 -6.91
C LYS A 39 3.27 11.99 -6.04
N ASP A 40 3.92 11.88 -4.88
CA ASP A 40 3.95 12.95 -3.88
C ASP A 40 2.54 13.45 -3.57
N GLY A 41 1.78 12.64 -2.86
CA GLY A 41 0.47 13.05 -2.40
C GLY A 41 -0.62 12.69 -3.41
N ILE A 42 -0.20 12.07 -4.50
CA ILE A 42 -1.12 11.62 -5.54
C ILE A 42 -1.16 10.10 -5.61
N PRO A 43 -2.03 9.46 -4.82
CA PRO A 43 -2.23 8.02 -4.85
C PRO A 43 -3.06 7.61 -6.06
N TYR A 44 -2.56 6.66 -6.83
CA TYR A 44 -3.29 6.18 -8.00
C TYR A 44 -4.09 4.94 -7.63
N MET A 45 -5.19 5.16 -6.93
CA MET A 45 -6.11 4.08 -6.57
C MET A 45 -6.95 3.67 -7.77
N LEU A 46 -6.28 3.24 -8.83
CA LEU A 46 -6.95 2.79 -10.03
C LEU A 46 -6.79 1.30 -10.17
N GLU A 47 -7.90 0.57 -10.29
CA GLU A 47 -7.88 -0.87 -10.38
C GLU A 47 -7.09 -1.35 -11.60
N ASN A 48 -7.09 -0.52 -12.64
CA ASN A 48 -6.35 -0.84 -13.86
C ASN A 48 -4.85 -0.70 -13.65
N GLU A 49 -4.47 0.25 -12.82
CA GLU A 49 -3.06 0.55 -12.59
C GLU A 49 -2.50 -0.29 -11.44
N ALA A 50 -3.36 -0.63 -10.49
CA ALA A 50 -2.97 -1.42 -9.34
C ALA A 50 -2.38 -2.77 -9.78
N ARG A 51 -1.17 -3.05 -9.34
CA ARG A 51 -0.50 -4.29 -9.66
C ARG A 51 -0.46 -5.19 -8.44
N PRO A 52 -0.58 -6.51 -8.63
CA PRO A 52 -0.55 -7.46 -7.53
C PRO A 52 0.86 -7.67 -6.98
N LEU A 53 0.92 -8.11 -5.73
CA LEU A 53 2.17 -8.38 -5.08
C LEU A 53 2.48 -9.86 -5.12
N SER A 54 3.74 -10.20 -4.96
CA SER A 54 4.13 -11.60 -4.92
C SER A 54 4.12 -12.10 -3.49
N GLU A 55 4.24 -13.40 -3.32
CA GLU A 55 4.19 -14.04 -2.03
C GLU A 55 5.29 -13.53 -1.11
N GLU A 56 6.49 -13.42 -1.66
CA GLU A 56 7.65 -12.97 -0.91
C GLU A 56 7.40 -11.56 -0.38
N GLU A 57 6.81 -10.72 -1.21
CA GLU A 57 6.45 -9.36 -0.83
C GLU A 57 5.32 -9.36 0.19
N LEU A 58 4.24 -10.04 -0.15
CA LEU A 58 3.10 -10.22 0.74
C LEU A 58 3.51 -10.71 2.12
N LYS A 59 4.40 -11.69 2.13
CA LYS A 59 4.82 -12.31 3.37
C LYS A 59 5.85 -11.49 4.11
N ALA A 60 6.91 -11.10 3.42
CA ALA A 60 8.07 -10.52 4.07
C ALA A 60 8.23 -9.03 3.79
N LEU A 61 7.18 -8.27 4.06
CA LEU A 61 7.26 -6.80 3.96
C LEU A 61 7.60 -6.22 5.32
N GLU A 62 7.81 -7.11 6.25
CA GLU A 62 8.04 -6.76 7.64
C GLU A 62 9.53 -6.51 7.86
N HIS A 63 9.85 -5.67 8.84
CA HIS A 63 11.25 -5.33 9.11
C HIS A 63 11.85 -6.29 10.13
N HIS A 64 11.26 -7.49 10.20
CA HIS A 64 11.83 -8.58 10.97
C HIS A 64 13.15 -9.00 10.35
N HIS A 65 13.09 -9.41 9.08
CA HIS A 65 14.28 -9.74 8.30
C HIS A 65 13.88 -10.12 6.88
N HIS A 66 14.11 -9.21 5.94
CA HIS A 66 13.83 -9.47 4.53
C HIS A 66 15.15 -9.66 3.79
N HIS A 67 15.74 -8.56 3.36
CA HIS A 67 17.12 -8.56 2.87
C HIS A 67 17.95 -7.71 3.79
N HIS A 68 17.26 -7.12 4.76
CA HIS A 68 17.85 -6.27 5.77
C HIS A 68 17.20 -6.59 7.11
N MET A 1 -2.26 20.44 12.28
CA MET A 1 -1.62 20.14 13.57
C MET A 1 -1.78 18.65 13.88
N GLU A 2 -2.72 18.03 13.19
CA GLU A 2 -2.97 16.60 13.31
C GLU A 2 -1.79 15.81 12.74
N LYS A 3 -1.47 14.68 13.37
CA LYS A 3 -0.37 13.87 12.91
C LYS A 3 -0.88 12.50 12.45
N LYS A 4 0.05 11.72 11.91
CA LYS A 4 -0.21 10.41 11.32
C LYS A 4 -1.43 10.43 10.39
N PHE A 5 -1.51 11.46 9.54
CA PHE A 5 -2.58 11.56 8.55
C PHE A 5 -2.40 10.50 7.48
N LEU A 6 -1.21 9.92 7.41
CA LEU A 6 -0.93 8.83 6.50
C LEU A 6 -1.42 7.50 7.06
N ASP A 7 -1.60 7.47 8.38
CA ASP A 7 -2.02 6.26 9.07
C ASP A 7 -3.48 5.92 8.75
N ILE A 8 -4.27 6.94 8.44
CA ILE A 8 -5.69 6.73 8.15
C ILE A 8 -5.92 6.37 6.69
N LEU A 9 -4.83 6.22 5.94
CA LEU A 9 -4.92 5.84 4.53
C LEU A 9 -5.08 4.34 4.42
N VAL A 10 -6.21 3.93 3.89
CA VAL A 10 -6.54 2.52 3.74
C VAL A 10 -7.06 2.25 2.33
N CYS A 11 -7.23 0.97 2.02
CA CYS A 11 -7.73 0.57 0.71
C CYS A 11 -9.19 0.98 0.56
N PRO A 12 -9.60 1.38 -0.65
CA PRO A 12 -11.00 1.76 -0.92
C PRO A 12 -11.91 0.53 -0.96
N VAL A 13 -11.35 -0.60 -1.35
CA VAL A 13 -12.13 -1.82 -1.46
C VAL A 13 -12.02 -2.67 -0.21
N THR A 14 -10.83 -3.19 0.05
CA THR A 14 -10.59 -4.08 1.18
C THR A 14 -10.62 -3.33 2.51
N LYS A 15 -10.40 -2.02 2.45
CA LYS A 15 -10.38 -1.17 3.64
C LYS A 15 -9.29 -1.61 4.63
N GLY A 16 -8.22 -2.19 4.10
CA GLY A 16 -7.08 -2.53 4.91
C GLY A 16 -5.98 -1.50 4.79
N ARG A 17 -5.01 -1.53 5.68
CA ARG A 17 -3.94 -0.55 5.69
C ARG A 17 -3.05 -0.68 4.46
N LEU A 18 -2.32 0.39 4.20
CA LEU A 18 -1.39 0.42 3.07
C LEU A 18 0.02 0.69 3.57
N GLU A 19 0.99 0.03 2.96
CA GLU A 19 2.39 0.30 3.23
C GLU A 19 3.09 0.66 1.94
N TYR A 20 3.66 1.87 1.88
CA TYR A 20 4.27 2.35 0.66
C TYR A 20 5.64 1.74 0.45
N HIS A 21 5.96 1.50 -0.82
CA HIS A 21 7.23 0.92 -1.19
C HIS A 21 7.97 1.90 -2.10
N GLN A 22 9.30 1.91 -2.00
CA GLN A 22 10.12 2.83 -2.78
C GLN A 22 10.21 2.37 -4.25
N ASP A 23 11.17 2.92 -4.99
CA ASP A 23 11.41 2.57 -6.40
C ASP A 23 10.35 3.19 -7.30
N LYS A 24 9.10 2.84 -7.09
CA LYS A 24 8.00 3.38 -7.89
C LYS A 24 7.07 4.21 -7.01
N GLN A 25 7.36 4.24 -5.71
CA GLN A 25 6.44 4.78 -4.72
C GLN A 25 5.06 4.14 -4.89
N GLU A 26 4.97 2.87 -4.52
CA GLU A 26 3.74 2.11 -4.65
C GLU A 26 3.08 1.94 -3.29
N LEU A 27 1.76 1.83 -3.27
CA LEU A 27 1.06 1.44 -2.06
C LEU A 27 0.79 -0.05 -2.09
N TRP A 28 1.48 -0.78 -1.24
CA TRP A 28 1.38 -2.23 -1.21
C TRP A 28 0.33 -2.66 -0.20
N SER A 29 -0.52 -3.59 -0.61
CA SER A 29 -1.58 -4.07 0.25
C SER A 29 -1.54 -5.59 0.35
N ARG A 30 -1.28 -6.09 1.55
CA ARG A 30 -1.32 -7.51 1.82
C ARG A 30 -2.78 -7.98 1.80
N GLN A 31 -3.67 -7.01 1.94
CA GLN A 31 -5.09 -7.26 1.98
C GLN A 31 -5.66 -7.51 0.58
N ALA A 32 -5.33 -6.64 -0.36
CA ALA A 32 -5.89 -6.71 -1.69
C ALA A 32 -5.01 -7.55 -2.62
N LYS A 33 -3.80 -7.86 -2.14
CA LYS A 33 -2.82 -8.60 -2.93
C LYS A 33 -2.38 -7.79 -4.14
N LEU A 34 -2.59 -6.50 -4.07
CA LEU A 34 -2.27 -5.62 -5.19
C LEU A 34 -1.48 -4.40 -4.71
N ALA A 35 -1.02 -3.62 -5.66
CA ALA A 35 -0.31 -2.38 -5.39
C ALA A 35 -0.67 -1.33 -6.43
N TYR A 36 -0.70 -0.07 -6.04
CA TYR A 36 -0.93 1.00 -6.99
C TYR A 36 0.00 2.18 -6.73
N PRO A 37 0.43 2.87 -7.79
CA PRO A 37 1.46 3.90 -7.74
C PRO A 37 0.99 5.21 -7.09
N ILE A 38 1.94 5.90 -6.48
CA ILE A 38 1.72 7.22 -5.90
C ILE A 38 2.46 8.26 -6.72
N LYS A 39 1.75 9.28 -7.18
CA LYS A 39 2.37 10.31 -7.98
C LYS A 39 2.41 11.64 -7.23
N ASP A 40 3.58 11.94 -6.64
CA ASP A 40 3.83 13.19 -5.92
C ASP A 40 2.94 13.32 -4.69
N GLY A 41 2.44 12.19 -4.20
CA GLY A 41 1.59 12.21 -3.03
C GLY A 41 0.11 12.09 -3.40
N ILE A 42 -0.15 11.76 -4.66
CA ILE A 42 -1.50 11.60 -5.15
C ILE A 42 -1.81 10.13 -5.46
N PRO A 43 -2.33 9.39 -4.46
CA PRO A 43 -2.67 7.97 -4.63
C PRO A 43 -3.71 7.74 -5.73
N TYR A 44 -3.39 6.89 -6.69
CA TYR A 44 -4.27 6.60 -7.80
C TYR A 44 -4.51 5.11 -7.93
N MET A 45 -5.55 4.65 -7.25
CA MET A 45 -5.92 3.24 -7.28
C MET A 45 -6.78 2.94 -8.51
N LEU A 46 -6.18 2.99 -9.68
CA LEU A 46 -6.87 2.67 -10.91
C LEU A 46 -6.69 1.20 -11.25
N GLU A 47 -7.75 0.59 -11.78
CA GLU A 47 -7.76 -0.83 -12.10
C GLU A 47 -6.63 -1.20 -13.06
N ASN A 48 -6.40 -0.36 -14.06
CA ASN A 48 -5.37 -0.63 -15.07
C ASN A 48 -3.99 -0.23 -14.58
N GLU A 49 -3.94 0.79 -13.73
CA GLU A 49 -2.68 1.31 -13.22
C GLU A 49 -2.09 0.40 -12.16
N ALA A 50 -2.96 -0.26 -11.42
CA ALA A 50 -2.55 -1.16 -10.33
C ALA A 50 -1.73 -2.33 -10.86
N ARG A 51 -0.86 -2.82 -9.98
CA ARG A 51 -0.04 -3.97 -10.29
C ARG A 51 -0.35 -5.11 -9.32
N PRO A 52 -0.31 -6.36 -9.79
CA PRO A 52 -0.47 -7.54 -8.93
C PRO A 52 0.81 -7.83 -8.16
N LEU A 53 0.68 -8.32 -6.92
CA LEU A 53 1.83 -8.67 -6.13
C LEU A 53 2.03 -10.16 -6.10
N SER A 54 3.29 -10.56 -6.14
CA SER A 54 3.61 -11.98 -6.07
C SER A 54 3.72 -12.44 -4.63
N GLU A 55 3.90 -13.73 -4.44
CA GLU A 55 3.88 -14.34 -3.13
C GLU A 55 4.93 -13.77 -2.20
N GLU A 56 6.17 -13.73 -2.67
CA GLU A 56 7.26 -13.15 -1.91
C GLU A 56 6.91 -11.74 -1.47
N GLU A 57 6.47 -10.94 -2.41
CA GLU A 57 6.07 -9.57 -2.17
C GLU A 57 4.94 -9.50 -1.14
N LEU A 58 3.89 -10.26 -1.39
CA LEU A 58 2.78 -10.41 -0.45
C LEU A 58 3.27 -10.77 0.95
N LYS A 59 4.17 -11.74 1.02
CA LYS A 59 4.70 -12.20 2.28
C LYS A 59 5.74 -11.25 2.84
N ALA A 60 6.12 -10.27 2.06
CA ALA A 60 6.98 -9.20 2.55
C ALA A 60 6.14 -8.05 3.07
N LEU A 61 4.87 -8.34 3.27
CA LEU A 61 3.93 -7.35 3.79
C LEU A 61 3.26 -7.88 5.04
N GLU A 62 3.70 -9.04 5.47
CA GLU A 62 3.21 -9.64 6.71
C GLU A 62 4.24 -9.42 7.80
N HIS A 63 3.78 -8.97 8.95
CA HIS A 63 4.68 -8.53 10.00
C HIS A 63 4.89 -9.61 11.04
N HIS A 64 6.10 -10.16 11.09
CA HIS A 64 6.41 -11.26 12.00
C HIS A 64 6.38 -10.81 13.45
N HIS A 65 6.47 -9.50 13.67
CA HIS A 65 6.39 -8.95 15.02
C HIS A 65 6.14 -7.45 14.95
N HIS A 66 7.13 -6.70 14.51
CA HIS A 66 7.00 -5.26 14.33
C HIS A 66 8.00 -4.76 13.30
N HIS A 67 7.54 -3.88 12.43
CA HIS A 67 8.43 -3.22 11.50
C HIS A 67 8.79 -1.83 12.03
N HIS A 68 9.90 -1.76 12.75
CA HIS A 68 10.32 -0.54 13.38
C HIS A 68 11.75 -0.21 12.95
N MET A 1 -2.52 9.47 21.70
CA MET A 1 -2.07 8.78 20.49
C MET A 1 -2.93 9.17 19.30
N GLU A 2 -2.49 10.15 18.55
CA GLU A 2 -3.27 10.69 17.45
C GLU A 2 -2.86 10.03 16.15
N LYS A 3 -3.63 9.03 15.73
CA LYS A 3 -3.36 8.33 14.49
C LYS A 3 -4.67 8.11 13.73
N LYS A 4 -4.55 8.07 12.41
CA LYS A 4 -5.69 8.00 11.51
C LYS A 4 -6.61 9.20 11.69
N PHE A 5 -6.23 10.31 11.06
CA PHE A 5 -7.04 11.51 11.04
C PHE A 5 -6.81 12.22 9.73
N LEU A 6 -5.54 12.45 9.41
CA LEU A 6 -5.15 12.97 8.11
C LEU A 6 -4.75 11.84 7.18
N ASP A 7 -4.93 10.62 7.66
CA ASP A 7 -4.60 9.42 6.90
C ASP A 7 -5.85 8.90 6.18
N ILE A 8 -6.61 8.05 6.89
CA ILE A 8 -7.90 7.51 6.41
C ILE A 8 -7.85 7.09 4.93
N LEU A 9 -6.71 6.54 4.51
CA LEU A 9 -6.53 6.11 3.14
C LEU A 9 -6.99 4.67 2.97
N VAL A 10 -7.92 4.47 2.06
CA VAL A 10 -8.54 3.16 1.87
C VAL A 10 -8.58 2.76 0.39
N CYS A 11 -8.55 1.45 0.16
CA CYS A 11 -8.63 0.89 -1.19
C CYS A 11 -10.00 1.16 -1.80
N PRO A 12 -10.09 1.27 -3.13
CA PRO A 12 -11.37 1.43 -3.83
C PRO A 12 -12.17 0.14 -3.86
N VAL A 13 -11.48 -0.98 -3.68
CA VAL A 13 -12.12 -2.30 -3.75
C VAL A 13 -12.89 -2.62 -2.46
N THR A 14 -12.16 -2.88 -1.39
CA THR A 14 -12.77 -3.30 -0.13
C THR A 14 -12.70 -2.18 0.91
N LYS A 15 -12.09 -1.07 0.52
CA LYS A 15 -11.95 0.11 1.40
C LYS A 15 -11.16 -0.20 2.67
N GLY A 16 -10.22 -1.12 2.57
CA GLY A 16 -9.29 -1.36 3.67
C GLY A 16 -8.16 -0.36 3.61
N ARG A 17 -7.43 -0.20 4.71
CA ARG A 17 -6.35 0.74 4.79
C ARG A 17 -5.23 0.41 3.81
N LEU A 18 -4.65 1.45 3.26
CA LEU A 18 -3.56 1.34 2.30
C LEU A 18 -2.21 1.37 3.00
N GLU A 19 -1.47 0.27 2.91
CA GLU A 19 -0.14 0.20 3.48
C GLU A 19 0.90 0.73 2.51
N TYR A 20 1.32 1.97 2.71
CA TYR A 20 2.28 2.60 1.82
C TYR A 20 3.68 2.10 2.12
N HIS A 21 4.44 1.88 1.06
CA HIS A 21 5.82 1.43 1.20
C HIS A 21 6.71 2.20 0.24
N GLN A 22 7.60 3.03 0.79
CA GLN A 22 8.58 3.76 0.01
C GLN A 22 9.54 2.78 -0.68
N ASP A 23 10.46 3.32 -1.48
CA ASP A 23 11.42 2.51 -2.26
C ASP A 23 10.72 1.86 -3.45
N LYS A 24 9.52 1.33 -3.23
CA LYS A 24 8.69 0.82 -4.30
C LYS A 24 7.60 1.83 -4.62
N GLN A 25 7.28 2.65 -3.62
CA GLN A 25 6.25 3.69 -3.71
C GLN A 25 4.90 3.07 -4.03
N GLU A 26 4.66 1.89 -3.49
CA GLU A 26 3.45 1.15 -3.75
C GLU A 26 2.53 1.13 -2.53
N LEU A 27 1.24 1.28 -2.79
CA LEU A 27 0.22 1.08 -1.78
C LEU A 27 -0.17 -0.39 -1.75
N TRP A 28 0.18 -1.07 -0.68
CA TRP A 28 -0.03 -2.50 -0.61
C TRP A 28 -1.35 -2.81 0.07
N SER A 29 -2.26 -3.38 -0.71
CA SER A 29 -3.55 -3.79 -0.21
C SER A 29 -3.54 -5.31 -0.05
N ARG A 30 -3.06 -5.77 1.11
CA ARG A 30 -2.91 -7.20 1.35
C ARG A 30 -4.27 -7.90 1.35
N GLN A 31 -5.29 -7.22 1.84
CA GLN A 31 -6.62 -7.80 1.93
C GLN A 31 -7.26 -7.93 0.55
N ALA A 32 -6.63 -7.34 -0.46
CA ALA A 32 -7.10 -7.45 -1.83
C ALA A 32 -6.04 -8.14 -2.69
N LYS A 33 -4.87 -8.36 -2.10
CA LYS A 33 -3.73 -8.98 -2.77
C LYS A 33 -3.29 -8.16 -3.98
N LEU A 34 -3.52 -6.85 -3.91
CA LEU A 34 -3.17 -5.95 -5.00
C LEU A 34 -2.31 -4.80 -4.48
N ALA A 35 -1.83 -3.99 -5.40
CA ALA A 35 -1.01 -2.83 -5.08
C ALA A 35 -1.32 -1.67 -6.01
N TYR A 36 -1.34 -0.46 -5.47
CA TYR A 36 -1.61 0.75 -6.26
C TYR A 36 -0.37 1.63 -6.28
N PRO A 37 -0.12 2.32 -7.41
CA PRO A 37 1.03 3.21 -7.56
C PRO A 37 0.86 4.56 -6.88
N ILE A 38 1.86 4.97 -6.13
CA ILE A 38 1.89 6.30 -5.50
C ILE A 38 2.89 7.19 -6.23
N LYS A 39 2.46 8.40 -6.57
CA LYS A 39 3.35 9.35 -7.21
C LYS A 39 3.56 10.55 -6.30
N ASP A 40 4.12 10.26 -5.12
CA ASP A 40 4.42 11.25 -4.10
C ASP A 40 3.25 12.20 -3.83
N GLY A 41 2.17 11.65 -3.31
CA GLY A 41 1.03 12.46 -2.95
C GLY A 41 -0.14 12.26 -3.90
N ILE A 42 0.15 11.64 -5.03
CA ILE A 42 -0.87 11.34 -6.03
C ILE A 42 -1.10 9.83 -6.11
N PRO A 43 -2.01 9.29 -5.28
CA PRO A 43 -2.35 7.87 -5.30
C PRO A 43 -3.13 7.50 -6.56
N TYR A 44 -2.49 6.77 -7.45
CA TYR A 44 -3.12 6.37 -8.68
C TYR A 44 -3.96 5.12 -8.48
N MET A 45 -5.11 5.34 -7.88
CA MET A 45 -6.08 4.27 -7.65
C MET A 45 -6.79 3.88 -8.94
N LEU A 46 -6.02 3.38 -9.89
CA LEU A 46 -6.56 2.93 -11.15
C LEU A 46 -6.60 1.42 -11.17
N GLU A 47 -7.76 0.87 -11.52
CA GLU A 47 -7.96 -0.57 -11.48
C GLU A 47 -7.06 -1.27 -12.48
N ASN A 48 -6.83 -0.62 -13.62
CA ASN A 48 -5.96 -1.17 -14.66
C ASN A 48 -4.50 -1.13 -14.21
N GLU A 49 -4.14 -0.07 -13.51
CA GLU A 49 -2.77 0.10 -13.03
C GLU A 49 -2.50 -0.76 -11.80
N ALA A 50 -3.55 -0.98 -11.00
CA ALA A 50 -3.43 -1.86 -9.85
C ALA A 50 -2.88 -3.22 -10.26
N ARG A 51 -1.78 -3.61 -9.63
CA ARG A 51 -1.10 -4.84 -9.95
C ARG A 51 -1.17 -5.80 -8.78
N PRO A 52 -1.26 -7.11 -9.04
CA PRO A 52 -1.32 -8.13 -7.99
C PRO A 52 0.01 -8.25 -7.25
N LEU A 53 -0.06 -8.56 -5.96
CA LEU A 53 1.12 -8.73 -5.15
C LEU A 53 1.60 -10.16 -5.21
N SER A 54 2.90 -10.33 -5.28
CA SER A 54 3.47 -11.66 -5.30
C SER A 54 3.71 -12.13 -3.88
N GLU A 55 3.99 -13.41 -3.73
CA GLU A 55 4.15 -14.06 -2.44
C GLU A 55 5.24 -13.38 -1.61
N GLU A 56 6.41 -13.25 -2.22
CA GLU A 56 7.54 -12.61 -1.61
C GLU A 56 7.17 -11.23 -1.08
N GLU A 57 6.53 -10.45 -1.92
CA GLU A 57 6.04 -9.14 -1.54
C GLU A 57 5.05 -9.23 -0.37
N LEU A 58 4.03 -10.06 -0.54
CA LEU A 58 3.07 -10.36 0.53
C LEU A 58 3.76 -10.65 1.85
N LYS A 59 4.75 -11.51 1.82
CA LYS A 59 5.44 -11.93 3.03
C LYS A 59 6.49 -10.93 3.49
N ALA A 60 6.80 -9.95 2.65
CA ALA A 60 7.81 -8.96 3.00
C ALA A 60 7.19 -7.56 3.09
N LEU A 61 6.03 -7.48 3.75
CA LEU A 61 5.36 -6.20 3.94
C LEU A 61 5.92 -5.47 5.16
N GLU A 62 6.98 -6.04 5.68
CA GLU A 62 7.63 -5.57 6.90
C GLU A 62 8.37 -4.26 6.63
N HIS A 63 8.75 -3.56 7.70
CA HIS A 63 9.39 -2.26 7.58
C HIS A 63 10.88 -2.40 7.34
N HIS A 64 11.43 -3.54 7.70
CA HIS A 64 12.87 -3.79 7.55
C HIS A 64 13.22 -4.12 6.11
N HIS A 65 12.81 -3.25 5.18
CA HIS A 65 13.08 -3.45 3.76
C HIS A 65 14.58 -3.27 3.46
N HIS A 66 15.25 -2.50 4.30
CA HIS A 66 16.69 -2.30 4.15
C HIS A 66 17.38 -2.45 5.50
N HIS A 67 16.64 -3.01 6.46
CA HIS A 67 17.08 -3.10 7.86
C HIS A 67 17.32 -1.70 8.45
N HIS A 68 18.49 -1.14 8.17
CA HIS A 68 18.89 0.15 8.71
C HIS A 68 20.11 0.65 7.98
N MET A 1 2.32 9.59 18.88
CA MET A 1 1.23 10.59 18.84
C MET A 1 0.21 10.20 17.78
N GLU A 2 -0.63 11.16 17.41
CA GLU A 2 -1.64 10.94 16.38
C GLU A 2 -0.99 10.83 15.00
N LYS A 3 -0.44 9.66 14.72
CA LYS A 3 0.19 9.43 13.43
C LYS A 3 -0.82 8.88 12.44
N LYS A 4 -2.00 8.57 12.95
CA LYS A 4 -3.08 8.08 12.10
C LYS A 4 -3.78 9.24 11.41
N PHE A 5 -3.09 10.36 11.34
CA PHE A 5 -3.50 11.47 10.51
C PHE A 5 -3.27 11.12 9.04
N LEU A 6 -2.24 10.31 8.79
CA LEU A 6 -1.93 9.88 7.44
C LEU A 6 -1.88 8.36 7.33
N ASP A 7 -1.71 7.69 8.47
CA ASP A 7 -1.65 6.22 8.50
C ASP A 7 -2.98 5.57 8.16
N ILE A 8 -4.07 6.33 8.25
CA ILE A 8 -5.42 5.80 7.99
C ILE A 8 -5.71 5.69 6.48
N LEU A 9 -4.70 5.36 5.70
CA LEU A 9 -4.87 5.18 4.26
C LEU A 9 -5.56 3.85 3.99
N VAL A 10 -6.64 3.91 3.23
CA VAL A 10 -7.39 2.72 2.86
C VAL A 10 -7.75 2.77 1.38
N CYS A 11 -8.03 1.63 0.79
CA CYS A 11 -8.40 1.56 -0.62
C CYS A 11 -9.91 1.48 -0.77
N PRO A 12 -10.48 2.12 -1.80
CA PRO A 12 -11.93 2.11 -2.05
C PRO A 12 -12.41 0.82 -2.70
N VAL A 13 -11.49 -0.11 -2.91
CA VAL A 13 -11.81 -1.38 -3.55
C VAL A 13 -12.30 -2.40 -2.53
N THR A 14 -11.53 -2.61 -1.48
CA THR A 14 -11.88 -3.60 -0.46
C THR A 14 -11.84 -2.98 0.94
N LYS A 15 -11.52 -1.67 0.98
CA LYS A 15 -11.42 -0.91 2.23
C LYS A 15 -10.36 -1.48 3.17
N GLY A 16 -9.36 -2.12 2.60
CA GLY A 16 -8.23 -2.58 3.37
C GLY A 16 -7.17 -1.51 3.47
N ARG A 17 -6.41 -1.53 4.56
CA ARG A 17 -5.40 -0.52 4.81
C ARG A 17 -4.27 -0.59 3.80
N LEU A 18 -3.66 0.57 3.55
CA LEU A 18 -2.58 0.67 2.59
C LEU A 18 -1.30 1.12 3.29
N GLU A 19 -0.18 0.54 2.88
CA GLU A 19 1.11 0.95 3.38
C GLU A 19 1.76 1.87 2.35
N TYR A 20 2.13 3.06 2.78
CA TYR A 20 2.74 4.03 1.88
C TYR A 20 4.23 3.73 1.74
N HIS A 21 4.54 2.88 0.79
CA HIS A 21 5.89 2.37 0.63
C HIS A 21 6.75 3.38 -0.13
N GLN A 22 7.55 4.14 0.62
CA GLN A 22 8.47 5.11 0.03
C GLN A 22 9.48 4.39 -0.86
N ASP A 23 10.28 5.17 -1.60
CA ASP A 23 11.22 4.65 -2.60
C ASP A 23 10.49 4.22 -3.88
N LYS A 24 9.37 3.53 -3.73
CA LYS A 24 8.54 3.17 -4.86
C LYS A 24 7.35 4.12 -4.98
N GLN A 25 7.07 4.82 -3.87
CA GLN A 25 5.94 5.75 -3.79
C GLN A 25 4.63 5.05 -4.13
N GLU A 26 4.54 3.78 -3.77
CA GLU A 26 3.35 2.99 -4.05
C GLU A 26 2.59 2.68 -2.77
N LEU A 27 1.30 2.45 -2.91
CA LEU A 27 0.48 2.01 -1.79
C LEU A 27 0.35 0.50 -1.82
N TRP A 28 1.05 -0.14 -0.89
CA TRP A 28 1.10 -1.60 -0.85
C TRP A 28 0.06 -2.14 0.10
N SER A 29 -0.69 -3.12 -0.35
CA SER A 29 -1.71 -3.74 0.49
C SER A 29 -1.71 -5.25 0.32
N ARG A 30 -1.58 -5.97 1.41
CA ARG A 30 -1.67 -7.43 1.38
C ARG A 30 -3.14 -7.81 1.36
N GLN A 31 -3.99 -6.87 1.76
CA GLN A 31 -5.42 -7.06 1.76
C GLN A 31 -5.92 -7.40 0.35
N ALA A 32 -5.44 -6.67 -0.64
CA ALA A 32 -5.80 -6.91 -2.03
C ALA A 32 -4.66 -7.62 -2.75
N LYS A 33 -3.52 -7.73 -2.07
CA LYS A 33 -2.32 -8.36 -2.61
C LYS A 33 -1.78 -7.56 -3.80
N LEU A 34 -2.08 -6.28 -3.82
CA LEU A 34 -1.69 -5.42 -4.92
C LEU A 34 -0.96 -4.19 -4.42
N ALA A 35 -0.47 -3.40 -5.36
CA ALA A 35 0.19 -2.15 -5.07
C ALA A 35 -0.27 -1.09 -6.06
N TYR A 36 -0.62 0.08 -5.55
CA TYR A 36 -1.11 1.15 -6.40
C TYR A 36 -0.07 2.26 -6.49
N PRO A 37 0.09 2.88 -7.67
CA PRO A 37 1.05 3.96 -7.86
C PRO A 37 0.52 5.32 -7.39
N ILE A 38 1.36 6.06 -6.69
CA ILE A 38 1.01 7.41 -6.27
C ILE A 38 1.87 8.42 -6.99
N LYS A 39 1.25 9.38 -7.65
CA LYS A 39 1.98 10.40 -8.37
C LYS A 39 2.16 11.64 -7.51
N ASP A 40 3.08 11.54 -6.54
CA ASP A 40 3.45 12.65 -5.65
C ASP A 40 2.21 13.27 -4.98
N GLY A 41 1.29 12.41 -4.56
CA GLY A 41 0.09 12.87 -3.90
C GLY A 41 -1.15 12.67 -4.74
N ILE A 42 -0.95 12.16 -5.95
CA ILE A 42 -2.04 11.90 -6.88
C ILE A 42 -2.29 10.40 -7.01
N PRO A 43 -3.16 9.85 -6.16
CA PRO A 43 -3.44 8.41 -6.13
C PRO A 43 -4.05 7.91 -7.43
N TYR A 44 -3.40 6.94 -8.05
CA TYR A 44 -3.92 6.32 -9.26
C TYR A 44 -4.21 4.85 -9.04
N MET A 45 -5.36 4.57 -8.46
CA MET A 45 -5.81 3.18 -8.28
C MET A 45 -6.34 2.63 -9.60
N LEU A 46 -5.48 2.60 -10.61
CA LEU A 46 -5.87 2.18 -11.93
C LEU A 46 -5.70 0.68 -12.07
N GLU A 47 -6.77 0.01 -12.44
CA GLU A 47 -6.77 -1.44 -12.57
C GLU A 47 -5.68 -1.90 -13.53
N ASN A 48 -5.47 -1.11 -14.56
CA ASN A 48 -4.49 -1.43 -15.59
C ASN A 48 -3.06 -1.31 -15.07
N GLU A 49 -2.84 -0.43 -14.10
CA GLU A 49 -1.50 -0.15 -13.62
C GLU A 49 -1.24 -0.72 -12.23
N ALA A 50 -2.30 -1.08 -11.51
CA ALA A 50 -2.15 -1.78 -10.24
C ALA A 50 -1.39 -3.08 -10.45
N ARG A 51 -0.30 -3.24 -9.71
CA ARG A 51 0.56 -4.41 -9.85
C ARG A 51 0.38 -5.35 -8.66
N PRO A 52 0.48 -6.68 -8.90
CA PRO A 52 0.47 -7.66 -7.84
C PRO A 52 1.82 -7.75 -7.13
N LEU A 53 1.81 -8.26 -5.92
CA LEU A 53 3.02 -8.37 -5.13
C LEU A 53 3.43 -9.82 -4.95
N SER A 54 4.68 -10.04 -4.59
CA SER A 54 5.18 -11.37 -4.31
C SER A 54 4.88 -11.75 -2.87
N GLU A 55 4.95 -13.03 -2.56
CA GLU A 55 4.68 -13.54 -1.22
C GLU A 55 5.51 -12.82 -0.17
N GLU A 56 6.82 -12.77 -0.41
CA GLU A 56 7.74 -12.12 0.50
C GLU A 56 7.33 -10.68 0.75
N GLU A 57 6.95 -9.98 -0.31
CA GLU A 57 6.46 -8.62 -0.23
C GLU A 57 5.17 -8.57 0.57
N LEU A 58 4.22 -9.39 0.17
CA LEU A 58 2.94 -9.53 0.88
C LEU A 58 3.16 -9.79 2.37
N LYS A 59 4.01 -10.76 2.68
CA LYS A 59 4.25 -11.17 4.04
C LYS A 59 4.99 -10.11 4.84
N ALA A 60 5.58 -9.16 4.13
CA ALA A 60 6.32 -8.09 4.77
C ALA A 60 5.50 -6.80 4.88
N LEU A 61 4.20 -6.95 4.73
CA LEU A 61 3.28 -5.83 4.87
C LEU A 61 2.33 -6.05 6.03
N GLU A 62 2.06 -7.30 6.26
CA GLU A 62 1.16 -7.74 7.29
C GLU A 62 1.85 -8.76 8.17
N HIS A 63 1.49 -8.77 9.46
CA HIS A 63 2.05 -9.72 10.43
C HIS A 63 3.48 -9.34 10.84
N HIS A 64 4.33 -9.04 9.88
CA HIS A 64 5.73 -8.70 10.16
C HIS A 64 6.32 -7.90 9.02
N HIS A 65 6.93 -6.76 9.34
CA HIS A 65 7.55 -5.90 8.31
C HIS A 65 8.99 -5.56 8.69
N HIS A 66 9.67 -4.82 7.82
CA HIS A 66 11.07 -4.46 8.05
C HIS A 66 11.15 -3.22 8.94
N HIS A 67 10.71 -2.08 8.42
CA HIS A 67 10.63 -0.85 9.23
C HIS A 67 9.21 -0.30 9.16
N HIS A 68 8.59 -0.47 8.01
CA HIS A 68 7.17 -0.18 7.83
C HIS A 68 6.62 -1.11 6.78
N MET A 1 3.02 11.51 15.26
CA MET A 1 3.45 10.30 15.98
C MET A 1 2.72 9.08 15.43
N GLU A 2 1.45 9.27 15.13
CA GLU A 2 0.59 8.21 14.60
C GLU A 2 0.03 8.62 13.24
N LYS A 3 -0.32 7.65 12.41
CA LYS A 3 -0.97 7.96 11.15
C LYS A 3 -2.49 7.94 11.32
N LYS A 4 -3.07 9.13 11.28
CA LYS A 4 -4.50 9.31 11.47
C LYS A 4 -5.07 10.32 10.46
N PHE A 5 -4.19 11.08 9.83
CA PHE A 5 -4.60 12.14 8.92
C PHE A 5 -4.67 11.66 7.48
N LEU A 6 -3.88 10.64 7.17
CA LEU A 6 -3.87 10.07 5.84
C LEU A 6 -4.38 8.63 5.85
N ASP A 7 -4.37 8.04 7.02
CA ASP A 7 -4.70 6.63 7.21
C ASP A 7 -6.20 6.36 7.00
N ILE A 8 -7.00 7.41 7.04
CA ILE A 8 -8.46 7.25 6.89
C ILE A 8 -8.87 7.16 5.43
N LEU A 9 -7.89 7.17 4.54
CA LEU A 9 -8.16 7.01 3.12
C LEU A 9 -8.37 5.53 2.82
N VAL A 10 -9.53 5.20 2.28
CA VAL A 10 -9.90 3.80 2.12
C VAL A 10 -9.82 3.35 0.66
N CYS A 11 -9.35 2.11 0.48
CA CYS A 11 -9.37 1.47 -0.84
C CYS A 11 -10.81 1.18 -1.25
N PRO A 12 -11.13 1.32 -2.56
CA PRO A 12 -12.51 1.17 -3.06
C PRO A 12 -12.98 -0.28 -3.13
N VAL A 13 -12.07 -1.23 -2.99
CA VAL A 13 -12.41 -2.65 -3.10
C VAL A 13 -13.26 -3.11 -1.92
N THR A 14 -12.65 -3.17 -0.74
CA THR A 14 -13.36 -3.63 0.46
C THR A 14 -13.32 -2.54 1.53
N LYS A 15 -12.84 -1.36 1.13
CA LYS A 15 -12.71 -0.21 2.03
C LYS A 15 -11.79 -0.52 3.20
N GLY A 16 -10.50 -0.34 2.96
CA GLY A 16 -9.51 -0.56 4.00
C GLY A 16 -8.46 0.52 3.97
N ARG A 17 -7.69 0.63 5.04
CA ARG A 17 -6.66 1.65 5.16
C ARG A 17 -5.55 1.41 4.14
N LEU A 18 -4.73 2.42 3.91
CA LEU A 18 -3.68 2.33 2.92
C LEU A 18 -2.31 2.43 3.58
N GLU A 19 -1.56 1.33 3.51
CA GLU A 19 -0.18 1.30 4.00
C GLU A 19 0.76 1.57 2.85
N TYR A 20 1.68 2.51 3.02
CA TYR A 20 2.57 2.91 1.95
C TYR A 20 3.95 2.27 2.07
N HIS A 21 4.37 1.62 1.00
CA HIS A 21 5.70 1.04 0.90
C HIS A 21 6.65 2.13 0.39
N GLN A 22 7.33 2.78 1.32
CA GLN A 22 8.10 3.99 1.04
C GLN A 22 9.20 3.75 0.00
N ASP A 23 9.75 2.53 0.02
CA ASP A 23 10.83 2.15 -0.90
C ASP A 23 10.46 2.44 -2.35
N LYS A 24 9.29 1.97 -2.76
CA LYS A 24 8.87 2.08 -4.15
C LYS A 24 7.75 3.09 -4.31
N GLN A 25 7.30 3.66 -3.18
CA GLN A 25 6.20 4.62 -3.16
C GLN A 25 4.93 4.00 -3.73
N GLU A 26 4.57 2.84 -3.21
CA GLU A 26 3.36 2.15 -3.63
C GLU A 26 2.43 1.96 -2.43
N LEU A 27 1.13 2.11 -2.65
CA LEU A 27 0.15 1.85 -1.62
C LEU A 27 -0.23 0.38 -1.62
N TRP A 28 -0.05 -0.27 -0.50
CA TRP A 28 -0.29 -1.70 -0.40
C TRP A 28 -1.69 -1.99 0.10
N SER A 29 -2.56 -2.41 -0.81
CA SER A 29 -3.88 -2.85 -0.45
C SER A 29 -3.91 -4.37 -0.37
N ARG A 30 -3.36 -4.89 0.72
CA ARG A 30 -3.20 -6.33 0.89
C ARG A 30 -4.56 -7.02 0.98
N GLN A 31 -5.59 -6.24 1.32
CA GLN A 31 -6.94 -6.73 1.37
C GLN A 31 -7.39 -7.23 0.00
N ALA A 32 -6.92 -6.55 -1.04
CA ALA A 32 -7.29 -6.90 -2.41
C ALA A 32 -6.09 -7.46 -3.17
N LYS A 33 -4.96 -7.57 -2.46
CA LYS A 33 -3.71 -8.08 -3.03
C LYS A 33 -3.22 -7.20 -4.17
N LEU A 34 -3.46 -5.90 -4.09
CA LEU A 34 -3.01 -4.98 -5.14
C LEU A 34 -2.18 -3.86 -4.56
N ALA A 35 -1.59 -3.07 -5.44
CA ALA A 35 -0.79 -1.92 -5.06
C ALA A 35 -0.98 -0.79 -6.05
N TYR A 36 -1.14 0.43 -5.56
CA TYR A 36 -1.33 1.58 -6.43
C TYR A 36 -0.05 2.40 -6.50
N PRO A 37 0.23 2.97 -7.68
CA PRO A 37 1.38 3.87 -7.87
C PRO A 37 1.15 5.23 -7.22
N ILE A 38 2.19 5.78 -6.60
CA ILE A 38 2.07 7.06 -5.92
C ILE A 38 3.08 8.07 -6.43
N LYS A 39 2.59 9.23 -6.85
CA LYS A 39 3.46 10.35 -7.22
C LYS A 39 2.87 11.65 -6.66
N ASP A 40 3.71 12.39 -5.94
CA ASP A 40 3.31 13.68 -5.34
C ASP A 40 2.23 13.49 -4.28
N GLY A 41 2.07 12.26 -3.83
CA GLY A 41 1.02 11.94 -2.88
C GLY A 41 -0.34 11.86 -3.55
N ILE A 42 -0.33 11.71 -4.87
CA ILE A 42 -1.55 11.58 -5.65
C ILE A 42 -1.73 10.15 -6.14
N PRO A 43 -2.40 9.31 -5.34
CA PRO A 43 -2.59 7.88 -5.65
C PRO A 43 -3.27 7.66 -7.00
N TYR A 44 -2.87 6.60 -7.69
CA TYR A 44 -3.48 6.21 -8.94
C TYR A 44 -4.27 4.93 -8.74
N MET A 45 -5.48 5.06 -8.21
CA MET A 45 -6.35 3.91 -7.98
C MET A 45 -7.02 3.46 -9.29
N LEU A 46 -6.21 3.19 -10.28
CA LEU A 46 -6.68 2.72 -11.57
C LEU A 46 -6.49 1.21 -11.64
N GLU A 47 -7.59 0.46 -11.59
CA GLU A 47 -7.54 -1.00 -11.51
C GLU A 47 -6.64 -1.61 -12.58
N ASN A 48 -6.74 -1.10 -13.81
CA ASN A 48 -6.00 -1.64 -14.94
C ASN A 48 -4.52 -1.32 -14.87
N GLU A 49 -4.19 -0.16 -14.32
CA GLU A 49 -2.81 0.30 -14.32
C GLU A 49 -2.11 0.00 -13.00
N ALA A 50 -2.88 -0.23 -11.95
CA ALA A 50 -2.34 -0.70 -10.69
C ALA A 50 -1.83 -2.13 -10.84
N ARG A 51 -0.92 -2.55 -9.99
CA ARG A 51 -0.34 -3.87 -10.12
C ARG A 51 -0.62 -4.71 -8.89
N PRO A 52 -0.83 -6.02 -9.08
CA PRO A 52 -1.07 -6.94 -7.98
C PRO A 52 0.19 -7.22 -7.17
N LEU A 53 -0.01 -7.57 -5.92
CA LEU A 53 1.09 -7.86 -5.02
C LEU A 53 1.44 -9.32 -5.11
N SER A 54 2.72 -9.61 -4.99
CA SER A 54 3.13 -10.99 -4.95
C SER A 54 3.05 -11.51 -3.53
N GLU A 55 3.13 -12.81 -3.39
CA GLU A 55 3.02 -13.48 -2.11
C GLU A 55 4.11 -13.00 -1.16
N GLU A 56 5.31 -12.90 -1.70
CA GLU A 56 6.46 -12.38 -0.95
C GLU A 56 6.14 -11.00 -0.38
N GLU A 57 5.63 -10.11 -1.23
CA GLU A 57 5.21 -8.78 -0.81
C GLU A 57 4.12 -8.84 0.25
N LEU A 58 3.06 -9.59 -0.05
CA LEU A 58 1.97 -9.85 0.89
C LEU A 58 2.50 -10.26 2.28
N LYS A 59 3.48 -11.16 2.27
CA LYS A 59 4.09 -11.66 3.49
C LYS A 59 5.05 -10.66 4.11
N ALA A 60 5.58 -9.77 3.29
CA ALA A 60 6.62 -8.84 3.72
C ALA A 60 6.05 -7.55 4.32
N LEU A 61 4.99 -7.68 5.11
CA LEU A 61 4.44 -6.53 5.83
C LEU A 61 5.19 -6.35 7.14
N GLU A 62 6.16 -7.21 7.33
CA GLU A 62 7.01 -7.21 8.50
C GLU A 62 8.28 -6.41 8.21
N HIS A 63 8.64 -5.52 9.11
CA HIS A 63 9.83 -4.71 8.93
C HIS A 63 11.07 -5.49 9.34
N HIS A 64 11.92 -5.78 8.36
CA HIS A 64 13.13 -6.57 8.58
C HIS A 64 14.31 -5.66 8.93
N HIS A 65 13.97 -4.44 9.38
CA HIS A 65 14.93 -3.34 9.56
C HIS A 65 15.30 -2.78 8.20
N HIS A 66 15.94 -1.62 8.18
CA HIS A 66 16.47 -1.11 6.92
C HIS A 66 17.93 -1.54 6.78
N HIS A 67 18.31 -1.89 5.57
CA HIS A 67 19.58 -2.57 5.30
C HIS A 67 19.58 -3.96 5.94
N HIS A 68 18.80 -4.85 5.34
CA HIS A 68 18.76 -6.26 5.74
C HIS A 68 17.87 -7.02 4.77
N MET A 1 8.02 4.94 10.99
CA MET A 1 7.09 6.08 10.87
C MET A 1 6.07 6.08 11.99
N GLU A 2 5.60 7.25 12.36
CA GLU A 2 4.63 7.41 13.44
C GLU A 2 3.25 7.79 12.90
N LYS A 3 3.01 7.47 11.64
CA LYS A 3 1.75 7.75 11.00
C LYS A 3 0.73 6.64 11.29
N LYS A 4 -0.33 6.99 12.01
CA LYS A 4 -1.38 6.03 12.32
C LYS A 4 -2.69 6.77 12.63
N PHE A 5 -2.96 7.82 11.90
CA PHE A 5 -4.19 8.58 12.08
C PHE A 5 -4.46 9.50 10.88
N LEU A 6 -3.56 10.44 10.66
CA LEU A 6 -3.68 11.39 9.56
C LEU A 6 -3.18 10.79 8.25
N ASP A 7 -2.84 9.52 8.30
CA ASP A 7 -2.34 8.83 7.13
C ASP A 7 -2.72 7.35 7.21
N ILE A 8 -3.99 7.08 6.90
CA ILE A 8 -4.53 5.72 6.95
C ILE A 8 -5.46 5.50 5.76
N LEU A 9 -5.09 6.09 4.64
CA LEU A 9 -5.91 6.06 3.42
C LEU A 9 -6.16 4.63 2.96
N VAL A 10 -7.40 4.36 2.56
CA VAL A 10 -7.79 3.03 2.11
C VAL A 10 -8.32 3.08 0.68
N CYS A 11 -8.42 1.91 0.05
CA CYS A 11 -8.96 1.83 -1.31
C CYS A 11 -10.47 1.66 -1.28
N PRO A 12 -11.19 2.26 -2.24
CA PRO A 12 -12.65 2.17 -2.31
C PRO A 12 -13.12 0.80 -2.77
N VAL A 13 -12.16 -0.07 -3.12
CA VAL A 13 -12.46 -1.39 -3.62
C VAL A 13 -12.96 -2.31 -2.51
N THR A 14 -12.16 -2.44 -1.45
CA THR A 14 -12.50 -3.32 -0.35
C THR A 14 -12.19 -2.65 0.99
N LYS A 15 -11.98 -1.33 0.93
CA LYS A 15 -11.62 -0.54 2.11
C LYS A 15 -10.32 -1.03 2.74
N GLY A 16 -9.46 -1.60 1.91
CA GLY A 16 -8.15 -2.03 2.37
C GLY A 16 -7.17 -0.88 2.42
N ARG A 17 -6.32 -0.88 3.42
CA ARG A 17 -5.37 0.19 3.65
C ARG A 17 -4.29 0.25 2.57
N LEU A 18 -3.59 1.38 2.55
CA LEU A 18 -2.52 1.61 1.60
C LEU A 18 -1.23 1.97 2.29
N GLU A 19 -0.24 1.11 2.17
CA GLU A 19 1.08 1.38 2.69
C GLU A 19 1.92 1.97 1.58
N TYR A 20 1.82 3.28 1.38
CA TYR A 20 2.50 3.90 0.25
C TYR A 20 3.81 4.53 0.68
N HIS A 21 4.76 4.55 -0.24
CA HIS A 21 6.08 5.09 0.03
C HIS A 21 6.62 5.83 -1.18
N GLN A 22 7.56 6.72 -0.92
CA GLN A 22 8.19 7.52 -1.97
C GLN A 22 9.20 6.65 -2.73
N ASP A 23 10.09 7.30 -3.48
CA ASP A 23 11.16 6.61 -4.23
C ASP A 23 10.62 5.95 -5.48
N LYS A 24 9.69 5.01 -5.31
CA LYS A 24 9.11 4.31 -6.44
C LYS A 24 7.65 4.72 -6.62
N GLN A 25 7.21 5.65 -5.77
CA GLN A 25 5.84 6.14 -5.78
C GLN A 25 4.83 5.00 -5.90
N GLU A 26 4.86 4.08 -4.93
CA GLU A 26 4.00 2.92 -4.97
C GLU A 26 2.96 2.95 -3.85
N LEU A 27 1.71 2.65 -4.21
CA LEU A 27 0.66 2.41 -3.24
C LEU A 27 0.59 0.92 -2.95
N TRP A 28 1.09 0.49 -1.81
CA TRP A 28 1.09 -0.93 -1.47
C TRP A 28 -0.15 -1.28 -0.70
N SER A 29 -1.09 -1.94 -1.35
CA SER A 29 -2.26 -2.41 -0.66
C SER A 29 -2.14 -3.91 -0.48
N ARG A 30 -1.53 -4.30 0.63
CA ARG A 30 -1.34 -5.71 0.93
C ARG A 30 -2.69 -6.41 1.04
N GLN A 31 -3.70 -5.64 1.46
CA GLN A 31 -5.04 -6.15 1.61
C GLN A 31 -5.71 -6.39 0.26
N ALA A 32 -5.28 -5.65 -0.76
CA ALA A 32 -5.81 -5.83 -2.11
C ALA A 32 -4.89 -6.72 -2.91
N LYS A 33 -3.73 -7.02 -2.32
CA LYS A 33 -2.71 -7.88 -2.92
C LYS A 33 -2.12 -7.22 -4.16
N LEU A 34 -2.24 -5.90 -4.22
CA LEU A 34 -1.80 -5.15 -5.39
C LEU A 34 -1.02 -3.91 -4.98
N ALA A 35 -0.49 -3.22 -5.98
CA ALA A 35 0.23 -1.99 -5.79
C ALA A 35 -0.18 -0.99 -6.86
N TYR A 36 -0.70 0.15 -6.43
CA TYR A 36 -1.20 1.17 -7.34
C TYR A 36 -0.15 2.27 -7.55
N PRO A 37 -0.18 2.95 -8.70
CA PRO A 37 0.80 4.01 -9.00
C PRO A 37 0.49 5.33 -8.29
N ILE A 38 1.56 6.02 -7.88
CA ILE A 38 1.46 7.35 -7.31
C ILE A 38 2.07 8.38 -8.24
N LYS A 39 1.31 9.41 -8.57
CA LYS A 39 1.81 10.48 -9.38
C LYS A 39 2.09 11.72 -8.55
N ASP A 40 3.26 11.74 -7.92
CA ASP A 40 3.73 12.88 -7.12
C ASP A 40 2.73 13.23 -6.02
N GLY A 41 2.17 12.22 -5.38
CA GLY A 41 1.24 12.44 -4.30
C GLY A 41 -0.20 12.31 -4.73
N ILE A 42 -0.40 12.04 -6.01
CA ILE A 42 -1.73 11.84 -6.58
C ILE A 42 -1.98 10.35 -6.85
N PRO A 43 -2.55 9.63 -5.85
CA PRO A 43 -2.83 8.20 -5.96
C PRO A 43 -3.77 7.86 -7.12
N TYR A 44 -3.50 6.75 -7.80
CA TYR A 44 -4.36 6.30 -8.89
C TYR A 44 -4.68 4.82 -8.75
N MET A 45 -5.80 4.54 -8.12
CA MET A 45 -6.30 3.18 -8.00
C MET A 45 -6.92 2.76 -9.32
N LEU A 46 -6.07 2.57 -10.32
CA LEU A 46 -6.53 2.20 -11.64
C LEU A 46 -6.16 0.76 -11.95
N GLU A 47 -7.11 0.01 -12.49
CA GLU A 47 -6.99 -1.43 -12.61
C GLU A 47 -5.86 -1.84 -13.55
N ASN A 48 -5.77 -1.19 -14.70
CA ASN A 48 -4.83 -1.60 -15.73
C ASN A 48 -3.41 -1.17 -15.37
N GLU A 49 -3.29 -0.20 -14.48
CA GLU A 49 -2.00 0.32 -14.09
C GLU A 49 -1.52 -0.27 -12.77
N ALA A 50 -2.47 -0.73 -11.94
CA ALA A 50 -2.14 -1.44 -10.72
C ALA A 50 -1.31 -2.69 -11.01
N ARG A 51 -0.26 -2.90 -10.23
CA ARG A 51 0.60 -4.05 -10.39
C ARG A 51 0.36 -5.04 -9.24
N PRO A 52 0.42 -6.34 -9.51
CA PRO A 52 0.27 -7.36 -8.47
C PRO A 52 1.52 -7.49 -7.58
N LEU A 53 1.35 -7.93 -6.35
CA LEU A 53 2.46 -8.17 -5.46
C LEU A 53 2.75 -9.66 -5.39
N SER A 54 3.91 -10.00 -4.85
CA SER A 54 4.26 -11.40 -4.64
C SER A 54 3.99 -11.78 -3.20
N GLU A 55 4.05 -13.07 -2.92
CA GLU A 55 3.82 -13.58 -1.59
C GLU A 55 4.87 -13.04 -0.62
N GLU A 56 6.09 -12.87 -1.12
CA GLU A 56 7.16 -12.29 -0.34
C GLU A 56 6.81 -10.88 0.09
N GLU A 57 6.36 -10.06 -0.87
CA GLU A 57 5.92 -8.71 -0.60
C GLU A 57 4.73 -8.71 0.35
N LEU A 58 3.71 -9.47 -0.01
CA LEU A 58 2.52 -9.65 0.82
C LEU A 58 2.86 -10.08 2.25
N LYS A 59 3.78 -11.02 2.38
CA LYS A 59 4.20 -11.53 3.67
C LYS A 59 4.94 -10.47 4.48
N ALA A 60 5.47 -9.47 3.79
CA ALA A 60 6.15 -8.35 4.44
C ALA A 60 5.13 -7.29 4.86
N LEU A 61 4.02 -7.77 5.42
CA LEU A 61 2.89 -6.92 5.79
C LEU A 61 3.12 -6.21 7.11
N GLU A 62 4.33 -6.35 7.62
CA GLU A 62 4.72 -5.85 8.94
C GLU A 62 3.83 -6.38 10.03
N HIS A 63 4.35 -7.37 10.69
CA HIS A 63 3.63 -8.05 11.76
C HIS A 63 3.94 -7.39 13.09
N HIS A 64 5.22 -7.10 13.31
CA HIS A 64 5.64 -6.40 14.51
C HIS A 64 6.04 -4.98 14.16
N HIS A 65 5.29 -4.02 14.71
CA HIS A 65 5.49 -2.61 14.39
C HIS A 65 6.70 -2.06 15.13
N HIS A 66 7.89 -2.34 14.59
CA HIS A 66 9.16 -1.97 15.22
C HIS A 66 9.23 -2.49 16.65
N HIS A 67 9.53 -3.77 16.76
CA HIS A 67 9.59 -4.44 18.05
C HIS A 67 10.66 -5.52 17.99
N HIS A 68 11.58 -5.49 18.94
CA HIS A 68 12.63 -6.49 19.00
C HIS A 68 12.18 -7.63 19.91
N MET A 1 4.08 5.75 16.51
CA MET A 1 2.91 4.87 16.33
C MET A 1 1.79 5.62 15.61
N GLU A 2 1.75 6.94 15.83
CA GLU A 2 0.88 7.83 15.07
C GLU A 2 -0.60 7.54 15.30
N LYS A 3 -1.45 8.21 14.54
CA LYS A 3 -2.89 8.03 14.63
C LYS A 3 -3.36 7.42 13.31
N LYS A 4 -4.66 7.48 13.05
CA LYS A 4 -5.19 7.08 11.76
C LYS A 4 -5.35 8.31 10.85
N PHE A 5 -4.64 9.37 11.20
CA PHE A 5 -4.71 10.63 10.47
C PHE A 5 -4.09 10.48 9.08
N LEU A 6 -3.11 9.58 8.96
CA LEU A 6 -2.46 9.34 7.69
C LEU A 6 -3.18 8.24 6.91
N ASP A 7 -4.05 7.51 7.61
CA ASP A 7 -4.75 6.37 7.02
C ASP A 7 -6.19 6.76 6.67
N ILE A 8 -6.43 8.07 6.60
CA ILE A 8 -7.75 8.58 6.24
C ILE A 8 -8.07 8.29 4.77
N LEU A 9 -7.03 7.94 4.02
CA LEU A 9 -7.18 7.57 2.63
C LEU A 9 -7.05 6.06 2.50
N VAL A 10 -8.16 5.41 2.24
CA VAL A 10 -8.19 3.96 2.15
C VAL A 10 -8.61 3.53 0.74
N CYS A 11 -8.45 2.24 0.46
CA CYS A 11 -8.82 1.68 -0.84
C CYS A 11 -10.31 1.93 -1.13
N PRO A 12 -10.65 2.20 -2.40
CA PRO A 12 -12.04 2.43 -2.79
C PRO A 12 -12.83 1.12 -2.86
N VAL A 13 -12.11 0.00 -2.92
CA VAL A 13 -12.73 -1.30 -3.06
C VAL A 13 -13.09 -1.88 -1.68
N THR A 14 -12.10 -2.28 -0.92
CA THR A 14 -12.33 -2.96 0.35
C THR A 14 -12.12 -2.03 1.54
N LYS A 15 -11.74 -0.78 1.26
CA LYS A 15 -11.46 0.25 2.27
C LYS A 15 -10.64 -0.30 3.44
N GLY A 16 -9.36 -0.48 3.19
CA GLY A 16 -8.46 -0.98 4.22
C GLY A 16 -7.17 -0.20 4.28
N ARG A 17 -6.32 -0.54 5.24
CA ARG A 17 -5.05 0.13 5.45
C ARG A 17 -4.17 0.07 4.19
N LEU A 18 -3.44 1.14 3.95
CA LEU A 18 -2.50 1.19 2.83
C LEU A 18 -1.06 1.01 3.32
N GLU A 19 -0.40 -0.02 2.81
CA GLU A 19 0.98 -0.29 3.14
C GLU A 19 1.88 0.51 2.19
N TYR A 20 2.24 1.72 2.59
CA TYR A 20 3.03 2.60 1.74
C TYR A 20 4.53 2.41 2.00
N HIS A 21 5.27 2.19 0.92
CA HIS A 21 6.72 2.08 1.02
C HIS A 21 7.37 2.90 -0.10
N GLN A 22 8.07 3.95 0.29
CA GLN A 22 8.67 4.85 -0.67
C GLN A 22 9.99 4.31 -1.20
N ASP A 23 9.87 3.45 -2.20
CA ASP A 23 11.03 2.93 -2.93
C ASP A 23 10.61 2.59 -4.35
N LYS A 24 9.63 1.72 -4.48
CA LYS A 24 9.02 1.42 -5.78
C LYS A 24 7.84 2.36 -6.00
N GLN A 25 7.63 3.25 -5.03
CA GLN A 25 6.50 4.17 -5.00
C GLN A 25 5.19 3.42 -5.20
N GLU A 26 4.93 2.46 -4.33
CA GLU A 26 3.73 1.65 -4.41
C GLU A 26 2.88 1.77 -3.16
N LEU A 27 1.57 1.87 -3.36
CA LEU A 27 0.60 1.72 -2.28
C LEU A 27 0.12 0.29 -2.23
N TRP A 28 0.49 -0.44 -1.20
CA TRP A 28 0.11 -1.84 -1.10
C TRP A 28 -1.19 -1.99 -0.34
N SER A 29 -2.23 -2.35 -1.06
CA SER A 29 -3.54 -2.55 -0.45
C SER A 29 -3.66 -3.97 0.07
N ARG A 30 -3.21 -4.15 1.31
CA ARG A 30 -3.10 -5.48 1.91
C ARG A 30 -4.44 -6.20 1.91
N GLN A 31 -5.52 -5.45 2.08
CA GLN A 31 -6.84 -6.01 2.19
C GLN A 31 -7.36 -6.54 0.86
N ALA A 32 -6.73 -6.13 -0.24
CA ALA A 32 -7.13 -6.57 -1.56
C ALA A 32 -6.05 -7.41 -2.21
N LYS A 33 -4.87 -7.43 -1.58
CA LYS A 33 -3.69 -8.15 -2.09
C LYS A 33 -3.20 -7.55 -3.40
N LEU A 34 -3.49 -6.27 -3.61
CA LEU A 34 -3.06 -5.57 -4.80
C LEU A 34 -2.40 -4.27 -4.40
N ALA A 35 -1.85 -3.57 -5.38
CA ALA A 35 -1.16 -2.31 -5.10
C ALA A 35 -1.40 -1.32 -6.22
N TYR A 36 -1.20 -0.05 -5.92
CA TYR A 36 -1.37 1.01 -6.90
C TYR A 36 -0.14 1.91 -6.93
N PRO A 37 0.23 2.42 -8.10
CA PRO A 37 1.41 3.28 -8.27
C PRO A 37 1.26 4.66 -7.61
N ILE A 38 2.35 5.14 -7.04
CA ILE A 38 2.42 6.46 -6.43
C ILE A 38 3.38 7.35 -7.22
N LYS A 39 2.95 8.57 -7.50
CA LYS A 39 3.82 9.53 -8.16
C LYS A 39 4.22 10.62 -7.18
N ASP A 40 5.04 10.25 -6.20
CA ASP A 40 5.47 11.13 -5.12
C ASP A 40 4.29 11.86 -4.49
N GLY A 41 3.39 11.09 -3.88
CA GLY A 41 2.25 11.67 -3.19
C GLY A 41 1.02 11.73 -4.05
N ILE A 42 1.16 11.34 -5.30
CA ILE A 42 0.04 11.32 -6.25
C ILE A 42 -0.44 9.88 -6.46
N PRO A 43 -1.40 9.42 -5.64
CA PRO A 43 -1.90 8.04 -5.69
C PRO A 43 -2.70 7.75 -6.97
N TYR A 44 -2.11 6.95 -7.85
CA TYR A 44 -2.80 6.53 -9.06
C TYR A 44 -3.44 5.18 -8.86
N MET A 45 -4.55 5.19 -8.15
CA MET A 45 -5.30 3.98 -7.88
C MET A 45 -6.11 3.57 -9.10
N LEU A 46 -5.39 3.10 -10.12
CA LEU A 46 -6.00 2.65 -11.34
C LEU A 46 -5.83 1.14 -11.50
N GLU A 47 -6.95 0.45 -11.65
CA GLU A 47 -6.93 -1.00 -11.85
C GLU A 47 -6.29 -1.36 -13.18
N ASN A 48 -6.36 -0.43 -14.12
CA ASN A 48 -5.75 -0.61 -15.44
C ASN A 48 -4.24 -0.79 -15.32
N GLU A 49 -3.65 -0.16 -14.32
CA GLU A 49 -2.23 -0.24 -14.10
C GLU A 49 -1.94 -1.40 -13.17
N ALA A 50 -2.31 -1.20 -11.90
CA ALA A 50 -2.17 -2.21 -10.84
C ALA A 50 -0.73 -2.72 -10.65
N ARG A 51 -0.35 -2.88 -9.39
CA ARG A 51 0.91 -3.49 -9.03
C ARG A 51 0.64 -4.75 -8.21
N PRO A 52 0.45 -5.89 -8.89
CA PRO A 52 0.04 -7.14 -8.22
C PRO A 52 1.15 -7.73 -7.35
N LEU A 53 0.74 -8.32 -6.24
CA LEU A 53 1.63 -8.98 -5.32
C LEU A 53 1.62 -10.48 -5.58
N SER A 54 2.75 -11.12 -5.35
CA SER A 54 2.83 -12.56 -5.43
C SER A 54 2.58 -13.18 -4.06
N GLU A 55 2.38 -14.48 -4.01
CA GLU A 55 2.11 -15.17 -2.76
C GLU A 55 3.32 -15.11 -1.82
N GLU A 56 4.51 -15.30 -2.39
CA GLU A 56 5.74 -15.15 -1.63
C GLU A 56 5.81 -13.78 -0.96
N GLU A 57 5.44 -12.75 -1.72
CA GLU A 57 5.33 -11.41 -1.19
C GLU A 57 4.36 -11.36 -0.03
N LEU A 58 3.16 -11.88 -0.26
CA LEU A 58 2.13 -11.99 0.76
C LEU A 58 2.64 -12.73 2.00
N LYS A 59 3.35 -13.81 1.76
CA LYS A 59 3.95 -14.63 2.82
C LYS A 59 4.88 -13.80 3.69
N ALA A 60 5.56 -12.83 3.08
CA ALA A 60 6.51 -12.00 3.78
C ALA A 60 6.05 -10.54 3.81
N LEU A 61 4.79 -10.33 4.17
CA LEU A 61 4.21 -8.98 4.19
C LEU A 61 4.51 -8.28 5.51
N GLU A 62 5.44 -8.84 6.23
CA GLU A 62 5.82 -8.34 7.54
C GLU A 62 6.68 -7.09 7.41
N HIS A 63 6.44 -6.12 8.28
CA HIS A 63 7.17 -4.87 8.27
C HIS A 63 8.31 -4.90 9.27
N HIS A 64 9.52 -4.69 8.78
CA HIS A 64 10.70 -4.67 9.63
C HIS A 64 11.02 -3.23 10.02
N HIS A 65 10.86 -2.93 11.30
CA HIS A 65 11.01 -1.56 11.79
C HIS A 65 12.44 -1.26 12.22
N HIS A 66 13.10 -0.37 11.49
CA HIS A 66 14.41 0.13 11.88
C HIS A 66 14.65 1.49 11.21
N HIS A 67 14.06 1.67 10.04
CA HIS A 67 14.14 2.95 9.33
C HIS A 67 12.77 3.60 9.25
N HIS A 68 12.76 4.93 9.18
CA HIS A 68 11.53 5.68 8.96
C HIS A 68 11.87 7.05 8.38
N MET A 1 5.99 15.86 15.95
CA MET A 1 5.87 15.94 14.49
C MET A 1 4.63 15.19 14.04
N GLU A 2 3.50 15.86 14.06
CA GLU A 2 2.22 15.22 13.85
C GLU A 2 1.68 15.49 12.45
N LYS A 3 1.90 14.54 11.56
CA LYS A 3 1.31 14.57 10.23
C LYS A 3 0.62 13.24 9.98
N LYS A 4 0.34 12.57 11.07
CA LYS A 4 -0.39 11.30 11.08
C LYS A 4 -1.87 11.52 10.74
N PHE A 5 -2.12 12.01 9.54
CA PHE A 5 -3.49 12.25 9.07
C PHE A 5 -3.70 11.61 7.71
N LEU A 6 -2.68 11.68 6.88
CA LEU A 6 -2.72 11.06 5.56
C LEU A 6 -2.08 9.67 5.61
N ASP A 7 -1.56 9.33 6.78
CA ASP A 7 -0.84 8.08 6.98
C ASP A 7 -1.83 6.92 7.18
N ILE A 8 -3.08 7.27 7.46
CA ILE A 8 -4.09 6.28 7.77
C ILE A 8 -4.97 5.97 6.55
N LEU A 9 -4.50 6.36 5.37
CA LEU A 9 -5.24 6.11 4.14
C LEU A 9 -5.30 4.61 3.84
N VAL A 10 -6.49 4.16 3.46
CA VAL A 10 -6.73 2.75 3.20
C VAL A 10 -7.30 2.55 1.80
N CYS A 11 -7.32 1.30 1.35
CA CYS A 11 -7.92 0.95 0.07
C CYS A 11 -9.44 1.01 0.20
N PRO A 12 -10.14 1.46 -0.87
CA PRO A 12 -11.61 1.58 -0.85
C PRO A 12 -12.30 0.23 -0.73
N VAL A 13 -11.75 -0.78 -1.39
CA VAL A 13 -12.37 -2.11 -1.40
C VAL A 13 -11.93 -2.94 -0.19
N THR A 14 -10.63 -3.21 -0.11
CA THR A 14 -10.10 -4.08 0.93
C THR A 14 -10.08 -3.41 2.30
N LYS A 15 -10.17 -2.07 2.31
CA LYS A 15 -10.26 -1.30 3.54
C LYS A 15 -9.02 -1.51 4.41
N GLY A 16 -7.87 -1.65 3.76
CA GLY A 16 -6.62 -1.86 4.47
C GLY A 16 -5.61 -0.77 4.19
N ARG A 17 -4.73 -0.52 5.16
CA ARG A 17 -3.70 0.50 5.09
C ARG A 17 -2.81 0.35 3.85
N LEU A 18 -2.19 1.46 3.48
CA LEU A 18 -1.29 1.52 2.32
C LEU A 18 0.16 1.69 2.77
N GLU A 19 0.99 0.70 2.47
CA GLU A 19 2.42 0.79 2.77
C GLU A 19 3.14 1.30 1.51
N TYR A 20 3.39 2.59 1.42
CA TYR A 20 3.96 3.14 0.19
C TYR A 20 5.48 3.04 0.19
N HIS A 21 6.04 2.85 -1.01
CA HIS A 21 7.49 2.76 -1.16
C HIS A 21 7.99 3.90 -2.03
N GLN A 22 9.19 4.39 -1.71
CA GLN A 22 9.78 5.52 -2.41
C GLN A 22 10.25 5.13 -3.81
N ASP A 23 10.90 6.09 -4.48
CA ASP A 23 11.50 5.89 -5.81
C ASP A 23 10.45 5.87 -6.91
N LYS A 24 9.53 4.92 -6.86
CA LYS A 24 8.52 4.81 -7.90
C LYS A 24 7.15 5.28 -7.38
N GLN A 25 7.12 5.66 -6.11
CA GLN A 25 5.90 6.17 -5.47
C GLN A 25 4.70 5.23 -5.66
N GLU A 26 4.92 3.94 -5.49
CA GLU A 26 3.83 2.98 -5.58
C GLU A 26 3.36 2.56 -4.20
N LEU A 27 2.05 2.45 -4.05
CA LEU A 27 1.44 2.03 -2.78
C LEU A 27 1.36 0.52 -2.72
N TRP A 28 1.96 -0.07 -1.69
CA TRP A 28 1.95 -1.52 -1.56
C TRP A 28 0.79 -1.94 -0.69
N SER A 29 -0.23 -2.47 -1.31
CA SER A 29 -1.43 -2.87 -0.62
C SER A 29 -1.38 -4.36 -0.31
N ARG A 30 -0.85 -4.70 0.87
CA ARG A 30 -0.73 -6.09 1.27
C ARG A 30 -2.11 -6.76 1.31
N GLN A 31 -3.12 -5.99 1.64
CA GLN A 31 -4.48 -6.49 1.76
C GLN A 31 -5.06 -6.87 0.41
N ALA A 32 -4.57 -6.23 -0.65
CA ALA A 32 -5.08 -6.49 -2.00
C ALA A 32 -4.07 -7.28 -2.82
N LYS A 33 -2.86 -7.39 -2.28
CA LYS A 33 -1.74 -8.05 -2.96
C LYS A 33 -1.38 -7.31 -4.25
N LEU A 34 -1.65 -6.01 -4.27
CA LEU A 34 -1.39 -5.20 -5.44
C LEU A 34 -0.63 -3.94 -5.06
N ALA A 35 -0.23 -3.20 -6.07
CA ALA A 35 0.49 -1.94 -5.91
C ALA A 35 -0.06 -0.89 -6.86
N TYR A 36 -0.47 0.23 -6.31
CA TYR A 36 -1.06 1.29 -7.11
C TYR A 36 -0.09 2.47 -7.22
N PRO A 37 -0.03 3.14 -8.38
CA PRO A 37 0.87 4.25 -8.59
C PRO A 37 0.34 5.58 -8.07
N ILE A 38 1.23 6.38 -7.50
CA ILE A 38 0.90 7.70 -7.00
C ILE A 38 1.53 8.78 -7.88
N LYS A 39 0.72 9.68 -8.40
CA LYS A 39 1.22 10.79 -9.21
C LYS A 39 1.06 12.10 -8.46
N ASP A 40 2.03 12.43 -7.62
CA ASP A 40 2.04 13.69 -6.86
C ASP A 40 0.83 13.77 -5.92
N GLY A 41 0.40 12.64 -5.41
CA GLY A 41 -0.74 12.61 -4.52
C GLY A 41 -2.02 12.26 -5.24
N ILE A 42 -1.89 11.78 -6.47
CA ILE A 42 -3.02 11.30 -7.25
C ILE A 42 -3.00 9.77 -7.31
N PRO A 43 -3.66 9.11 -6.35
CA PRO A 43 -3.70 7.65 -6.27
C PRO A 43 -4.46 7.04 -7.45
N TYR A 44 -3.77 6.25 -8.26
CA TYR A 44 -4.40 5.60 -9.39
C TYR A 44 -4.74 4.16 -9.05
N MET A 45 -5.83 3.99 -8.33
CA MET A 45 -6.34 2.65 -7.99
C MET A 45 -7.00 2.01 -9.21
N LEU A 46 -6.20 1.74 -10.23
CA LEU A 46 -6.69 1.14 -11.44
C LEU A 46 -6.19 -0.29 -11.52
N GLU A 47 -7.05 -1.23 -11.15
CA GLU A 47 -6.68 -2.64 -11.10
C GLU A 47 -6.15 -3.14 -12.44
N ASN A 48 -6.63 -2.54 -13.51
CA ASN A 48 -6.19 -2.87 -14.87
C ASN A 48 -4.71 -2.56 -15.07
N GLU A 49 -4.23 -1.54 -14.39
CA GLU A 49 -2.87 -1.06 -14.58
C GLU A 49 -2.00 -1.25 -13.35
N ALA A 50 -2.64 -1.45 -12.20
CA ALA A 50 -1.94 -1.75 -10.95
C ALA A 50 -1.09 -3.01 -11.07
N ARG A 51 0.01 -3.02 -10.34
CA ARG A 51 0.94 -4.13 -10.36
C ARG A 51 0.60 -5.12 -9.26
N PRO A 52 0.89 -6.41 -9.47
CA PRO A 52 0.75 -7.43 -8.44
C PRO A 52 1.96 -7.44 -7.50
N LEU A 53 1.73 -7.74 -6.23
CA LEU A 53 2.80 -7.80 -5.27
C LEU A 53 3.30 -9.22 -5.11
N SER A 54 4.60 -9.34 -4.98
CA SER A 54 5.22 -10.62 -4.74
C SER A 54 5.16 -10.93 -3.25
N GLU A 55 5.28 -12.21 -2.91
CA GLU A 55 5.21 -12.64 -1.53
C GLU A 55 6.27 -11.98 -0.66
N GLU A 56 7.48 -11.93 -1.18
CA GLU A 56 8.58 -11.26 -0.52
C GLU A 56 8.23 -9.82 -0.22
N GLU A 57 7.68 -9.14 -1.22
CA GLU A 57 7.23 -7.76 -1.09
C GLU A 57 6.18 -7.65 0.01
N LEU A 58 5.15 -8.48 -0.10
CA LEU A 58 4.13 -8.62 0.93
C LEU A 58 4.75 -8.83 2.32
N LYS A 59 5.75 -9.70 2.38
CA LYS A 59 6.44 -10.03 3.61
C LYS A 59 7.24 -8.85 4.16
N ALA A 60 7.72 -8.00 3.27
CA ALA A 60 8.60 -6.91 3.66
C ALA A 60 7.81 -5.71 4.14
N LEU A 61 6.55 -5.95 4.44
CA LEU A 61 5.69 -4.92 4.99
C LEU A 61 5.27 -5.31 6.40
N GLU A 62 5.89 -6.37 6.87
CA GLU A 62 5.58 -7.00 8.16
C GLU A 62 4.20 -7.67 8.13
N HIS A 63 4.12 -8.83 8.72
CA HIS A 63 2.83 -9.45 8.97
C HIS A 63 2.21 -8.78 10.18
N HIS A 64 1.39 -7.76 9.94
CA HIS A 64 0.70 -7.07 11.02
C HIS A 64 -0.22 -8.05 11.73
N HIS A 65 0.30 -8.66 12.79
CA HIS A 65 -0.32 -9.82 13.41
C HIS A 65 0.01 -9.89 14.90
N HIS A 66 -0.95 -10.31 15.70
CA HIS A 66 -0.75 -10.44 17.14
C HIS A 66 -0.31 -11.86 17.47
N HIS A 67 0.88 -12.01 18.03
CA HIS A 67 1.39 -13.33 18.39
C HIS A 67 1.91 -13.33 19.82
N HIS A 68 0.98 -13.29 20.76
CA HIS A 68 1.26 -13.38 22.19
C HIS A 68 0.04 -12.87 22.95
N MET A 1 3.09 7.66 17.42
CA MET A 1 4.18 7.80 16.42
C MET A 1 3.61 8.27 15.10
N GLU A 2 4.48 8.52 14.11
CA GLU A 2 4.03 9.09 12.84
C GLU A 2 3.60 7.97 11.88
N LYS A 3 2.76 7.08 12.38
CA LYS A 3 2.10 6.09 11.57
C LYS A 3 0.59 6.18 11.80
N LYS A 4 0.20 7.21 12.54
CA LYS A 4 -1.20 7.42 12.89
C LYS A 4 -1.73 8.66 12.19
N PHE A 5 -3.00 8.60 11.79
CA PHE A 5 -3.73 9.73 11.21
C PHE A 5 -3.32 10.00 9.77
N LEU A 6 -2.02 10.08 9.50
CA LEU A 6 -1.55 10.41 8.16
C LEU A 6 -1.75 9.23 7.21
N ASP A 7 -1.67 8.03 7.74
CA ASP A 7 -1.73 6.81 6.93
C ASP A 7 -2.96 5.98 7.29
N ILE A 8 -4.00 6.62 7.79
CA ILE A 8 -5.25 5.93 8.09
C ILE A 8 -6.12 5.88 6.84
N LEU A 9 -5.49 6.13 5.70
CA LEU A 9 -6.18 6.15 4.43
C LEU A 9 -6.58 4.74 4.01
N VAL A 10 -7.79 4.61 3.51
CA VAL A 10 -8.25 3.33 2.99
C VAL A 10 -8.46 3.42 1.50
N CYS A 11 -8.41 2.29 0.82
CA CYS A 11 -8.64 2.26 -0.61
C CYS A 11 -10.14 2.29 -0.89
N PRO A 12 -10.58 3.01 -1.94
CA PRO A 12 -12.00 3.20 -2.25
C PRO A 12 -12.61 2.05 -3.06
N VAL A 13 -11.77 1.12 -3.48
CA VAL A 13 -12.23 0.00 -4.28
C VAL A 13 -12.39 -1.25 -3.43
N THR A 14 -11.28 -1.77 -2.95
CA THR A 14 -11.26 -3.00 -2.17
C THR A 14 -11.65 -2.75 -0.72
N LYS A 15 -11.73 -1.48 -0.33
CA LYS A 15 -12.15 -1.08 1.01
C LYS A 15 -11.28 -1.70 2.10
N GLY A 16 -10.14 -1.09 2.33
CA GLY A 16 -9.24 -1.56 3.35
C GLY A 16 -8.08 -0.62 3.56
N ARG A 17 -7.41 -0.73 4.70
CA ARG A 17 -6.28 0.11 5.03
C ARG A 17 -5.18 0.02 3.99
N LEU A 18 -4.45 1.10 3.87
CA LEU A 18 -3.30 1.17 3.00
C LEU A 18 -2.03 0.99 3.83
N GLU A 19 -0.89 1.18 3.19
CA GLU A 19 0.40 1.12 3.86
C GLU A 19 1.38 2.07 3.17
N TYR A 20 1.67 3.18 3.80
CA TYR A 20 2.59 4.15 3.22
C TYR A 20 4.03 3.70 3.40
N HIS A 21 4.62 3.18 2.32
CA HIS A 21 6.01 2.79 2.33
C HIS A 21 6.75 3.56 1.25
N GLN A 22 7.63 4.46 1.68
CA GLN A 22 8.28 5.39 0.78
C GLN A 22 9.47 4.74 0.08
N ASP A 23 9.18 3.83 -0.85
CA ASP A 23 10.22 3.20 -1.65
C ASP A 23 10.23 3.81 -3.05
N LYS A 24 9.20 3.48 -3.83
CA LYS A 24 9.02 4.06 -5.16
C LYS A 24 7.81 4.97 -5.17
N GLN A 25 7.51 5.56 -4.01
CA GLN A 25 6.27 6.30 -3.79
C GLN A 25 5.07 5.41 -4.09
N GLU A 26 4.84 4.45 -3.20
CA GLU A 26 3.82 3.43 -3.41
C GLU A 26 2.86 3.37 -2.22
N LEU A 27 1.62 3.01 -2.48
CA LEU A 27 0.67 2.68 -1.43
C LEU A 27 0.37 1.20 -1.47
N TRP A 28 0.65 0.52 -0.37
CA TRP A 28 0.54 -0.93 -0.32
C TRP A 28 -0.80 -1.33 0.27
N SER A 29 -1.62 -2.01 -0.52
CA SER A 29 -2.94 -2.40 -0.07
C SER A 29 -3.03 -3.91 0.06
N ARG A 30 -3.07 -4.39 1.30
CA ARG A 30 -3.25 -5.81 1.56
C ARG A 30 -4.58 -6.28 0.99
N GLN A 31 -5.59 -5.43 1.12
CA GLN A 31 -6.94 -5.76 0.70
C GLN A 31 -7.07 -5.81 -0.82
N ALA A 32 -6.09 -5.24 -1.53
CA ALA A 32 -6.10 -5.29 -2.98
C ALA A 32 -5.08 -6.30 -3.46
N LYS A 33 -4.12 -6.61 -2.58
CA LYS A 33 -3.03 -7.53 -2.88
C LYS A 33 -2.15 -6.94 -3.97
N LEU A 34 -2.21 -5.62 -4.09
CA LEU A 34 -1.48 -4.92 -5.14
C LEU A 34 -0.71 -3.74 -4.55
N ALA A 35 0.09 -3.13 -5.41
CA ALA A 35 0.82 -1.92 -5.07
C ALA A 35 0.76 -0.97 -6.24
N TYR A 36 0.20 0.21 -6.02
CA TYR A 36 0.02 1.16 -7.10
C TYR A 36 0.84 2.43 -6.85
N PRO A 37 1.36 3.03 -7.93
CA PRO A 37 2.21 4.22 -7.86
C PRO A 37 1.44 5.46 -7.44
N ILE A 38 2.14 6.36 -6.77
CA ILE A 38 1.54 7.60 -6.32
C ILE A 38 2.18 8.79 -7.01
N LYS A 39 1.37 9.75 -7.43
CA LYS A 39 1.88 10.96 -8.03
C LYS A 39 1.67 12.14 -7.08
N ASP A 40 2.48 12.17 -6.03
CA ASP A 40 2.45 13.23 -5.01
C ASP A 40 1.04 13.47 -4.48
N GLY A 41 0.40 12.39 -4.05
CA GLY A 41 -0.94 12.50 -3.50
C GLY A 41 -2.01 12.05 -4.48
N ILE A 42 -1.59 11.67 -5.67
CA ILE A 42 -2.50 11.19 -6.71
C ILE A 42 -2.32 9.68 -6.91
N PRO A 43 -3.07 8.87 -6.16
CA PRO A 43 -3.00 7.41 -6.24
C PRO A 43 -3.52 6.89 -7.58
N TYR A 44 -2.76 6.01 -8.22
CA TYR A 44 -3.18 5.43 -9.49
C TYR A 44 -3.43 3.94 -9.36
N MET A 45 -4.59 3.58 -8.82
CA MET A 45 -5.00 2.19 -8.72
C MET A 45 -5.59 1.73 -10.05
N LEU A 46 -4.80 1.82 -11.10
CA LEU A 46 -5.22 1.41 -12.43
C LEU A 46 -4.82 -0.04 -12.66
N GLU A 47 -5.71 -0.82 -13.27
CA GLU A 47 -5.51 -2.26 -13.41
C GLU A 47 -4.27 -2.60 -14.26
N ASN A 48 -3.97 -1.75 -15.22
CA ASN A 48 -2.87 -2.00 -16.15
C ASN A 48 -1.55 -1.43 -15.63
N GLU A 49 -1.62 -0.50 -14.71
CA GLU A 49 -0.43 0.20 -14.26
C GLU A 49 -0.07 -0.12 -12.80
N ALA A 50 -0.96 -0.80 -12.09
CA ALA A 50 -0.66 -1.26 -10.75
C ALA A 50 0.06 -2.60 -10.82
N ARG A 51 0.93 -2.87 -9.87
CA ARG A 51 1.67 -4.11 -9.85
C ARG A 51 1.16 -5.03 -8.75
N PRO A 52 1.13 -6.34 -8.99
CA PRO A 52 0.73 -7.33 -8.00
C PRO A 52 1.82 -7.51 -6.95
N LEU A 53 1.41 -7.81 -5.72
CA LEU A 53 2.36 -8.04 -4.66
C LEU A 53 2.68 -9.50 -4.56
N SER A 54 3.93 -9.79 -4.31
CA SER A 54 4.37 -11.16 -4.16
C SER A 54 4.01 -11.64 -2.76
N GLU A 55 4.07 -12.94 -2.54
CA GLU A 55 3.70 -13.53 -1.28
C GLU A 55 4.55 -12.99 -0.13
N GLU A 56 5.86 -12.98 -0.32
CA GLU A 56 6.78 -12.48 0.67
C GLU A 56 6.55 -10.99 0.94
N GLU A 57 6.11 -10.27 -0.09
CA GLU A 57 5.75 -8.87 0.04
C GLU A 57 4.46 -8.72 0.85
N LEU A 58 3.45 -9.46 0.43
CA LEU A 58 2.19 -9.57 1.15
C LEU A 58 2.41 -9.90 2.62
N LYS A 59 3.30 -10.85 2.86
CA LYS A 59 3.63 -11.29 4.20
C LYS A 59 4.34 -10.20 5.00
N ALA A 60 4.94 -9.27 4.29
CA ALA A 60 5.60 -8.14 4.93
C ALA A 60 4.59 -7.04 5.22
N LEU A 61 3.33 -7.41 5.10
CA LEU A 61 2.22 -6.55 5.48
C LEU A 61 1.37 -7.29 6.49
N GLU A 62 1.92 -8.39 6.96
CA GLU A 62 1.28 -9.22 7.96
C GLU A 62 2.21 -9.40 9.15
N HIS A 63 3.31 -10.10 8.91
CA HIS A 63 4.31 -10.36 9.94
C HIS A 63 5.66 -10.67 9.31
N HIS A 64 6.63 -9.80 9.55
CA HIS A 64 7.98 -9.94 9.03
C HIS A 64 8.87 -8.90 9.69
N HIS A 65 8.60 -7.63 9.38
CA HIS A 65 9.32 -6.51 9.97
C HIS A 65 8.53 -5.22 9.76
N HIS A 66 8.25 -4.53 10.85
CA HIS A 66 7.58 -3.25 10.81
C HIS A 66 8.41 -2.24 11.58
N HIS A 67 9.72 -2.45 11.51
CA HIS A 67 10.69 -1.65 12.25
C HIS A 67 10.54 -0.16 11.94
N HIS A 68 10.31 0.62 13.00
CA HIS A 68 10.19 2.07 12.91
C HIS A 68 8.97 2.47 12.08
N MET A 1 -12.45 9.37 -13.29
CA MET A 1 -11.00 9.23 -13.05
C MET A 1 -10.54 10.14 -11.92
N GLU A 2 -11.00 11.39 -11.92
CA GLU A 2 -10.57 12.37 -10.93
C GLU A 2 -11.21 12.12 -9.57
N LYS A 3 -10.46 11.48 -8.69
CA LYS A 3 -10.87 11.29 -7.30
C LYS A 3 -9.71 11.61 -6.37
N LYS A 4 -8.68 12.24 -6.92
CA LYS A 4 -7.43 12.47 -6.21
C LYS A 4 -7.54 13.65 -5.23
N PHE A 5 -8.49 13.53 -4.32
CA PHE A 5 -8.68 14.53 -3.28
C PHE A 5 -9.25 13.88 -2.03
N LEU A 6 -10.28 13.06 -2.21
CA LEU A 6 -10.95 12.44 -1.08
C LEU A 6 -10.91 10.91 -1.16
N ASP A 7 -10.31 10.37 -2.21
CA ASP A 7 -10.29 8.93 -2.40
C ASP A 7 -8.86 8.44 -2.63
N ILE A 8 -7.97 8.82 -1.73
CA ILE A 8 -6.60 8.35 -1.73
C ILE A 8 -6.19 7.98 -0.31
N LEU A 9 -7.19 7.75 0.52
CA LEU A 9 -7.01 7.50 1.94
C LEU A 9 -6.82 6.00 2.19
N VAL A 10 -7.16 5.56 3.40
CA VAL A 10 -7.12 4.13 3.73
C VAL A 10 -7.95 3.33 2.72
N CYS A 11 -7.49 2.12 2.44
CA CYS A 11 -8.08 1.31 1.38
C CYS A 11 -9.58 1.13 1.60
N PRO A 12 -10.38 1.19 0.52
CA PRO A 12 -11.84 1.09 0.59
C PRO A 12 -12.33 -0.36 0.69
N VAL A 13 -11.46 -1.29 0.30
CA VAL A 13 -11.83 -2.71 0.25
C VAL A 13 -12.29 -3.20 1.61
N THR A 14 -11.45 -3.03 2.62
CA THR A 14 -11.79 -3.48 3.95
C THR A 14 -11.93 -2.31 4.93
N LYS A 15 -11.47 -1.13 4.50
CA LYS A 15 -11.47 0.07 5.32
C LYS A 15 -10.71 -0.17 6.63
N GLY A 16 -9.40 -0.06 6.56
CA GLY A 16 -8.57 -0.26 7.72
C GLY A 16 -7.35 0.63 7.68
N ARG A 17 -6.76 0.89 8.83
CA ARG A 17 -5.62 1.75 8.91
C ARG A 17 -4.35 1.00 8.50
N LEU A 18 -3.42 1.71 7.90
CA LEU A 18 -2.24 1.09 7.31
C LEU A 18 -1.00 1.47 8.09
N GLU A 19 -0.13 0.49 8.33
CA GLU A 19 1.11 0.73 9.05
C GLU A 19 2.18 1.17 8.07
N TYR A 20 2.70 2.37 8.27
CA TYR A 20 3.75 2.88 7.41
C TYR A 20 5.10 2.37 7.87
N HIS A 21 6.00 2.18 6.92
CA HIS A 21 7.31 1.66 7.22
C HIS A 21 8.36 2.75 7.10
N GLN A 22 9.62 2.41 7.35
CA GLN A 22 10.66 3.42 7.51
C GLN A 22 11.62 3.48 6.33
N ASP A 23 11.59 2.48 5.47
CA ASP A 23 12.51 2.44 4.33
C ASP A 23 12.04 3.39 3.23
N LYS A 24 10.82 3.21 2.77
CA LYS A 24 10.26 4.07 1.74
C LYS A 24 8.89 4.60 2.16
N GLN A 25 8.65 4.63 3.47
CA GLN A 25 7.38 5.10 4.03
C GLN A 25 6.20 4.32 3.44
N GLU A 26 6.39 3.02 3.24
CA GLU A 26 5.39 2.20 2.57
C GLU A 26 4.25 1.82 3.52
N LEU A 27 3.02 2.08 3.08
CA LEU A 27 1.83 1.62 3.78
C LEU A 27 1.53 0.20 3.37
N TRP A 28 1.61 -0.74 4.30
CA TRP A 28 1.36 -2.13 3.97
C TRP A 28 -0.03 -2.54 4.41
N SER A 29 -0.85 -2.91 3.44
CA SER A 29 -2.23 -3.26 3.71
C SER A 29 -2.38 -4.78 3.78
N ARG A 30 -2.33 -5.31 4.99
CA ARG A 30 -2.41 -6.74 5.19
C ARG A 30 -3.79 -7.25 4.81
N GLN A 31 -4.79 -6.42 5.08
CA GLN A 31 -6.18 -6.78 4.83
C GLN A 31 -6.65 -6.29 3.47
N ALA A 32 -5.72 -5.82 2.64
CA ALA A 32 -6.05 -5.40 1.29
C ALA A 32 -5.10 -6.02 0.27
N LYS A 33 -4.03 -6.62 0.78
CA LYS A 33 -3.04 -7.33 -0.05
C LYS A 33 -2.33 -6.37 -1.00
N LEU A 34 -2.29 -5.11 -0.62
CA LEU A 34 -1.62 -4.09 -1.42
C LEU A 34 -0.69 -3.26 -0.54
N ALA A 35 0.06 -2.38 -1.18
CA ALA A 35 0.98 -1.48 -0.49
C ALA A 35 1.01 -0.13 -1.18
N TYR A 36 0.86 0.94 -0.42
CA TYR A 36 0.79 2.27 -1.00
C TYR A 36 1.92 3.15 -0.49
N PRO A 37 2.48 4.02 -1.36
CA PRO A 37 3.51 4.97 -0.97
C PRO A 37 2.95 6.21 -0.27
N ILE A 38 3.64 6.66 0.77
CA ILE A 38 3.25 7.86 1.48
C ILE A 38 4.16 9.04 1.11
N LYS A 39 3.56 10.14 0.72
CA LYS A 39 4.28 11.37 0.46
C LYS A 39 3.81 12.47 1.41
N ASP A 40 4.55 12.64 2.51
CA ASP A 40 4.30 13.68 3.50
C ASP A 40 2.92 13.53 4.14
N GLY A 41 2.46 12.30 4.25
CA GLY A 41 1.18 12.03 4.88
C GLY A 41 0.03 12.02 3.89
N ILE A 42 0.37 12.15 2.62
CA ILE A 42 -0.60 12.09 1.55
C ILE A 42 -0.44 10.76 0.79
N PRO A 43 -1.18 9.73 1.21
CA PRO A 43 -1.10 8.40 0.58
C PRO A 43 -1.43 8.46 -0.91
N TYR A 44 -0.70 7.71 -1.72
CA TYR A 44 -0.98 7.67 -3.15
C TYR A 44 -1.22 6.24 -3.59
N MET A 45 -2.47 5.82 -3.53
CA MET A 45 -2.87 4.47 -3.90
C MET A 45 -2.94 4.30 -5.42
N LEU A 46 -2.05 4.97 -6.13
CA LEU A 46 -2.00 4.86 -7.57
C LEU A 46 -1.33 3.56 -7.98
N GLU A 47 -2.01 2.76 -8.78
CA GLU A 47 -1.58 1.39 -9.10
C GLU A 47 -0.13 1.31 -9.58
N ASN A 48 0.32 2.32 -10.32
CA ASN A 48 1.68 2.34 -10.84
C ASN A 48 2.71 2.33 -9.72
N GLU A 49 2.43 3.10 -8.68
CA GLU A 49 3.35 3.26 -7.56
C GLU A 49 3.00 2.29 -6.43
N ALA A 50 1.72 1.98 -6.30
CA ALA A 50 1.28 0.98 -5.36
C ALA A 50 1.91 -0.36 -5.70
N ARG A 51 2.44 -1.04 -4.71
CA ARG A 51 3.19 -2.27 -4.92
C ARG A 51 2.47 -3.48 -4.34
N PRO A 52 1.60 -4.13 -5.12
CA PRO A 52 0.88 -5.34 -4.68
C PRO A 52 1.86 -6.43 -4.25
N LEU A 53 1.45 -7.19 -3.24
CA LEU A 53 2.30 -8.20 -2.66
C LEU A 53 2.31 -9.43 -3.53
N SER A 54 3.49 -10.00 -3.69
CA SER A 54 3.61 -11.24 -4.40
C SER A 54 3.37 -12.40 -3.43
N GLU A 55 3.21 -13.61 -3.94
CA GLU A 55 2.93 -14.76 -3.10
C GLU A 55 4.00 -14.97 -2.04
N GLU A 56 5.25 -14.92 -2.46
CA GLU A 56 6.38 -15.07 -1.56
C GLU A 56 6.36 -13.99 -0.49
N GLU A 57 6.05 -12.76 -0.89
CA GLU A 57 5.90 -11.66 0.04
C GLU A 57 4.75 -11.91 1.00
N LEU A 58 3.59 -12.23 0.44
CA LEU A 58 2.41 -12.59 1.20
C LEU A 58 2.73 -13.62 2.28
N LYS A 59 3.34 -14.71 1.86
CA LYS A 59 3.71 -15.79 2.75
C LYS A 59 4.74 -15.33 3.78
N ALA A 60 5.80 -14.73 3.28
CA ALA A 60 6.94 -14.36 4.11
C ALA A 60 6.81 -12.93 4.64
N LEU A 61 5.64 -12.60 5.15
CA LEU A 61 5.42 -11.28 5.74
C LEU A 61 5.98 -11.21 7.17
N GLU A 62 7.01 -11.99 7.43
CA GLU A 62 7.70 -11.93 8.71
C GLU A 62 8.39 -10.59 8.87
N HIS A 63 9.17 -10.20 7.86
CA HIS A 63 9.82 -8.89 7.82
C HIS A 63 10.55 -8.70 6.50
N HIS A 64 11.17 -9.76 6.00
CA HIS A 64 12.02 -9.66 4.81
C HIS A 64 11.22 -9.99 3.56
N HIS A 65 11.47 -9.24 2.50
CA HIS A 65 10.84 -9.51 1.20
C HIS A 65 11.76 -9.06 0.06
N HIS A 66 12.52 -9.99 -0.49
CA HIS A 66 13.40 -9.69 -1.61
C HIS A 66 12.63 -9.92 -2.91
N HIS A 67 12.16 -8.84 -3.51
CA HIS A 67 11.24 -8.93 -4.65
C HIS A 67 11.99 -9.07 -5.97
N HIS A 68 13.24 -8.62 -6.01
CA HIS A 68 14.05 -8.74 -7.21
C HIS A 68 14.83 -10.04 -7.19
N MET A 1 1.53 16.80 16.44
CA MET A 1 2.29 15.73 15.75
C MET A 1 1.99 15.78 14.26
N GLU A 2 2.85 16.44 13.50
CA GLU A 2 2.64 16.57 12.07
C GLU A 2 3.35 15.44 11.34
N LYS A 3 2.79 14.25 11.47
CA LYS A 3 3.34 13.07 10.86
C LYS A 3 2.25 12.01 10.80
N LYS A 4 2.49 10.93 10.05
CA LYS A 4 1.49 9.87 9.86
C LYS A 4 0.30 10.40 9.04
N PHE A 5 0.45 11.60 8.50
CA PHE A 5 -0.58 12.19 7.64
C PHE A 5 -0.70 11.42 6.33
N LEU A 6 0.31 10.62 6.03
CA LEU A 6 0.29 9.75 4.86
C LEU A 6 -0.05 8.32 5.27
N ASP A 7 -0.22 8.11 6.58
CA ASP A 7 -0.50 6.79 7.12
C ASP A 7 -1.91 6.75 7.72
N ILE A 8 -2.71 7.70 7.28
CA ILE A 8 -4.14 7.73 7.65
C ILE A 8 -4.98 7.29 6.46
N LEU A 9 -4.30 6.92 5.39
CA LEU A 9 -4.98 6.52 4.17
C LEU A 9 -5.24 5.02 4.17
N VAL A 10 -6.50 4.65 3.96
CA VAL A 10 -6.89 3.25 3.94
C VAL A 10 -7.41 2.89 2.57
N CYS A 11 -7.39 1.61 2.25
CA CYS A 11 -7.89 1.14 0.96
C CYS A 11 -9.39 1.47 0.81
N PRO A 12 -9.82 1.83 -0.40
CA PRO A 12 -11.23 2.09 -0.68
C PRO A 12 -11.99 0.80 -1.02
N VAL A 13 -11.27 -0.19 -1.49
CA VAL A 13 -11.88 -1.45 -1.94
C VAL A 13 -12.37 -2.28 -0.75
N THR A 14 -11.43 -2.83 0.00
CA THR A 14 -11.76 -3.65 1.16
C THR A 14 -11.76 -2.81 2.43
N LYS A 15 -11.13 -1.64 2.35
CA LYS A 15 -10.97 -0.73 3.47
C LYS A 15 -10.07 -1.35 4.55
N GLY A 16 -8.77 -1.10 4.40
CA GLY A 16 -7.79 -1.64 5.32
C GLY A 16 -6.46 -0.90 5.20
N ARG A 17 -5.47 -1.36 5.96
CA ARG A 17 -4.17 -0.72 6.02
C ARG A 17 -3.44 -0.69 4.67
N LEU A 18 -2.42 0.15 4.60
CA LEU A 18 -1.55 0.27 3.43
C LEU A 18 -0.10 0.39 3.89
N GLU A 19 0.77 -0.43 3.33
CA GLU A 19 2.17 -0.37 3.68
C GLU A 19 2.90 0.60 2.76
N TYR A 20 3.38 1.70 3.33
CA TYR A 20 4.02 2.74 2.56
C TYR A 20 5.52 2.49 2.43
N HIS A 21 5.94 2.11 1.23
CA HIS A 21 7.35 1.93 0.94
C HIS A 21 7.81 3.05 0.00
N GLN A 22 8.69 3.91 0.49
CA GLN A 22 9.06 5.09 -0.26
C GLN A 22 10.27 4.84 -1.15
N ASP A 23 10.01 4.34 -2.34
CA ASP A 23 11.05 4.17 -3.35
C ASP A 23 10.50 4.54 -4.73
N LYS A 24 9.53 3.77 -5.18
CA LYS A 24 8.86 4.05 -6.45
C LYS A 24 7.53 4.74 -6.19
N GLN A 25 7.36 5.21 -4.95
CA GLN A 25 6.09 5.74 -4.48
C GLN A 25 4.95 4.77 -4.75
N GLU A 26 4.96 3.65 -4.05
CA GLU A 26 3.94 2.63 -4.22
C GLU A 26 3.27 2.31 -2.89
N LEU A 27 1.97 2.06 -2.93
CA LEU A 27 1.26 1.56 -1.76
C LEU A 27 0.94 0.09 -1.97
N TRP A 28 1.43 -0.75 -1.07
CA TRP A 28 1.28 -2.19 -1.21
C TRP A 28 0.14 -2.67 -0.32
N SER A 29 -0.77 -3.43 -0.90
CA SER A 29 -1.90 -3.96 -0.15
C SER A 29 -2.14 -5.41 -0.51
N ARG A 30 -1.70 -6.31 0.37
CA ARG A 30 -1.82 -7.74 0.12
C ARG A 30 -3.27 -8.21 0.26
N GLN A 31 -4.09 -7.39 0.89
CA GLN A 31 -5.50 -7.72 1.07
C GLN A 31 -6.23 -7.65 -0.29
N ALA A 32 -5.62 -6.95 -1.23
CA ALA A 32 -6.12 -6.91 -2.60
C ALA A 32 -5.16 -7.65 -3.51
N LYS A 33 -4.00 -7.99 -2.94
CA LYS A 33 -2.93 -8.73 -3.63
C LYS A 33 -2.31 -7.90 -4.74
N LEU A 34 -2.44 -6.58 -4.65
CA LEU A 34 -1.98 -5.70 -5.70
C LEU A 34 -1.15 -4.56 -5.15
N ALA A 35 -0.57 -3.79 -6.06
CA ALA A 35 0.16 -2.58 -5.73
C ALA A 35 -0.07 -1.55 -6.82
N TYR A 36 -0.21 -0.30 -6.43
CA TYR A 36 -0.46 0.78 -7.38
C TYR A 36 0.44 1.97 -7.11
N PRO A 37 0.86 2.67 -8.18
CA PRO A 37 1.74 3.83 -8.07
C PRO A 37 1.03 5.04 -7.47
N ILE A 38 1.78 5.83 -6.72
CA ILE A 38 1.26 7.02 -6.08
C ILE A 38 1.83 8.28 -6.73
N LYS A 39 0.98 9.26 -6.98
CA LYS A 39 1.44 10.53 -7.55
C LYS A 39 1.55 11.58 -6.45
N ASP A 40 2.72 11.61 -5.81
CA ASP A 40 3.04 12.60 -4.77
C ASP A 40 1.92 12.71 -3.73
N GLY A 41 1.38 11.56 -3.33
CA GLY A 41 0.33 11.54 -2.32
C GLY A 41 -1.06 11.39 -2.91
N ILE A 42 -1.10 11.17 -4.22
CA ILE A 42 -2.36 11.01 -4.93
C ILE A 42 -2.46 9.59 -5.49
N PRO A 43 -3.02 8.66 -4.70
CA PRO A 43 -3.17 7.26 -5.11
C PRO A 43 -4.16 7.09 -6.27
N TYR A 44 -3.93 6.06 -7.07
CA TYR A 44 -4.80 5.75 -8.19
C TYR A 44 -5.21 4.28 -8.16
N MET A 45 -6.31 4.01 -7.48
CA MET A 45 -6.83 2.66 -7.36
C MET A 45 -7.55 2.24 -8.62
N LEU A 46 -6.80 2.07 -9.69
CA LEU A 46 -7.34 1.58 -10.95
C LEU A 46 -6.94 0.13 -11.14
N GLU A 47 -7.92 -0.74 -11.43
CA GLU A 47 -7.67 -2.16 -11.57
C GLU A 47 -6.70 -2.46 -12.71
N ASN A 48 -6.71 -1.62 -13.72
CA ASN A 48 -5.81 -1.78 -14.86
C ASN A 48 -4.40 -1.35 -14.50
N GLU A 49 -4.29 -0.35 -13.65
CA GLU A 49 -3.01 0.23 -13.31
C GLU A 49 -2.37 -0.51 -12.13
N ALA A 50 -3.20 -1.08 -11.27
CA ALA A 50 -2.70 -1.84 -10.13
C ALA A 50 -2.22 -3.22 -10.61
N ARG A 51 -0.97 -3.52 -10.30
CA ARG A 51 -0.38 -4.78 -10.71
C ARG A 51 -0.21 -5.71 -9.52
N PRO A 52 -0.29 -7.03 -9.75
CA PRO A 52 -0.10 -8.03 -8.70
C PRO A 52 1.34 -8.03 -8.17
N LEU A 53 1.51 -8.43 -6.93
CA LEU A 53 2.81 -8.45 -6.30
C LEU A 53 3.41 -9.84 -6.37
N SER A 54 4.69 -9.93 -6.12
CA SER A 54 5.36 -11.21 -6.09
C SER A 54 5.24 -11.81 -4.71
N GLU A 55 5.46 -13.11 -4.60
CA GLU A 55 5.33 -13.84 -3.36
C GLU A 55 6.16 -13.21 -2.24
N GLU A 56 7.44 -13.03 -2.51
CA GLU A 56 8.36 -12.38 -1.58
C GLU A 56 7.79 -11.05 -1.09
N GLU A 57 7.38 -10.22 -2.03
CA GLU A 57 6.77 -8.94 -1.74
C GLU A 57 5.52 -9.11 -0.88
N LEU A 58 4.61 -9.97 -1.34
CA LEU A 58 3.40 -10.31 -0.62
C LEU A 58 3.68 -10.75 0.82
N LYS A 59 4.63 -11.65 0.99
CA LYS A 59 4.92 -12.21 2.28
C LYS A 59 5.58 -11.19 3.19
N ALA A 60 6.22 -10.21 2.58
CA ALA A 60 6.86 -9.13 3.31
C ALA A 60 5.85 -8.03 3.64
N LEU A 61 4.58 -8.36 3.54
CA LEU A 61 3.52 -7.41 3.84
C LEU A 61 2.74 -7.85 5.07
N GLU A 62 3.31 -8.77 5.81
CA GLU A 62 2.70 -9.22 7.04
C GLU A 62 3.67 -9.05 8.20
N HIS A 63 3.11 -8.97 9.40
CA HIS A 63 3.88 -8.77 10.61
C HIS A 63 3.02 -9.20 11.79
N HIS A 64 2.12 -10.16 11.50
CA HIS A 64 1.08 -10.57 12.44
C HIS A 64 0.03 -9.47 12.61
N HIS A 65 0.49 -8.27 12.95
CA HIS A 65 -0.39 -7.10 13.03
C HIS A 65 0.46 -5.85 13.15
N HIS A 66 -0.13 -4.71 12.86
CA HIS A 66 0.56 -3.43 13.03
C HIS A 66 0.47 -3.00 14.49
N HIS A 67 1.44 -3.44 15.29
CA HIS A 67 1.47 -3.06 16.70
C HIS A 67 1.60 -1.54 16.83
N HIS A 68 2.34 -0.97 15.87
CA HIS A 68 2.47 0.46 15.73
C HIS A 68 3.39 0.72 14.54
N MET A 1 5.33 9.60 14.58
CA MET A 1 4.63 8.65 13.69
C MET A 1 3.40 9.35 13.12
N GLU A 2 3.51 9.83 11.89
CA GLU A 2 2.56 10.79 11.36
C GLU A 2 1.44 10.14 10.55
N LYS A 3 1.03 8.93 10.91
CA LYS A 3 -0.18 8.38 10.33
C LYS A 3 -1.39 8.93 11.07
N LYS A 4 -1.75 10.13 10.66
CA LYS A 4 -2.80 10.93 11.30
C LYS A 4 -4.17 10.58 10.69
N PHE A 5 -5.15 11.44 10.90
CA PHE A 5 -6.48 11.23 10.33
C PHE A 5 -6.43 11.26 8.79
N LEU A 6 -5.29 11.65 8.24
CA LEU A 6 -5.07 11.62 6.81
C LEU A 6 -4.68 10.21 6.35
N ASP A 7 -4.45 9.33 7.32
CA ASP A 7 -4.02 7.97 7.03
C ASP A 7 -5.21 7.02 7.10
N ILE A 8 -6.39 7.57 6.87
CA ILE A 8 -7.62 6.78 6.80
C ILE A 8 -7.74 6.12 5.43
N LEU A 9 -6.64 6.18 4.68
CA LEU A 9 -6.60 5.70 3.30
C LEU A 9 -6.86 4.21 3.22
N VAL A 10 -7.88 3.86 2.45
CA VAL A 10 -8.23 2.49 2.19
C VAL A 10 -8.63 2.33 0.72
N CYS A 11 -8.35 1.17 0.15
CA CYS A 11 -8.76 0.90 -1.22
C CYS A 11 -10.28 0.77 -1.29
N PRO A 12 -10.91 1.26 -2.37
CA PRO A 12 -12.36 1.23 -2.52
C PRO A 12 -12.90 -0.20 -2.69
N VAL A 13 -12.19 -1.00 -3.46
CA VAL A 13 -12.63 -2.34 -3.80
C VAL A 13 -12.38 -3.33 -2.66
N THR A 14 -11.14 -3.41 -2.22
CA THR A 14 -10.74 -4.41 -1.23
C THR A 14 -10.91 -3.89 0.20
N LYS A 15 -10.93 -2.57 0.35
CA LYS A 15 -11.06 -1.92 1.66
C LYS A 15 -9.95 -2.37 2.61
N GLY A 16 -8.74 -2.45 2.08
CA GLY A 16 -7.59 -2.73 2.90
C GLY A 16 -6.83 -1.46 3.23
N ARG A 17 -6.13 -1.46 4.36
CA ARG A 17 -5.40 -0.30 4.79
C ARG A 17 -4.21 -0.04 3.87
N LEU A 18 -3.84 1.23 3.76
CA LEU A 18 -2.72 1.62 2.93
C LEU A 18 -1.57 2.12 3.78
N GLU A 19 -0.44 1.43 3.69
CA GLU A 19 0.77 1.85 4.35
C GLU A 19 1.72 2.49 3.33
N TYR A 20 2.07 3.74 3.56
CA TYR A 20 2.95 4.45 2.64
C TYR A 20 4.40 4.07 2.90
N HIS A 21 5.07 3.57 1.87
CA HIS A 21 6.47 3.23 1.96
C HIS A 21 7.28 4.29 1.23
N GLN A 22 7.94 5.16 1.98
CA GLN A 22 8.73 6.24 1.40
C GLN A 22 9.98 5.66 0.75
N ASP A 23 9.96 5.58 -0.58
CA ASP A 23 11.02 4.98 -1.35
C ASP A 23 10.80 5.24 -2.83
N LYS A 24 9.67 4.77 -3.35
CA LYS A 24 9.32 4.98 -4.74
C LYS A 24 7.92 5.56 -4.86
N GLN A 25 7.47 6.20 -3.78
CA GLN A 25 6.15 6.85 -3.73
C GLN A 25 5.02 5.91 -4.17
N GLU A 26 4.99 4.71 -3.60
CA GLU A 26 3.94 3.75 -3.91
C GLU A 26 3.25 3.29 -2.63
N LEU A 27 1.95 3.05 -2.72
CA LEU A 27 1.16 2.59 -1.58
C LEU A 27 1.07 1.08 -1.59
N TRP A 28 1.35 0.47 -0.44
CA TRP A 28 1.30 -0.97 -0.31
C TRP A 28 -0.06 -1.41 0.24
N SER A 29 -0.80 -2.17 -0.55
CA SER A 29 -2.09 -2.68 -0.13
C SER A 29 -2.02 -4.19 0.07
N ARG A 30 -1.93 -4.61 1.32
CA ARG A 30 -1.79 -6.03 1.65
C ARG A 30 -3.07 -6.77 1.31
N GLN A 31 -4.20 -6.19 1.67
CA GLN A 31 -5.50 -6.81 1.47
C GLN A 31 -5.83 -7.02 0.00
N ALA A 32 -5.21 -6.21 -0.87
CA ALA A 32 -5.44 -6.31 -2.30
C ALA A 32 -4.32 -7.08 -2.98
N LYS A 33 -3.24 -7.32 -2.23
CA LYS A 33 -2.04 -7.95 -2.75
C LYS A 33 -1.39 -7.10 -3.83
N LEU A 34 -1.67 -5.80 -3.80
CA LEU A 34 -1.20 -4.91 -4.84
C LEU A 34 -0.49 -3.70 -4.26
N ALA A 35 0.08 -2.93 -5.15
CA ALA A 35 0.72 -1.67 -4.83
C ALA A 35 0.53 -0.71 -6.00
N TYR A 36 0.22 0.54 -5.71
CA TYR A 36 0.06 1.52 -6.77
C TYR A 36 0.72 2.84 -6.40
N PRO A 37 1.32 3.52 -7.39
CA PRO A 37 2.09 4.75 -7.16
C PRO A 37 1.21 5.95 -6.81
N ILE A 38 1.84 6.94 -6.21
CA ILE A 38 1.18 8.19 -5.87
C ILE A 38 1.86 9.35 -6.58
N LYS A 39 1.09 10.10 -7.34
CA LYS A 39 1.61 11.27 -8.01
C LYS A 39 1.27 12.52 -7.23
N ASP A 40 1.93 12.68 -6.08
CA ASP A 40 1.73 13.83 -5.21
C ASP A 40 0.26 14.07 -4.89
N GLY A 41 -0.43 13.00 -4.50
CA GLY A 41 -1.84 13.12 -4.15
C GLY A 41 -2.73 12.43 -5.17
N ILE A 42 -2.12 11.91 -6.22
CA ILE A 42 -2.84 11.21 -7.26
C ILE A 42 -2.59 9.70 -7.20
N PRO A 43 -3.40 8.96 -6.44
CA PRO A 43 -3.29 7.51 -6.30
C PRO A 43 -3.80 6.79 -7.53
N TYR A 44 -3.02 5.84 -8.04
CA TYR A 44 -3.43 5.07 -9.20
C TYR A 44 -4.38 3.97 -8.78
N MET A 45 -5.61 4.36 -8.46
CA MET A 45 -6.67 3.44 -8.07
C MET A 45 -7.22 2.69 -9.28
N LEU A 46 -6.36 2.44 -10.27
CA LEU A 46 -6.78 1.81 -11.50
C LEU A 46 -6.41 0.34 -11.49
N GLU A 47 -7.41 -0.50 -11.79
CA GLU A 47 -7.28 -1.95 -11.67
C GLU A 47 -6.10 -2.48 -12.48
N ASN A 48 -6.03 -2.09 -13.75
CA ASN A 48 -5.01 -2.61 -14.65
C ASN A 48 -3.66 -1.94 -14.39
N GLU A 49 -3.70 -0.70 -13.95
CA GLU A 49 -2.50 0.09 -13.80
C GLU A 49 -1.77 -0.24 -12.49
N ALA A 50 -2.51 -0.69 -11.48
CA ALA A 50 -1.91 -1.12 -10.22
C ALA A 50 -0.98 -2.31 -10.43
N ARG A 51 0.04 -2.41 -9.59
CA ARG A 51 1.02 -3.50 -9.67
C ARG A 51 0.80 -4.48 -8.54
N PRO A 52 1.19 -5.75 -8.72
CA PRO A 52 1.07 -6.78 -7.68
C PRO A 52 2.25 -6.77 -6.71
N LEU A 53 1.98 -7.14 -5.46
CA LEU A 53 3.02 -7.28 -4.46
C LEU A 53 3.44 -8.75 -4.36
N SER A 54 4.56 -8.98 -3.72
CA SER A 54 5.00 -10.34 -3.47
C SER A 54 4.75 -10.71 -2.01
N GLU A 55 4.98 -11.98 -1.70
CA GLU A 55 4.67 -12.54 -0.40
C GLU A 55 5.46 -11.86 0.71
N GLU A 56 6.78 -11.75 0.54
CA GLU A 56 7.63 -11.07 1.48
C GLU A 56 7.10 -9.68 1.80
N GLU A 57 6.69 -8.96 0.77
CA GLU A 57 6.14 -7.63 0.92
C GLU A 57 4.84 -7.67 1.69
N LEU A 58 3.92 -8.50 1.20
CA LEU A 58 2.65 -8.77 1.89
C LEU A 58 2.84 -9.11 3.36
N LYS A 59 3.81 -9.98 3.64
CA LYS A 59 4.08 -10.43 4.99
C LYS A 59 4.62 -9.30 5.87
N ALA A 60 5.21 -8.30 5.24
CA ALA A 60 5.74 -7.16 5.97
C ALA A 60 4.67 -6.11 6.20
N LEU A 61 3.43 -6.53 6.00
CA LEU A 61 2.28 -5.65 6.19
C LEU A 61 1.28 -6.31 7.13
N GLU A 62 1.75 -7.27 7.88
CA GLU A 62 0.92 -8.01 8.81
C GLU A 62 1.48 -7.89 10.23
N HIS A 63 2.68 -8.41 10.42
CA HIS A 63 3.33 -8.38 11.73
C HIS A 63 4.63 -7.59 11.64
N HIS A 64 5.38 -7.59 12.74
CA HIS A 64 6.70 -7.00 12.77
C HIS A 64 7.64 -7.81 11.88
N HIS A 65 7.76 -7.41 10.62
CA HIS A 65 8.57 -8.16 9.66
C HIS A 65 9.55 -7.26 8.93
N HIS A 66 9.65 -6.00 9.37
CA HIS A 66 10.65 -5.09 8.80
C HIS A 66 12.03 -5.42 9.38
N HIS A 67 12.52 -6.58 8.95
CA HIS A 67 13.78 -7.15 9.41
C HIS A 67 14.01 -8.45 8.66
N HIS A 68 15.21 -8.65 8.11
CA HIS A 68 15.48 -9.89 7.38
C HIS A 68 16.38 -10.82 8.21
N MET A 1 3.64 9.30 17.56
CA MET A 1 2.33 9.13 16.89
C MET A 1 1.45 10.35 17.15
N GLU A 2 1.67 11.39 16.35
CA GLU A 2 0.93 12.64 16.48
C GLU A 2 -0.05 12.79 15.33
N LYS A 3 -0.35 11.68 14.70
CA LYS A 3 -1.23 11.64 13.56
C LYS A 3 -2.18 10.46 13.65
N LYS A 4 -3.47 10.75 13.75
CA LYS A 4 -4.48 9.72 13.74
C LYS A 4 -5.56 10.04 12.71
N PHE A 5 -5.59 11.28 12.28
CA PHE A 5 -6.56 11.74 11.29
C PHE A 5 -5.97 11.65 9.89
N LEU A 6 -4.70 12.01 9.77
CA LEU A 6 -4.03 12.05 8.48
C LEU A 6 -3.17 10.81 8.27
N ASP A 7 -3.26 9.87 9.20
CA ASP A 7 -2.44 8.67 9.14
C ASP A 7 -3.29 7.48 8.72
N ILE A 8 -4.60 7.62 8.85
CA ILE A 8 -5.54 6.54 8.53
C ILE A 8 -5.88 6.51 7.04
N LEU A 9 -4.84 6.62 6.21
CA LEU A 9 -5.01 6.53 4.77
C LEU A 9 -5.38 5.12 4.37
N VAL A 10 -6.57 4.96 3.80
CA VAL A 10 -7.10 3.64 3.47
C VAL A 10 -7.62 3.60 2.04
N CYS A 11 -7.85 2.40 1.54
CA CYS A 11 -8.45 2.23 0.22
C CYS A 11 -9.92 1.84 0.37
N PRO A 12 -10.78 2.33 -0.55
CA PRO A 12 -12.21 2.03 -0.52
C PRO A 12 -12.55 0.66 -1.12
N VAL A 13 -11.51 -0.06 -1.52
CA VAL A 13 -11.70 -1.37 -2.14
C VAL A 13 -12.00 -2.44 -1.10
N THR A 14 -11.02 -2.70 -0.24
CA THR A 14 -11.15 -3.72 0.78
C THR A 14 -11.23 -3.10 2.17
N LYS A 15 -11.17 -1.78 2.22
CA LYS A 15 -11.10 -1.03 3.47
C LYS A 15 -9.88 -1.46 4.29
N GLY A 16 -8.74 -0.96 3.89
CA GLY A 16 -7.51 -1.25 4.60
C GLY A 16 -6.51 -0.14 4.41
N ARG A 17 -5.64 0.03 5.40
CA ARG A 17 -4.66 1.09 5.37
C ARG A 17 -3.60 0.85 4.30
N LEU A 18 -3.06 1.93 3.78
CA LEU A 18 -2.09 1.86 2.71
C LEU A 18 -0.71 2.31 3.20
N GLU A 19 0.28 1.45 3.06
CA GLU A 19 1.65 1.83 3.37
C GLU A 19 2.37 2.16 2.07
N TYR A 20 2.70 3.43 1.90
CA TYR A 20 3.35 3.87 0.66
C TYR A 20 4.85 3.59 0.72
N HIS A 21 5.34 2.87 -0.28
CA HIS A 21 6.76 2.58 -0.39
C HIS A 21 7.36 3.47 -1.45
N GLN A 22 8.12 4.47 -1.01
CA GLN A 22 8.62 5.50 -1.91
C GLN A 22 9.69 4.93 -2.84
N ASP A 23 10.21 3.77 -2.48
CA ASP A 23 11.18 3.06 -3.31
C ASP A 23 10.61 2.78 -4.68
N LYS A 24 9.34 2.40 -4.71
CA LYS A 24 8.65 2.05 -5.95
C LYS A 24 7.55 3.06 -6.27
N GLN A 25 7.41 4.07 -5.42
CA GLN A 25 6.32 5.04 -5.51
C GLN A 25 4.96 4.34 -5.55
N GLU A 26 4.82 3.28 -4.75
CA GLU A 26 3.61 2.48 -4.77
C GLU A 26 2.90 2.47 -3.41
N LEU A 27 1.57 2.42 -3.47
CA LEU A 27 0.77 2.15 -2.29
C LEU A 27 0.63 0.65 -2.14
N TRP A 28 1.24 0.09 -1.11
CA TRP A 28 1.29 -1.35 -0.97
C TRP A 28 0.13 -1.86 -0.12
N SER A 29 -0.77 -2.58 -0.78
CA SER A 29 -1.91 -3.17 -0.11
C SER A 29 -1.83 -4.68 -0.19
N ARG A 30 -1.18 -5.28 0.79
CA ARG A 30 -0.98 -6.72 0.80
C ARG A 30 -2.31 -7.44 0.95
N GLN A 31 -3.26 -6.76 1.58
CA GLN A 31 -4.60 -7.29 1.78
C GLN A 31 -5.27 -7.60 0.44
N ALA A 32 -5.04 -6.73 -0.55
CA ALA A 32 -5.61 -6.93 -1.87
C ALA A 32 -4.59 -7.57 -2.79
N LYS A 33 -3.38 -7.73 -2.28
CA LYS A 33 -2.25 -8.29 -3.02
C LYS A 33 -1.81 -7.37 -4.14
N LEU A 34 -2.10 -6.08 -4.01
CA LEU A 34 -1.82 -5.14 -5.08
C LEU A 34 -0.93 -4.00 -4.59
N ALA A 35 -0.52 -3.19 -5.55
CA ALA A 35 0.27 -2.01 -5.29
C ALA A 35 -0.15 -0.91 -6.26
N TYR A 36 -0.59 0.22 -5.72
CA TYR A 36 -1.09 1.30 -6.57
C TYR A 36 0.03 2.28 -6.88
N PRO A 37 0.06 2.82 -8.11
CA PRO A 37 1.08 3.77 -8.52
C PRO A 37 0.79 5.21 -8.09
N ILE A 38 1.80 5.88 -7.56
CA ILE A 38 1.67 7.28 -7.18
C ILE A 38 2.48 8.15 -8.14
N LYS A 39 1.83 9.11 -8.78
CA LYS A 39 2.51 9.99 -9.70
C LYS A 39 2.86 11.30 -9.03
N ASP A 40 3.90 11.26 -8.19
CA ASP A 40 4.43 12.44 -7.51
C ASP A 40 3.35 13.18 -6.72
N GLY A 41 2.50 12.42 -6.02
CA GLY A 41 1.49 13.01 -5.19
C GLY A 41 0.08 12.83 -5.75
N ILE A 42 0.02 12.27 -6.95
CA ILE A 42 -1.26 12.02 -7.61
C ILE A 42 -1.55 10.53 -7.66
N PRO A 43 -2.23 10.01 -6.64
CA PRO A 43 -2.52 8.58 -6.53
C PRO A 43 -3.41 8.08 -7.66
N TYR A 44 -2.86 7.23 -8.52
CA TYR A 44 -3.65 6.58 -9.55
C TYR A 44 -3.94 5.15 -9.11
N MET A 45 -4.81 5.03 -8.11
CA MET A 45 -5.14 3.73 -7.53
C MET A 45 -6.18 3.02 -8.39
N LEU A 46 -5.91 2.97 -9.68
CA LEU A 46 -6.83 2.42 -10.64
C LEU A 46 -6.69 0.91 -10.71
N GLU A 47 -7.83 0.23 -10.73
CA GLU A 47 -7.88 -1.22 -10.73
C GLU A 47 -7.13 -1.80 -11.94
N ASN A 48 -7.12 -1.05 -13.03
CA ASN A 48 -6.46 -1.48 -14.26
C ASN A 48 -4.95 -1.37 -14.17
N GLU A 49 -4.47 -0.32 -13.53
CA GLU A 49 -3.04 -0.04 -13.51
C GLU A 49 -2.36 -0.60 -12.27
N ALA A 50 -3.14 -0.81 -11.21
CA ALA A 50 -2.61 -1.44 -10.00
C ALA A 50 -2.08 -2.84 -10.30
N ARG A 51 -0.82 -3.07 -9.95
CA ARG A 51 -0.19 -4.36 -10.22
C ARG A 51 -0.17 -5.22 -8.96
N PRO A 52 -0.30 -6.54 -9.12
CA PRO A 52 -0.26 -7.48 -8.00
C PRO A 52 1.17 -7.78 -7.55
N LEU A 53 1.30 -8.21 -6.31
CA LEU A 53 2.58 -8.59 -5.77
C LEU A 53 2.84 -10.06 -6.07
N SER A 54 3.97 -10.53 -5.61
CA SER A 54 4.29 -11.93 -5.75
C SER A 54 4.00 -12.66 -4.46
N GLU A 55 3.91 -13.97 -4.54
CA GLU A 55 3.66 -14.82 -3.40
C GLU A 55 4.71 -14.61 -2.33
N GLU A 56 5.95 -14.53 -2.77
CA GLU A 56 7.08 -14.21 -1.94
C GLU A 56 6.83 -12.95 -1.12
N GLU A 57 6.59 -11.86 -1.82
CA GLU A 57 6.31 -10.58 -1.20
C GLU A 57 5.11 -10.66 -0.26
N LEU A 58 4.03 -11.26 -0.75
CA LEU A 58 2.86 -11.53 0.06
C LEU A 58 3.22 -12.26 1.37
N LYS A 59 4.09 -13.24 1.25
CA LYS A 59 4.54 -14.03 2.38
C LYS A 59 5.35 -13.18 3.36
N ALA A 60 6.18 -12.31 2.80
CA ALA A 60 7.10 -11.50 3.59
C ALA A 60 6.51 -10.14 3.95
N LEU A 61 5.27 -10.14 4.40
CA LEU A 61 4.59 -8.89 4.79
C LEU A 61 5.07 -8.40 6.15
N GLU A 62 5.74 -9.31 6.84
CA GLU A 62 6.26 -9.09 8.19
C GLU A 62 5.12 -8.90 9.22
N HIS A 63 5.34 -9.42 10.42
CA HIS A 63 4.32 -9.36 11.47
C HIS A 63 4.67 -8.31 12.52
N HIS A 64 5.70 -7.52 12.22
CA HIS A 64 6.16 -6.50 13.14
C HIS A 64 6.37 -5.19 12.39
N HIS A 65 6.75 -4.15 13.13
CA HIS A 65 7.10 -2.88 12.51
C HIS A 65 8.26 -3.09 11.57
N HIS A 66 8.03 -2.81 10.28
CA HIS A 66 8.98 -3.10 9.21
C HIS A 66 10.41 -2.79 9.62
N HIS A 67 11.19 -3.85 9.76
CA HIS A 67 12.56 -3.78 10.24
C HIS A 67 13.49 -3.15 9.21
N HIS A 68 14.65 -2.74 9.69
CA HIS A 68 15.72 -2.23 8.85
C HIS A 68 16.62 -3.38 8.42
N MET A 1 3.76 15.89 14.98
CA MET A 1 2.34 15.48 14.81
C MET A 1 2.22 14.35 13.80
N GLU A 2 1.71 13.22 14.26
CA GLU A 2 1.42 12.11 13.37
C GLU A 2 -0.05 12.13 13.01
N LYS A 3 -0.35 12.58 11.81
CA LYS A 3 -1.72 12.81 11.40
C LYS A 3 -2.44 11.52 11.03
N LYS A 4 -2.92 10.84 12.05
CA LYS A 4 -3.66 9.59 11.88
C LYS A 4 -5.12 9.85 11.50
N PHE A 5 -5.43 11.10 11.20
CA PHE A 5 -6.74 11.47 10.70
C PHE A 5 -6.67 11.72 9.19
N LEU A 6 -5.48 12.07 8.72
CA LEU A 6 -5.28 12.34 7.30
C LEU A 6 -4.60 11.15 6.63
N ASP A 7 -3.81 10.43 7.40
CA ASP A 7 -3.18 9.21 6.93
C ASP A 7 -4.11 8.03 7.16
N ILE A 8 -5.34 8.18 6.71
CA ILE A 8 -6.32 7.11 6.78
C ILE A 8 -6.45 6.47 5.40
N LEU A 9 -5.35 6.49 4.65
CA LEU A 9 -5.31 5.92 3.32
C LEU A 9 -5.61 4.42 3.36
N VAL A 10 -6.68 4.04 2.70
CA VAL A 10 -7.11 2.65 2.66
C VAL A 10 -7.30 2.19 1.21
N CYS A 11 -7.30 0.88 1.02
CA CYS A 11 -7.55 0.31 -0.29
C CYS A 11 -8.95 0.68 -0.74
N PRO A 12 -9.14 0.95 -2.04
CA PRO A 12 -10.44 1.34 -2.58
C PRO A 12 -11.43 0.18 -2.60
N VAL A 13 -10.91 -1.03 -2.70
CA VAL A 13 -11.77 -2.22 -2.78
C VAL A 13 -12.12 -2.76 -1.40
N THR A 14 -11.14 -3.32 -0.71
CA THR A 14 -11.39 -4.01 0.55
C THR A 14 -11.36 -3.05 1.75
N LYS A 15 -10.98 -1.80 1.50
CA LYS A 15 -10.94 -0.77 2.53
C LYS A 15 -10.04 -1.19 3.71
N GLY A 16 -8.74 -1.30 3.43
CA GLY A 16 -7.76 -1.61 4.46
C GLY A 16 -6.53 -0.75 4.31
N ARG A 17 -5.65 -0.76 5.30
CA ARG A 17 -4.50 0.15 5.33
C ARG A 17 -3.57 -0.06 4.14
N LEU A 18 -2.77 0.97 3.88
CA LEU A 18 -1.82 0.96 2.76
C LEU A 18 -0.40 1.17 3.26
N GLU A 19 0.47 0.23 2.94
CA GLU A 19 1.87 0.33 3.31
C GLU A 19 2.65 1.12 2.27
N TYR A 20 2.73 2.44 2.46
CA TYR A 20 3.54 3.26 1.56
C TYR A 20 4.99 3.27 2.04
N HIS A 21 5.91 3.29 1.09
CA HIS A 21 7.33 3.22 1.44
C HIS A 21 7.99 4.59 1.36
N GLN A 22 8.46 4.98 0.18
CA GLN A 22 9.21 6.23 0.05
C GLN A 22 9.49 6.58 -1.40
N ASP A 23 10.31 5.75 -2.05
CA ASP A 23 10.90 6.09 -3.35
C ASP A 23 9.84 6.41 -4.39
N LYS A 24 8.81 5.59 -4.47
CA LYS A 24 7.74 5.81 -5.43
C LYS A 24 6.43 5.98 -4.71
N GLN A 25 6.51 6.17 -3.38
CA GLN A 25 5.33 6.20 -2.52
C GLN A 25 4.45 4.99 -2.80
N GLU A 26 5.10 3.84 -2.98
CA GLU A 26 4.42 2.62 -3.35
C GLU A 26 3.47 2.17 -2.27
N LEU A 27 2.18 2.11 -2.60
CA LEU A 27 1.18 1.62 -1.67
C LEU A 27 1.11 0.11 -1.75
N TRP A 28 1.57 -0.56 -0.72
CA TRP A 28 1.47 -2.01 -0.66
C TRP A 28 0.20 -2.40 0.07
N SER A 29 -0.80 -2.83 -0.70
CA SER A 29 -2.05 -3.25 -0.14
C SER A 29 -2.10 -4.76 -0.03
N ARG A 30 -1.69 -5.27 1.12
CA ARG A 30 -1.60 -6.72 1.33
C ARG A 30 -2.99 -7.35 1.35
N GLN A 31 -3.97 -6.58 1.80
CA GLN A 31 -5.34 -7.05 1.88
C GLN A 31 -5.99 -7.14 0.50
N ALA A 32 -5.51 -6.33 -0.43
CA ALA A 32 -6.05 -6.32 -1.78
C ALA A 32 -5.15 -7.09 -2.72
N LYS A 33 -3.97 -7.45 -2.19
CA LYS A 33 -2.95 -8.19 -2.94
C LYS A 33 -2.47 -7.37 -4.13
N LEU A 34 -2.53 -6.05 -3.99
CA LEU A 34 -2.14 -5.15 -5.07
C LEU A 34 -1.12 -4.11 -4.58
N ALA A 35 -0.65 -3.29 -5.49
CA ALA A 35 0.26 -2.21 -5.16
C ALA A 35 -0.05 -0.99 -6.03
N TYR A 36 -0.24 0.15 -5.39
CA TYR A 36 -0.60 1.38 -6.10
C TYR A 36 0.56 2.38 -6.07
N PRO A 37 0.75 3.14 -7.16
CA PRO A 37 1.76 4.18 -7.23
C PRO A 37 1.21 5.57 -6.86
N ILE A 38 1.94 6.27 -6.01
CA ILE A 38 1.56 7.63 -5.62
C ILE A 38 2.60 8.63 -6.12
N LYS A 39 2.14 9.65 -6.83
CA LYS A 39 3.05 10.66 -7.36
C LYS A 39 2.67 12.04 -6.85
N ASP A 40 3.53 12.61 -6.02
CA ASP A 40 3.35 13.96 -5.49
C ASP A 40 2.11 14.07 -4.61
N GLY A 41 1.70 12.94 -4.04
CA GLY A 41 0.54 12.93 -3.17
C GLY A 41 -0.75 12.94 -3.97
N ILE A 42 -0.64 12.63 -5.24
CA ILE A 42 -1.78 12.56 -6.14
C ILE A 42 -2.09 11.10 -6.45
N PRO A 43 -2.93 10.46 -5.63
CA PRO A 43 -3.20 9.03 -5.71
C PRO A 43 -3.96 8.64 -6.98
N TYR A 44 -3.63 7.47 -7.51
CA TYR A 44 -4.30 6.94 -8.67
C TYR A 44 -4.76 5.50 -8.40
N MET A 45 -5.94 5.36 -7.83
CA MET A 45 -6.49 4.05 -7.53
C MET A 45 -7.06 3.42 -8.80
N LEU A 46 -6.19 3.14 -9.74
CA LEU A 46 -6.59 2.60 -11.02
C LEU A 46 -6.17 1.13 -11.12
N GLU A 47 -7.14 0.27 -11.38
CA GLU A 47 -6.91 -1.16 -11.44
C GLU A 47 -5.92 -1.52 -12.55
N ASN A 48 -5.96 -0.75 -13.61
CA ASN A 48 -5.06 -0.96 -14.75
C ASN A 48 -3.62 -0.60 -14.38
N GLU A 49 -3.48 0.41 -13.52
CA GLU A 49 -2.17 0.91 -13.15
C GLU A 49 -1.56 0.07 -12.03
N ALA A 50 -2.40 -0.30 -11.07
CA ALA A 50 -1.97 -1.12 -9.95
C ALA A 50 -1.51 -2.50 -10.40
N ARG A 51 -0.46 -3.00 -9.78
CA ARG A 51 0.07 -4.32 -10.07
C ARG A 51 -0.18 -5.25 -8.89
N PRO A 52 -0.45 -6.53 -9.16
CA PRO A 52 -0.69 -7.52 -8.11
C PRO A 52 0.60 -7.92 -7.38
N LEU A 53 0.44 -8.42 -6.17
CA LEU A 53 1.54 -8.89 -5.36
C LEU A 53 1.69 -10.39 -5.50
N SER A 54 2.86 -10.87 -5.16
CA SER A 54 3.11 -12.30 -5.14
C SER A 54 3.09 -12.80 -3.70
N GLU A 55 3.07 -14.12 -3.54
CA GLU A 55 2.96 -14.74 -2.23
C GLU A 55 4.14 -14.39 -1.35
N GLU A 56 5.32 -14.33 -1.94
CA GLU A 56 6.53 -13.96 -1.21
C GLU A 56 6.38 -12.55 -0.64
N GLU A 57 5.84 -11.65 -1.43
CA GLU A 57 5.57 -10.28 -1.00
C GLU A 57 4.48 -10.25 0.05
N LEU A 58 3.36 -10.88 -0.26
CA LEU A 58 2.26 -11.05 0.69
C LEU A 58 2.74 -11.61 2.03
N LYS A 59 3.59 -12.63 1.97
CA LYS A 59 4.10 -13.29 3.17
C LYS A 59 5.04 -12.37 3.94
N ALA A 60 5.59 -11.38 3.25
CA ALA A 60 6.46 -10.39 3.86
C ALA A 60 5.64 -9.22 4.42
N LEU A 61 4.50 -9.54 5.02
CA LEU A 61 3.54 -8.54 5.47
C LEU A 61 3.97 -7.84 6.75
N GLU A 62 5.17 -8.14 7.17
CA GLU A 62 5.74 -7.55 8.37
C GLU A 62 7.03 -6.84 8.05
N HIS A 63 6.95 -6.05 7.00
CA HIS A 63 8.02 -5.16 6.52
C HIS A 63 9.11 -5.93 5.80
N HIS A 64 9.78 -6.84 6.51
CA HIS A 64 10.84 -7.63 5.90
C HIS A 64 10.42 -9.08 5.76
N HIS A 65 10.61 -9.87 6.81
CA HIS A 65 10.20 -11.27 6.78
C HIS A 65 9.81 -11.78 8.16
N HIS A 66 10.79 -11.91 9.06
CA HIS A 66 10.55 -12.56 10.34
C HIS A 66 9.92 -11.62 11.35
N HIS A 67 10.22 -10.32 11.25
CA HIS A 67 9.77 -9.32 12.23
C HIS A 67 10.43 -9.59 13.59
N HIS A 68 11.25 -8.63 14.03
CA HIS A 68 12.02 -8.74 15.27
C HIS A 68 13.17 -9.72 15.08
N MET A 1 0.97 15.98 15.81
CA MET A 1 1.36 14.67 16.40
C MET A 1 0.54 13.54 15.80
N GLU A 2 -0.49 13.88 15.04
CA GLU A 2 -1.38 12.89 14.46
C GLU A 2 -0.99 12.58 13.01
N LYS A 3 -0.09 11.63 12.84
CA LYS A 3 0.32 11.20 11.52
C LYS A 3 -0.59 10.07 11.06
N LYS A 4 -0.96 9.24 12.02
CA LYS A 4 -1.81 8.08 11.76
C LYS A 4 -3.25 8.51 11.53
N PHE A 5 -3.53 9.76 11.83
CA PHE A 5 -4.86 10.32 11.69
C PHE A 5 -5.22 10.47 10.22
N LEU A 6 -4.22 10.85 9.42
CA LEU A 6 -4.40 11.00 7.99
C LEU A 6 -3.88 9.75 7.27
N ASP A 7 -3.46 8.78 8.05
CA ASP A 7 -2.86 7.55 7.52
C ASP A 7 -3.93 6.47 7.40
N ILE A 8 -5.18 6.85 7.68
CA ILE A 8 -6.31 5.93 7.61
C ILE A 8 -6.79 5.77 6.17
N LEU A 9 -5.84 5.66 5.25
CA LEU A 9 -6.16 5.53 3.84
C LEU A 9 -6.85 4.20 3.57
N VAL A 10 -7.79 4.21 2.62
CA VAL A 10 -8.53 3.02 2.27
C VAL A 10 -8.63 2.87 0.76
N CYS A 11 -8.84 1.64 0.30
CA CYS A 11 -8.98 1.38 -1.13
C CYS A 11 -10.39 1.74 -1.58
N PRO A 12 -10.55 2.28 -2.79
CA PRO A 12 -11.86 2.59 -3.37
C PRO A 12 -12.57 1.33 -3.86
N VAL A 13 -11.87 0.19 -3.77
CA VAL A 13 -12.39 -1.08 -4.26
C VAL A 13 -13.20 -1.80 -3.18
N THR A 14 -12.72 -1.79 -1.95
CA THR A 14 -13.38 -2.53 -0.87
C THR A 14 -13.18 -1.83 0.48
N LYS A 15 -12.71 -0.58 0.44
CA LYS A 15 -12.49 0.23 1.65
C LYS A 15 -11.48 -0.41 2.60
N GLY A 16 -10.62 -1.27 2.06
CA GLY A 16 -9.56 -1.86 2.87
C GLY A 16 -8.45 -0.87 3.12
N ARG A 17 -7.83 -0.95 4.30
CA ARG A 17 -6.82 -0.01 4.71
C ARG A 17 -5.59 -0.05 3.81
N LEU A 18 -4.99 1.10 3.60
CA LEU A 18 -3.79 1.23 2.79
C LEU A 18 -2.66 1.89 3.58
N GLU A 19 -1.54 1.19 3.67
CA GLU A 19 -0.37 1.74 4.32
C GLU A 19 0.83 1.66 3.37
N TYR A 20 1.37 2.82 3.01
CA TYR A 20 2.44 2.88 2.03
C TYR A 20 3.78 2.52 2.66
N HIS A 21 4.56 1.75 1.94
CA HIS A 21 5.88 1.35 2.40
C HIS A 21 6.93 2.36 1.95
N GLN A 22 7.43 3.14 2.88
CA GLN A 22 8.44 4.14 2.56
C GLN A 22 9.76 3.46 2.26
N ASP A 23 10.12 3.49 0.98
CA ASP A 23 11.24 2.71 0.44
C ASP A 23 11.25 2.93 -1.06
N LYS A 24 10.19 2.43 -1.69
CA LYS A 24 9.90 2.71 -3.08
C LYS A 24 8.63 3.54 -3.17
N GLN A 25 8.00 3.70 -2.01
CA GLN A 25 6.72 4.39 -1.88
C GLN A 25 5.64 3.70 -2.69
N GLU A 26 5.30 2.50 -2.27
CA GLU A 26 4.22 1.75 -2.88
C GLU A 26 3.12 1.50 -1.85
N LEU A 27 1.87 1.57 -2.28
CA LEU A 27 0.75 1.28 -1.39
C LEU A 27 0.50 -0.21 -1.35
N TRP A 28 0.62 -0.80 -0.18
CA TRP A 28 0.51 -2.25 -0.06
C TRP A 28 -0.93 -2.64 0.24
N SER A 29 -1.62 -3.14 -0.78
CA SER A 29 -2.98 -3.58 -0.64
C SER A 29 -3.01 -5.09 -0.50
N ARG A 30 -2.73 -5.57 0.71
CA ARG A 30 -2.65 -7.01 0.95
C ARG A 30 -4.01 -7.66 0.72
N GLN A 31 -5.06 -6.96 1.11
CA GLN A 31 -6.41 -7.43 0.98
C GLN A 31 -6.80 -7.58 -0.51
N ALA A 32 -6.13 -6.81 -1.37
CA ALA A 32 -6.41 -6.86 -2.79
C ALA A 32 -5.30 -7.59 -3.54
N LYS A 33 -4.27 -7.97 -2.80
CA LYS A 33 -3.09 -8.64 -3.34
C LYS A 33 -2.36 -7.75 -4.36
N LEU A 34 -2.53 -6.44 -4.22
CA LEU A 34 -1.98 -5.49 -5.17
C LEU A 34 -1.16 -4.41 -4.47
N ALA A 35 -0.54 -3.57 -5.26
CA ALA A 35 0.22 -2.44 -4.77
C ALA A 35 0.04 -1.25 -5.71
N TYR A 36 -0.29 -0.10 -5.15
CA TYR A 36 -0.49 1.09 -5.98
C TYR A 36 0.77 1.95 -5.96
N PRO A 37 1.12 2.58 -7.10
CA PRO A 37 2.30 3.43 -7.22
C PRO A 37 2.05 4.83 -6.67
N ILE A 38 2.89 5.25 -5.74
CA ILE A 38 2.82 6.60 -5.21
C ILE A 38 3.86 7.48 -5.89
N LYS A 39 3.39 8.57 -6.49
CA LYS A 39 4.27 9.50 -7.15
C LYS A 39 4.18 10.87 -6.50
N ASP A 40 5.13 11.16 -5.60
CA ASP A 40 5.24 12.46 -4.93
C ASP A 40 4.03 12.72 -4.04
N GLY A 41 3.35 11.66 -3.65
CA GLY A 41 2.17 11.81 -2.81
C GLY A 41 0.89 11.70 -3.61
N ILE A 42 1.03 11.39 -4.89
CA ILE A 42 -0.12 11.20 -5.78
C ILE A 42 -0.32 9.71 -6.07
N PRO A 43 -1.14 9.03 -5.25
CA PRO A 43 -1.42 7.60 -5.42
C PRO A 43 -2.12 7.31 -6.75
N TYR A 44 -1.48 6.53 -7.60
CA TYR A 44 -2.09 6.14 -8.87
C TYR A 44 -2.91 4.88 -8.68
N MET A 45 -4.07 5.07 -8.08
CA MET A 45 -5.00 3.97 -7.84
C MET A 45 -5.75 3.62 -9.10
N LEU A 46 -5.03 3.10 -10.09
CA LEU A 46 -5.61 2.69 -11.34
C LEU A 46 -5.63 1.17 -11.41
N GLU A 47 -6.82 0.61 -11.61
CA GLU A 47 -7.02 -0.84 -11.63
C GLU A 47 -6.03 -1.53 -12.58
N ASN A 48 -5.87 -0.95 -13.75
CA ASN A 48 -5.04 -1.55 -14.80
C ASN A 48 -3.55 -1.41 -14.52
N GLU A 49 -3.14 -0.28 -13.97
CA GLU A 49 -1.72 0.00 -13.77
C GLU A 49 -1.25 -0.41 -12.38
N ALA A 50 -2.18 -0.75 -11.50
CA ALA A 50 -1.83 -1.32 -10.21
C ALA A 50 -1.03 -2.60 -10.41
N ARG A 51 0.03 -2.76 -9.63
CA ARG A 51 0.88 -3.92 -9.75
C ARG A 51 0.57 -4.91 -8.65
N PRO A 52 0.65 -6.22 -8.93
CA PRO A 52 0.38 -7.26 -7.93
C PRO A 52 1.48 -7.36 -6.89
N LEU A 53 1.13 -7.82 -5.70
CA LEU A 53 2.10 -8.06 -4.66
C LEU A 53 2.65 -9.46 -4.78
N SER A 54 3.90 -9.61 -4.45
CA SER A 54 4.52 -10.92 -4.50
C SER A 54 4.24 -11.70 -3.23
N GLU A 55 4.53 -12.99 -3.26
CA GLU A 55 4.15 -13.91 -2.21
C GLU A 55 4.68 -13.52 -0.84
N GLU A 56 5.94 -13.12 -0.78
CA GLU A 56 6.55 -12.73 0.46
C GLU A 56 5.81 -11.52 1.04
N GLU A 57 5.68 -10.49 0.23
CA GLU A 57 4.91 -9.31 0.57
C GLU A 57 3.50 -9.66 1.04
N LEU A 58 2.81 -10.48 0.26
CA LEU A 58 1.49 -10.99 0.63
C LEU A 58 1.50 -11.63 2.01
N LYS A 59 2.49 -12.47 2.27
CA LYS A 59 2.61 -13.17 3.53
C LYS A 59 2.99 -12.21 4.67
N ALA A 60 3.74 -11.19 4.33
CA ALA A 60 4.30 -10.27 5.31
C ALA A 60 3.39 -9.07 5.52
N LEU A 61 2.10 -9.34 5.74
CA LEU A 61 1.15 -8.27 6.05
C LEU A 61 1.34 -7.79 7.47
N GLU A 62 2.20 -8.48 8.17
CA GLU A 62 2.54 -8.17 9.55
C GLU A 62 4.04 -8.03 9.67
N HIS A 63 4.49 -7.10 10.51
CA HIS A 63 5.92 -6.87 10.72
C HIS A 63 6.60 -6.50 9.41
N HIS A 64 6.32 -5.31 8.92
CA HIS A 64 6.83 -4.86 7.64
C HIS A 64 8.26 -4.36 7.79
N HIS A 65 9.22 -5.19 7.39
CA HIS A 65 10.63 -4.84 7.51
C HIS A 65 10.94 -3.54 6.76
N HIS A 66 11.61 -2.62 7.45
CA HIS A 66 12.00 -1.36 6.84
C HIS A 66 13.37 -1.51 6.18
N HIS A 67 13.57 -0.78 5.09
CA HIS A 67 14.74 -0.95 4.25
C HIS A 67 15.99 -0.52 4.99
N HIS A 68 15.96 0.69 5.54
CA HIS A 68 17.11 1.23 6.23
C HIS A 68 16.68 1.87 7.54
N MET A 1 4.43 7.86 13.07
CA MET A 1 4.05 8.68 14.25
C MET A 1 2.56 9.05 14.14
N GLU A 2 2.10 9.96 15.00
CA GLU A 2 0.70 10.36 14.98
C GLU A 2 0.38 11.19 13.73
N LYS A 3 0.11 10.50 12.65
CA LYS A 3 -0.34 11.13 11.41
C LYS A 3 -1.57 10.41 10.89
N LYS A 4 -2.13 9.57 11.74
CA LYS A 4 -3.24 8.70 11.35
C LYS A 4 -4.56 9.45 11.31
N PHE A 5 -4.53 10.58 10.61
CA PHE A 5 -5.73 11.36 10.36
C PHE A 5 -5.94 11.46 8.86
N LEU A 6 -4.90 11.94 8.17
CA LEU A 6 -4.89 11.93 6.72
C LEU A 6 -4.29 10.61 6.22
N ASP A 7 -3.51 9.96 7.07
CA ASP A 7 -2.93 8.66 6.77
C ASP A 7 -3.85 7.56 7.28
N ILE A 8 -5.09 7.63 6.83
CA ILE A 8 -6.05 6.56 7.05
C ILE A 8 -6.34 5.90 5.70
N LEU A 9 -5.38 6.05 4.81
CA LEU A 9 -5.51 5.63 3.42
C LEU A 9 -6.00 4.20 3.29
N VAL A 10 -7.12 4.06 2.59
CA VAL A 10 -7.70 2.76 2.27
C VAL A 10 -8.08 2.74 0.80
N CYS A 11 -7.98 1.57 0.18
CA CYS A 11 -8.32 1.45 -1.22
C CYS A 11 -9.83 1.31 -1.39
N PRO A 12 -10.42 1.91 -2.44
CA PRO A 12 -11.86 1.85 -2.66
C PRO A 12 -12.34 0.47 -3.12
N VAL A 13 -11.39 -0.43 -3.34
CA VAL A 13 -11.71 -1.78 -3.79
C VAL A 13 -12.29 -2.61 -2.64
N THR A 14 -11.56 -2.67 -1.53
CA THR A 14 -12.00 -3.47 -0.39
C THR A 14 -12.04 -2.62 0.88
N LYS A 15 -11.73 -1.33 0.73
CA LYS A 15 -11.65 -0.39 1.84
C LYS A 15 -10.65 -0.90 2.88
N GLY A 16 -9.53 -1.41 2.38
CA GLY A 16 -8.48 -1.91 3.23
C GLY A 16 -7.30 -0.97 3.26
N ARG A 17 -6.47 -1.06 4.29
CA ARG A 17 -5.38 -0.14 4.50
C ARG A 17 -4.29 -0.30 3.46
N LEU A 18 -3.53 0.78 3.29
CA LEU A 18 -2.44 0.82 2.32
C LEU A 18 -1.16 1.25 3.01
N GLU A 19 -0.07 0.56 2.74
CA GLU A 19 1.22 0.97 3.24
C GLU A 19 1.83 1.97 2.26
N TYR A 20 2.45 3.01 2.80
CA TYR A 20 2.87 4.13 1.97
C TYR A 20 4.21 3.87 1.31
N HIS A 21 4.40 4.50 0.16
CA HIS A 21 5.58 4.28 -0.65
C HIS A 21 6.82 4.99 -0.11
N GLN A 22 7.98 4.42 -0.36
CA GLN A 22 9.23 5.10 -0.16
C GLN A 22 10.05 5.09 -1.45
N ASP A 23 10.52 3.91 -1.85
CA ASP A 23 11.33 3.80 -3.06
C ASP A 23 10.53 3.25 -4.23
N LYS A 24 9.51 2.45 -3.93
CA LYS A 24 8.70 1.82 -4.98
C LYS A 24 7.75 2.82 -5.63
N GLN A 25 7.44 3.89 -4.90
CA GLN A 25 6.39 4.83 -5.30
C GLN A 25 5.04 4.13 -5.47
N GLU A 26 4.89 2.99 -4.80
CA GLU A 26 3.66 2.22 -4.86
C GLU A 26 2.95 2.23 -3.51
N LEU A 27 1.62 2.20 -3.54
CA LEU A 27 0.84 1.98 -2.33
C LEU A 27 0.60 0.49 -2.18
N TRP A 28 1.16 -0.10 -1.14
CA TRP A 28 1.12 -1.54 -0.98
C TRP A 28 -0.06 -1.96 -0.12
N SER A 29 -0.96 -2.74 -0.70
CA SER A 29 -2.12 -3.23 0.02
C SER A 29 -1.96 -4.71 0.32
N ARG A 30 -1.73 -5.03 1.59
CA ARG A 30 -1.56 -6.41 2.01
C ARG A 30 -2.88 -7.16 1.91
N GLN A 31 -3.97 -6.42 2.07
CA GLN A 31 -5.31 -6.99 2.05
C GLN A 31 -5.78 -7.31 0.63
N ALA A 32 -5.39 -6.47 -0.32
CA ALA A 32 -5.81 -6.67 -1.70
C ALA A 32 -4.75 -7.41 -2.48
N LYS A 33 -3.59 -7.57 -1.84
CA LYS A 33 -2.43 -8.24 -2.44
C LYS A 33 -1.95 -7.50 -3.68
N LEU A 34 -2.23 -6.20 -3.72
CA LEU A 34 -1.89 -5.38 -4.87
C LEU A 34 -1.08 -4.16 -4.46
N ALA A 35 -0.64 -3.43 -5.45
CA ALA A 35 0.11 -2.20 -5.27
C ALA A 35 -0.42 -1.13 -6.22
N TYR A 36 -0.70 0.05 -5.68
CA TYR A 36 -1.32 1.10 -6.46
C TYR A 36 -0.29 2.16 -6.87
N PRO A 37 -0.44 2.73 -8.08
CA PRO A 37 0.52 3.68 -8.65
C PRO A 37 0.38 5.09 -8.08
N ILE A 38 1.50 5.66 -7.67
CA ILE A 38 1.53 7.03 -7.16
C ILE A 38 2.48 7.88 -8.01
N LYS A 39 2.01 9.05 -8.43
CA LYS A 39 2.85 9.96 -9.19
C LYS A 39 2.84 11.34 -8.55
N ASP A 40 3.95 11.69 -7.90
CA ASP A 40 4.12 13.01 -7.28
C ASP A 40 3.02 13.25 -6.23
N GLY A 41 2.68 12.20 -5.49
CA GLY A 41 1.68 12.32 -4.44
C GLY A 41 0.26 12.28 -4.96
N ILE A 42 0.12 11.97 -6.23
CA ILE A 42 -1.19 11.88 -6.88
C ILE A 42 -1.51 10.43 -7.25
N PRO A 43 -2.16 9.70 -6.34
CA PRO A 43 -2.51 8.29 -6.56
C PRO A 43 -3.37 8.07 -7.80
N TYR A 44 -2.86 7.30 -8.74
CA TYR A 44 -3.65 6.86 -9.89
C TYR A 44 -4.06 5.42 -9.66
N MET A 45 -4.68 5.21 -8.52
CA MET A 45 -4.99 3.88 -8.03
C MET A 45 -6.27 3.32 -8.62
N LEU A 46 -6.25 3.05 -9.91
CA LEU A 46 -7.37 2.41 -10.56
C LEU A 46 -7.18 0.92 -10.58
N GLU A 47 -8.27 0.19 -10.69
CA GLU A 47 -8.27 -1.27 -10.57
C GLU A 47 -7.33 -1.92 -11.58
N ASN A 48 -7.44 -1.53 -12.85
CA ASN A 48 -6.61 -2.12 -13.91
C ASN A 48 -5.26 -1.39 -14.02
N GLU A 49 -5.10 -0.30 -13.28
CA GLU A 49 -3.84 0.43 -13.25
C GLU A 49 -2.89 -0.16 -12.22
N ALA A 50 -3.47 -0.68 -11.14
CA ALA A 50 -2.69 -1.29 -10.07
C ALA A 50 -2.02 -2.58 -10.52
N ARG A 51 -0.90 -2.91 -9.89
CA ARG A 51 -0.18 -4.12 -10.19
C ARG A 51 -0.16 -5.02 -8.96
N PRO A 52 0.04 -6.34 -9.13
CA PRO A 52 0.07 -7.28 -8.01
C PRO A 52 1.40 -7.26 -7.25
N LEU A 53 1.36 -7.73 -6.01
CA LEU A 53 2.56 -7.85 -5.19
C LEU A 53 3.05 -9.28 -5.19
N SER A 54 4.29 -9.46 -4.81
CA SER A 54 4.84 -10.79 -4.65
C SER A 54 4.75 -11.22 -3.19
N GLU A 55 5.04 -12.48 -2.94
CA GLU A 55 4.93 -13.06 -1.62
C GLU A 55 5.85 -12.38 -0.62
N GLU A 56 7.09 -12.13 -1.02
CA GLU A 56 8.05 -11.43 -0.19
C GLU A 56 7.49 -10.08 0.25
N GLU A 57 6.98 -9.32 -0.72
CA GLU A 57 6.38 -8.03 -0.46
C GLU A 57 5.18 -8.16 0.47
N LEU A 58 4.27 -9.07 0.12
CA LEU A 58 3.13 -9.40 0.96
C LEU A 58 3.54 -9.72 2.40
N LYS A 59 4.57 -10.55 2.55
CA LYS A 59 5.07 -10.94 3.86
C LYS A 59 5.72 -9.74 4.55
N ALA A 60 6.25 -8.85 3.76
CA ALA A 60 6.93 -7.66 4.29
C ALA A 60 5.94 -6.56 4.63
N LEU A 61 4.68 -6.96 4.71
CA LEU A 61 3.61 -6.07 5.12
C LEU A 61 2.79 -6.74 6.21
N GLU A 62 3.44 -7.67 6.90
CA GLU A 62 2.80 -8.46 7.95
C GLU A 62 2.37 -7.59 9.13
N HIS A 63 1.39 -8.08 9.89
CA HIS A 63 0.80 -7.33 10.99
C HIS A 63 1.79 -7.18 12.16
N HIS A 64 2.79 -8.04 12.20
CA HIS A 64 3.78 -7.99 13.27
C HIS A 64 5.18 -7.95 12.67
N HIS A 65 5.77 -6.77 12.61
CA HIS A 65 7.08 -6.61 12.02
C HIS A 65 8.16 -6.54 13.08
N HIS A 66 9.30 -7.16 12.78
CA HIS A 66 10.48 -7.05 13.60
C HIS A 66 11.72 -7.26 12.72
N HIS A 67 12.60 -6.28 12.72
CA HIS A 67 13.77 -6.31 11.86
C HIS A 67 14.84 -7.25 12.41
N HIS A 68 15.88 -7.46 11.63
CA HIS A 68 16.98 -8.33 12.02
C HIS A 68 18.29 -7.54 11.97
N MET A 1 7.32 13.67 12.52
CA MET A 1 5.90 14.07 12.55
C MET A 1 5.07 12.88 13.01
N GLU A 2 4.58 12.95 14.24
CA GLU A 2 3.98 11.80 14.88
C GLU A 2 2.47 11.83 14.74
N LYS A 3 1.98 11.44 13.57
CA LYS A 3 0.56 11.35 13.33
C LYS A 3 0.28 10.50 12.09
N LYS A 4 -0.43 9.40 12.29
CA LYS A 4 -0.74 8.49 11.21
C LYS A 4 -2.15 8.78 10.66
N PHE A 5 -2.71 9.91 11.08
CA PHE A 5 -4.07 10.30 10.68
C PHE A 5 -4.13 10.64 9.19
N LEU A 6 -2.98 10.88 8.60
CA LEU A 6 -2.88 11.10 7.17
C LEU A 6 -3.07 9.78 6.45
N ASP A 7 -2.32 8.82 6.95
CA ASP A 7 -2.25 7.46 6.41
C ASP A 7 -3.45 6.62 6.86
N ILE A 8 -4.64 7.20 6.78
CA ILE A 8 -5.86 6.46 7.12
C ILE A 8 -6.67 6.15 5.86
N LEU A 9 -6.05 6.30 4.70
CA LEU A 9 -6.72 6.07 3.44
C LEU A 9 -6.95 4.57 3.21
N VAL A 10 -8.17 4.22 2.82
CA VAL A 10 -8.52 2.83 2.55
C VAL A 10 -9.01 2.67 1.11
N CYS A 11 -8.91 1.47 0.59
CA CYS A 11 -9.36 1.19 -0.77
C CYS A 11 -10.74 0.54 -0.77
N PRO A 12 -11.59 0.85 -1.76
CA PRO A 12 -12.97 0.36 -1.84
C PRO A 12 -13.06 -1.17 -1.95
N VAL A 13 -11.94 -1.80 -2.30
CA VAL A 13 -11.88 -3.24 -2.47
C VAL A 13 -12.49 -3.97 -1.27
N THR A 14 -12.09 -3.56 -0.08
CA THR A 14 -12.63 -4.13 1.15
C THR A 14 -12.46 -3.16 2.31
N LYS A 15 -12.23 -1.89 1.97
CA LYS A 15 -12.00 -0.84 2.98
C LYS A 15 -10.83 -1.24 3.87
N GLY A 16 -9.76 -1.70 3.24
CA GLY A 16 -8.64 -2.23 3.99
C GLY A 16 -7.49 -1.26 4.10
N ARG A 17 -6.55 -1.58 4.98
CA ARG A 17 -5.38 -0.77 5.23
C ARG A 17 -4.43 -0.71 4.03
N LEU A 18 -3.62 0.33 4.01
CA LEU A 18 -2.61 0.53 2.97
C LEU A 18 -1.27 0.81 3.61
N GLU A 19 -0.27 0.00 3.28
CA GLU A 19 1.05 0.21 3.82
C GLU A 19 1.80 1.22 2.96
N TYR A 20 2.18 2.33 3.58
CA TYR A 20 2.83 3.43 2.88
C TYR A 20 4.29 3.11 2.61
N HIS A 21 4.55 2.56 1.44
CA HIS A 21 5.90 2.20 1.03
C HIS A 21 6.56 3.37 0.32
N GLN A 22 7.55 3.97 0.99
CA GLN A 22 8.27 5.10 0.44
C GLN A 22 9.26 4.65 -0.63
N ASP A 23 10.22 5.51 -0.95
CA ASP A 23 11.27 5.22 -1.95
C ASP A 23 10.72 5.33 -3.37
N LYS A 24 9.63 4.62 -3.66
CA LYS A 24 9.03 4.66 -4.97
C LYS A 24 7.57 5.10 -4.89
N GLN A 25 7.15 5.52 -3.69
CA GLN A 25 5.77 5.94 -3.44
C GLN A 25 4.77 4.89 -3.91
N GLU A 26 4.76 3.76 -3.23
CA GLU A 26 3.87 2.68 -3.56
C GLU A 26 2.94 2.36 -2.40
N LEU A 27 1.66 2.21 -2.69
CA LEU A 27 0.70 1.80 -1.66
C LEU A 27 0.53 0.29 -1.71
N TRP A 28 1.03 -0.38 -0.69
CA TRP A 28 0.96 -1.83 -0.64
C TRP A 28 -0.26 -2.27 0.15
N SER A 29 -1.19 -2.91 -0.55
CA SER A 29 -2.44 -3.29 0.07
C SER A 29 -2.46 -4.78 0.40
N ARG A 30 -2.27 -5.09 1.67
CA ARG A 30 -2.38 -6.47 2.15
C ARG A 30 -3.80 -6.96 1.88
N GLN A 31 -4.76 -6.07 2.11
CA GLN A 31 -6.16 -6.40 2.04
C GLN A 31 -6.66 -6.54 0.59
N ALA A 32 -5.85 -6.12 -0.37
CA ALA A 32 -6.25 -6.19 -1.77
C ALA A 32 -5.29 -7.04 -2.58
N LYS A 33 -4.15 -7.39 -1.95
CA LYS A 33 -3.11 -8.20 -2.59
C LYS A 33 -2.52 -7.46 -3.78
N LEU A 34 -2.58 -6.14 -3.75
CA LEU A 34 -2.08 -5.33 -4.84
C LEU A 34 -1.18 -4.21 -4.33
N ALA A 35 -0.59 -3.49 -5.27
CA ALA A 35 0.27 -2.36 -4.96
C ALA A 35 -0.04 -1.24 -5.93
N TYR A 36 -0.53 -0.12 -5.41
CA TYR A 36 -0.97 0.97 -6.25
C TYR A 36 0.15 1.97 -6.46
N PRO A 37 0.22 2.57 -7.67
CA PRO A 37 1.23 3.56 -8.02
C PRO A 37 0.87 4.96 -7.58
N ILE A 38 1.75 5.59 -6.81
CA ILE A 38 1.55 6.96 -6.38
C ILE A 38 2.65 7.84 -6.97
N LYS A 39 2.26 8.91 -7.64
CA LYS A 39 3.23 9.80 -8.25
C LYS A 39 3.47 11.01 -7.38
N ASP A 40 4.13 10.77 -6.25
CA ASP A 40 4.44 11.82 -5.27
C ASP A 40 3.16 12.56 -4.84
N GLY A 41 2.20 11.79 -4.34
CA GLY A 41 0.98 12.39 -3.83
C GLY A 41 -0.14 12.37 -4.85
N ILE A 42 0.12 11.71 -5.96
CA ILE A 42 -0.86 11.57 -7.03
C ILE A 42 -1.30 10.11 -7.16
N PRO A 43 -2.34 9.73 -6.40
CA PRO A 43 -2.83 8.35 -6.38
C PRO A 43 -3.66 7.99 -7.61
N TYR A 44 -3.34 6.85 -8.22
CA TYR A 44 -4.11 6.35 -9.36
C TYR A 44 -4.33 4.85 -9.22
N MET A 45 -5.45 4.49 -8.64
CA MET A 45 -5.82 3.10 -8.44
C MET A 45 -6.44 2.51 -9.70
N LEU A 46 -5.62 2.31 -10.70
CA LEU A 46 -6.04 1.68 -11.94
C LEU A 46 -5.51 0.26 -12.01
N GLU A 47 -6.37 -0.69 -12.31
CA GLU A 47 -6.02 -2.11 -12.29
C GLU A 47 -4.88 -2.44 -13.26
N ASN A 48 -4.86 -1.76 -14.39
CA ASN A 48 -3.84 -2.00 -15.41
C ASN A 48 -2.48 -1.40 -15.02
N GLU A 49 -2.50 -0.37 -14.19
CA GLU A 49 -1.27 0.28 -13.77
C GLU A 49 -0.79 -0.23 -12.42
N ALA A 50 -1.72 -0.74 -11.62
CA ALA A 50 -1.37 -1.31 -10.32
C ALA A 50 -0.70 -2.68 -10.50
N ARG A 51 0.12 -3.05 -9.53
CA ARG A 51 0.83 -4.31 -9.59
C ARG A 51 0.29 -5.26 -8.52
N PRO A 52 0.37 -6.58 -8.76
CA PRO A 52 -0.02 -7.58 -7.77
C PRO A 52 1.09 -7.83 -6.74
N LEU A 53 0.72 -8.16 -5.51
CA LEU A 53 1.68 -8.44 -4.47
C LEU A 53 1.99 -9.93 -4.43
N SER A 54 3.22 -10.23 -4.12
CA SER A 54 3.64 -11.60 -3.99
C SER A 54 3.55 -12.04 -2.53
N GLU A 55 3.82 -13.31 -2.28
CA GLU A 55 3.67 -13.90 -0.97
C GLU A 55 4.63 -13.28 0.04
N GLU A 56 5.88 -13.07 -0.36
CA GLU A 56 6.86 -12.44 0.48
C GLU A 56 6.39 -11.05 0.90
N GLU A 57 5.97 -10.28 -0.08
CA GLU A 57 5.43 -8.96 0.15
C GLU A 57 4.23 -9.02 1.10
N LEU A 58 3.24 -9.82 0.72
CA LEU A 58 2.06 -10.07 1.56
C LEU A 58 2.45 -10.49 2.97
N LYS A 59 3.40 -11.40 3.07
CA LYS A 59 3.83 -11.97 4.34
C LYS A 59 4.48 -10.92 5.23
N ALA A 60 4.98 -9.87 4.63
CA ALA A 60 5.60 -8.79 5.38
C ALA A 60 4.64 -7.63 5.59
N LEU A 61 3.37 -7.88 5.32
CA LEU A 61 2.35 -6.85 5.46
C LEU A 61 1.23 -7.29 6.39
N GLU A 62 1.40 -8.46 6.95
CA GLU A 62 0.45 -8.99 7.92
C GLU A 62 0.98 -8.79 9.33
N HIS A 63 2.28 -8.56 9.40
CA HIS A 63 2.97 -8.24 10.64
C HIS A 63 4.38 -7.81 10.30
N HIS A 64 4.83 -6.69 10.85
CA HIS A 64 6.15 -6.19 10.54
C HIS A 64 7.23 -7.01 11.26
N HIS A 65 7.96 -7.80 10.50
CA HIS A 65 9.01 -8.64 11.05
C HIS A 65 10.33 -8.38 10.34
N HIS A 66 10.69 -7.09 10.25
CA HIS A 66 11.96 -6.67 9.66
C HIS A 66 12.04 -5.14 9.67
N HIS A 67 13.02 -4.61 10.38
CA HIS A 67 13.18 -3.17 10.48
C HIS A 67 14.42 -2.71 9.71
N HIS A 68 14.68 -1.42 9.74
CA HIS A 68 15.88 -0.87 9.15
C HIS A 68 16.84 -0.46 10.24
N MET A 1 -7.08 19.87 11.26
CA MET A 1 -6.55 20.08 12.62
C MET A 1 -6.08 18.77 13.24
N GLU A 2 -6.66 17.67 12.78
CA GLU A 2 -6.37 16.36 13.33
C GLU A 2 -5.13 15.77 12.68
N LYS A 3 -4.57 14.77 13.32
CA LYS A 3 -3.41 14.08 12.81
C LYS A 3 -3.77 12.64 12.52
N LYS A 4 -3.01 12.01 11.64
CA LYS A 4 -3.29 10.67 11.16
C LYS A 4 -4.57 10.66 10.32
N PHE A 5 -4.91 11.82 9.77
CA PHE A 5 -6.03 11.95 8.85
C PHE A 5 -5.61 11.47 7.47
N LEU A 6 -4.33 11.66 7.17
CA LEU A 6 -3.75 11.19 5.92
C LEU A 6 -3.16 9.80 6.11
N ASP A 7 -3.36 9.27 7.30
CA ASP A 7 -2.85 7.94 7.65
C ASP A 7 -3.93 6.88 7.49
N ILE A 8 -5.18 7.33 7.37
CA ILE A 8 -6.32 6.42 7.25
C ILE A 8 -6.62 6.12 5.78
N LEU A 9 -5.60 6.23 4.93
CA LEU A 9 -5.77 5.95 3.51
C LEU A 9 -6.06 4.47 3.30
N VAL A 10 -7.22 4.20 2.73
CA VAL A 10 -7.65 2.83 2.49
C VAL A 10 -8.19 2.69 1.07
N CYS A 11 -8.19 1.47 0.57
CA CYS A 11 -8.74 1.19 -0.75
C CYS A 11 -10.26 1.11 -0.68
N PRO A 12 -10.95 1.61 -1.73
CA PRO A 12 -12.42 1.71 -1.73
C PRO A 12 -13.11 0.35 -1.77
N VAL A 13 -12.39 -0.68 -2.18
CA VAL A 13 -12.96 -2.01 -2.35
C VAL A 13 -13.16 -2.71 -1.00
N THR A 14 -12.05 -2.96 -0.30
CA THR A 14 -12.12 -3.76 0.92
C THR A 14 -11.83 -2.92 2.17
N LYS A 15 -11.67 -1.61 1.99
CA LYS A 15 -11.38 -0.70 3.10
C LYS A 15 -10.06 -1.06 3.77
N GLY A 16 -9.14 -1.59 3.00
CA GLY A 16 -7.85 -1.97 3.54
C GLY A 16 -6.85 -0.84 3.45
N ARG A 17 -6.07 -0.68 4.51
CA ARG A 17 -5.13 0.38 4.65
C ARG A 17 -4.02 0.29 3.61
N LEU A 18 -3.57 1.43 3.16
CA LEU A 18 -2.51 1.53 2.17
C LEU A 18 -1.22 1.96 2.83
N GLU A 19 -0.22 1.09 2.80
CA GLU A 19 1.05 1.36 3.46
C GLU A 19 2.09 1.79 2.43
N TYR A 20 2.79 2.86 2.74
CA TYR A 20 3.74 3.46 1.80
C TYR A 20 5.16 2.95 2.07
N HIS A 21 5.83 2.53 1.01
CA HIS A 21 7.25 2.20 1.09
C HIS A 21 8.01 3.07 0.11
N GLN A 22 9.09 3.67 0.58
CA GLN A 22 9.79 4.71 -0.18
C GLN A 22 10.75 4.11 -1.22
N ASP A 23 10.50 2.89 -1.65
CA ASP A 23 11.35 2.26 -2.66
C ASP A 23 10.79 2.51 -4.06
N LYS A 24 9.47 2.46 -4.19
CA LYS A 24 8.81 2.71 -5.47
C LYS A 24 7.80 3.84 -5.37
N GLN A 25 7.77 4.51 -4.22
CA GLN A 25 6.81 5.60 -3.96
C GLN A 25 5.36 5.13 -4.09
N GLU A 26 5.12 3.83 -3.97
CA GLU A 26 3.79 3.28 -4.19
C GLU A 26 3.14 2.87 -2.87
N LEU A 27 1.82 2.72 -2.91
CA LEU A 27 1.07 2.28 -1.73
C LEU A 27 0.74 0.79 -1.86
N TRP A 28 1.29 0.00 -0.95
CA TRP A 28 1.09 -1.44 -0.97
C TRP A 28 0.13 -1.84 0.15
N SER A 29 -0.76 -2.77 -0.13
CA SER A 29 -1.74 -3.19 0.85
C SER A 29 -1.90 -4.71 0.84
N ARG A 30 -1.71 -5.32 2.00
CA ARG A 30 -1.93 -6.76 2.16
C ARG A 30 -3.43 -7.03 2.24
N GLN A 31 -4.17 -6.01 2.65
CA GLN A 31 -5.61 -6.12 2.81
C GLN A 31 -6.30 -6.29 1.46
N ALA A 32 -5.76 -5.64 0.43
CA ALA A 32 -6.31 -5.76 -0.90
C ALA A 32 -5.50 -6.73 -1.74
N LYS A 33 -4.30 -7.04 -1.24
CA LYS A 33 -3.34 -7.89 -1.96
C LYS A 33 -2.95 -7.23 -3.27
N LEU A 34 -3.07 -5.91 -3.30
CA LEU A 34 -2.74 -5.11 -4.47
C LEU A 34 -1.90 -3.90 -4.06
N ALA A 35 -1.50 -3.12 -5.03
CA ALA A 35 -0.77 -1.89 -4.80
C ALA A 35 -1.28 -0.81 -5.72
N TYR A 36 -1.04 0.44 -5.37
CA TYR A 36 -1.51 1.55 -6.19
C TYR A 36 -0.35 2.49 -6.50
N PRO A 37 -0.33 3.05 -7.72
CA PRO A 37 0.74 3.95 -8.17
C PRO A 37 0.61 5.35 -7.60
N ILE A 38 1.61 5.76 -6.84
CA ILE A 38 1.66 7.11 -6.30
C ILE A 38 2.87 7.84 -6.86
N LYS A 39 2.64 8.99 -7.47
CA LYS A 39 3.74 9.75 -8.01
C LYS A 39 3.89 11.08 -7.27
N ASP A 40 4.70 11.05 -6.22
CA ASP A 40 5.04 12.25 -5.43
C ASP A 40 3.80 13.00 -4.93
N GLY A 41 2.77 12.26 -4.58
CA GLY A 41 1.57 12.89 -4.04
C GLY A 41 0.43 12.91 -5.04
N ILE A 42 0.62 12.25 -6.18
CA ILE A 42 -0.41 12.16 -7.20
C ILE A 42 -0.98 10.74 -7.22
N PRO A 43 -2.03 10.49 -6.41
CA PRO A 43 -2.57 9.16 -6.20
C PRO A 43 -3.42 8.65 -7.36
N TYR A 44 -2.88 7.69 -8.09
CA TYR A 44 -3.65 7.02 -9.13
C TYR A 44 -4.18 5.70 -8.58
N MET A 45 -4.97 5.81 -7.51
CA MET A 45 -5.51 4.64 -6.84
C MET A 45 -6.76 4.13 -7.55
N LEU A 46 -6.54 3.55 -8.72
CA LEU A 46 -7.60 2.94 -9.49
C LEU A 46 -7.38 1.45 -9.59
N GLU A 47 -8.30 0.68 -9.02
CA GLU A 47 -8.18 -0.78 -8.98
C GLU A 47 -8.23 -1.36 -10.39
N ASN A 48 -9.00 -0.71 -11.24
CA ASN A 48 -9.16 -1.08 -12.65
C ASN A 48 -7.80 -1.31 -13.31
N GLU A 49 -6.81 -0.54 -12.91
CA GLU A 49 -5.46 -0.68 -13.40
C GLU A 49 -4.60 -1.31 -12.32
N ALA A 50 -4.37 -0.52 -11.27
CA ALA A 50 -3.64 -0.96 -10.07
C ALA A 50 -2.24 -1.48 -10.39
N ARG A 51 -1.57 -1.96 -9.35
CA ARG A 51 -0.27 -2.56 -9.47
C ARG A 51 -0.24 -3.89 -8.73
N PRO A 52 -0.65 -4.97 -9.40
CA PRO A 52 -0.76 -6.30 -8.80
C PRO A 52 0.61 -6.89 -8.43
N LEU A 53 0.61 -7.65 -7.35
CA LEU A 53 1.80 -8.33 -6.87
C LEU A 53 1.87 -9.73 -7.44
N SER A 54 2.88 -10.46 -7.02
CA SER A 54 3.01 -11.87 -7.35
C SER A 54 3.18 -12.68 -6.07
N GLU A 55 3.10 -13.99 -6.19
CA GLU A 55 3.17 -14.90 -5.06
C GLU A 55 4.39 -14.65 -4.20
N GLU A 56 5.55 -14.69 -4.82
CA GLU A 56 6.80 -14.50 -4.13
C GLU A 56 6.80 -13.18 -3.36
N GLU A 57 6.35 -12.12 -4.02
CA GLU A 57 6.19 -10.82 -3.40
C GLU A 57 5.24 -10.89 -2.20
N LEU A 58 4.08 -11.49 -2.44
CA LEU A 58 3.08 -11.71 -1.38
C LEU A 58 3.68 -12.46 -0.20
N LYS A 59 4.43 -13.50 -0.52
CA LYS A 59 5.06 -14.34 0.47
C LYS A 59 6.16 -13.59 1.20
N ALA A 60 6.78 -12.67 0.49
CA ALA A 60 7.88 -11.88 1.02
C ALA A 60 7.40 -10.52 1.52
N LEU A 61 6.15 -10.45 1.95
CA LEU A 61 5.62 -9.23 2.55
C LEU A 61 6.03 -9.16 4.01
N GLU A 62 6.77 -10.17 4.40
CA GLU A 62 7.34 -10.25 5.73
C GLU A 62 8.83 -9.99 5.65
N HIS A 63 9.34 -9.20 6.57
CA HIS A 63 10.76 -8.83 6.55
C HIS A 63 11.49 -9.49 7.70
N HIS A 64 12.66 -10.08 7.42
CA HIS A 64 13.43 -10.76 8.45
C HIS A 64 13.98 -9.77 9.46
N HIS A 65 13.24 -9.61 10.54
CA HIS A 65 13.64 -8.76 11.65
C HIS A 65 12.74 -9.05 12.84
N HIS A 66 13.32 -9.54 13.93
CA HIS A 66 12.55 -9.92 15.10
C HIS A 66 12.10 -8.68 15.85
N HIS A 67 13.03 -8.10 16.60
CA HIS A 67 12.78 -6.86 17.32
C HIS A 67 14.09 -6.10 17.43
N HIS A 68 15.13 -6.85 17.74
CA HIS A 68 16.50 -6.37 17.67
C HIS A 68 17.30 -7.31 16.78
#